data_3P5R
#
_entry.id   3P5R
#
_cell.length_a   54.050
_cell.length_b   201.980
_cell.length_c   81.431
_cell.angle_alpha   90.00
_cell.angle_beta   91.60
_cell.angle_gamma   90.00
#
_symmetry.space_group_name_H-M   'P 1 21 1'
#
loop_
_entity.id
_entity.type
_entity.pdbx_description
1 polymer 'Taxadiene synthase'
2 non-polymer 'MAGNESIUM ION'
3 non-polymer '(2Z,6E,10E)-2-fluoro-3,7,11,15-tetramethylhexadeca-2,6,10,14-tetraen-1-yl trihydrogen diphosphate'
4 water water
#
_entity_poly.entity_id   1
_entity_poly.type   'polypeptide(L)'
_entity_poly.pdbx_seq_one_letter_code
;MESSTYQERADELVVKIKDMFNALGDGDISPSAYDTAWVARLATISSDGSEKPRFPQALNWVFNNQLQDGSWGIESHFSL
CDRLLNTTNSVIALSVWKTGHSQVQQGAEFIAENLRLLNEEDELSPDFQIIFPALLQKAKALGINLPYDLPFIKYLSTTR
EARLTDVSAAADNIPANMLNALEGLEEVIDWNKIMRFQSKDGSFLSSPASTACVLMNTGDEKCFTFLNNLLDKFGGCVPC
MYSIDLLERLSLVDNIEHLGIGRHFKQEIKGALDYVYRHWSERGIGWGRDSLVPDLNTTALGLRTLRMHGYNVSSDVLNN
FKDENGRFFSSAGQTHVELRSVVNLFRASDLAFPDERAMDDARKFAEPYLREALATKISTNTKLFKEIEYVVEYPWHMSI
PRLEARSYIDSYDDNYVWQRKTLYRMPSLSNSKCLELAKLDFNIVQSLHQEELKLLTRWWKESGMADINFTRHRVAEVYF
SSATFEPEYSATRIAFTKIGCLQVLFDDMADIFATLDELKSFTEGVKRWDTSLLHEIPECMQTCFKVWFKLMEEVNNDVV
KVQGRDMLAHIRKPWELYFNCYVQEREWLEAGYIPTFEEYLKTYAISVGLGPCTLQPILLMGELVKDDVVEKVHYPSNMF
ELVSLSWRLTNDTKTYQAEKARGQQASGIACYMKDNPGATEEDAIKHICRVVDRALKEASFEYFKPSNDIPMGCKSFIFN
LRLCVQIFYKFIDGYGIANEEIKDYIRKVYIDPIQVGSHHHHHH
;
_entity_poly.pdbx_strand_id   A,B
#
loop_
_chem_comp.id
_chem_comp.type
_chem_comp.name
_chem_comp.formula
FGG non-polymer '(2Z,6E,10E)-2-fluoro-3,7,11,15-tetramethylhexadeca-2,6,10,14-tetraen-1-yl trihydrogen diphosphate' 'C20 H35 F O7 P2'
MG non-polymer 'MAGNESIUM ION' 'Mg 2'
#
# COMPACT_ATOMS: atom_id res chain seq x y z
N THR A 5 -16.07 -14.60 25.54
CA THR A 5 -14.70 -14.28 25.92
C THR A 5 -14.22 -13.00 25.24
N TYR A 6 -13.14 -12.43 25.77
CA TYR A 6 -12.58 -11.18 25.26
C TYR A 6 -12.14 -11.28 23.80
N GLN A 7 -11.27 -12.25 23.50
CA GLN A 7 -10.68 -12.35 22.18
C GLN A 7 -11.74 -12.53 21.09
N GLU A 8 -12.79 -13.28 21.42
CA GLU A 8 -13.89 -13.51 20.47
C GLU A 8 -14.65 -12.23 20.18
N ARG A 9 -14.98 -11.49 21.23
CA ARG A 9 -15.71 -10.23 21.08
C ARG A 9 -14.87 -9.21 20.31
N ALA A 10 -13.55 -9.23 20.51
CA ALA A 10 -12.67 -8.27 19.85
C ALA A 10 -12.57 -8.59 18.36
N ASP A 11 -12.46 -9.88 18.06
CA ASP A 11 -12.44 -10.34 16.68
C ASP A 11 -13.71 -9.95 15.91
N GLU A 12 -14.88 -10.13 16.52
CA GLU A 12 -16.12 -9.71 15.86
C GLU A 12 -16.24 -8.19 15.82
N LEU A 13 -15.60 -7.52 16.77
CA LEU A 13 -15.50 -6.06 16.73
C LEU A 13 -14.64 -5.61 15.55
N VAL A 14 -13.47 -6.24 15.40
CA VAL A 14 -12.60 -5.94 14.27
C VAL A 14 -13.35 -6.13 12.95
N VAL A 15 -14.14 -7.19 12.85
CA VAL A 15 -14.88 -7.48 11.62
C VAL A 15 -15.85 -6.35 11.28
N LYS A 16 -16.62 -5.92 12.27
CA LYS A 16 -17.66 -4.92 12.07
C LYS A 16 -17.08 -3.55 11.73
N ILE A 17 -15.98 -3.19 12.40
CA ILE A 17 -15.31 -1.92 12.15
C ILE A 17 -14.65 -1.93 10.77
N LYS A 18 -14.22 -3.10 10.31
CA LYS A 18 -13.77 -3.24 8.92
C LYS A 18 -14.90 -3.01 7.92
N ASP A 19 -16.09 -3.50 8.23
CA ASP A 19 -17.26 -3.22 7.42
C ASP A 19 -17.45 -1.70 7.33
N MET A 20 -17.53 -1.06 8.49
CA MET A 20 -17.65 0.40 8.57
C MET A 20 -16.68 1.10 7.61
N PHE A 21 -15.44 0.61 7.54
CA PHE A 21 -14.45 1.14 6.59
C PHE A 21 -14.88 0.90 5.14
N ASN A 22 -15.15 -0.36 4.81
CA ASN A 22 -15.52 -0.74 3.46
C ASN A 22 -16.81 -0.10 2.98
N ALA A 23 -17.61 0.40 3.93
CA ALA A 23 -18.88 1.03 3.59
C ALA A 23 -18.76 2.55 3.45
N LEU A 24 -17.62 3.11 3.87
CA LEU A 24 -17.44 4.56 3.85
C LEU A 24 -17.80 5.17 2.49
N GLY A 25 -18.65 6.20 2.53
CA GLY A 25 -19.07 6.92 1.35
C GLY A 25 -19.08 8.41 1.63
N ASP A 26 -20.21 9.06 1.35
CA ASP A 26 -20.34 10.50 1.56
C ASP A 26 -20.47 10.87 3.03
N GLY A 27 -20.69 9.89 3.89
CA GLY A 27 -20.77 10.13 5.32
C GLY A 27 -22.03 9.66 6.01
N ASP A 28 -21.87 9.11 7.21
CA ASP A 28 -23.03 8.79 8.04
C ASP A 28 -23.25 9.96 9.01
N ILE A 29 -24.36 10.66 8.82
CA ILE A 29 -24.71 11.77 9.69
C ILE A 29 -26.23 11.81 9.86
N SER A 30 -26.67 12.32 11.02
CA SER A 30 -28.07 12.27 11.39
C SER A 30 -28.91 13.29 10.63
N PRO A 31 -30.19 12.96 10.39
CA PRO A 31 -31.13 13.93 9.79
C PRO A 31 -31.18 15.18 10.65
N SER A 32 -31.60 16.29 10.08
CA SER A 32 -31.70 17.54 10.81
C SER A 32 -33.10 18.12 10.66
N ALA A 33 -33.83 18.20 11.78
CA ALA A 33 -35.17 18.76 11.77
C ALA A 33 -35.14 20.19 11.22
N TYR A 34 -34.30 21.02 11.83
CA TYR A 34 -34.10 22.40 11.38
C TYR A 34 -33.87 22.49 9.85
N ASP A 35 -32.94 21.68 9.35
CA ASP A 35 -32.57 21.72 7.94
C ASP A 35 -33.66 21.15 7.03
N THR A 36 -34.25 20.04 7.45
CA THR A 36 -35.32 19.43 6.67
C THR A 36 -36.59 20.30 6.66
N ALA A 37 -36.86 20.97 7.78
CA ALA A 37 -37.97 21.91 7.86
C ALA A 37 -37.85 23.02 6.81
N TRP A 38 -36.64 23.59 6.69
CA TRP A 38 -36.38 24.60 5.67
C TRP A 38 -36.65 24.03 4.28
N VAL A 39 -36.12 22.85 4.01
CA VAL A 39 -36.36 22.19 2.73
C VAL A 39 -37.87 22.07 2.46
N ALA A 40 -38.64 21.88 3.52
CA ALA A 40 -40.08 21.61 3.39
C ALA A 40 -40.88 22.86 3.03
N ARG A 41 -40.39 24.03 3.45
CA ARG A 41 -41.06 25.28 3.12
C ARG A 41 -41.05 25.60 1.61
N LEU A 42 -40.06 25.08 0.89
CA LEU A 42 -39.93 25.30 -0.55
C LEU A 42 -41.20 24.95 -1.33
N ALA A 43 -41.63 25.87 -2.18
CA ALA A 43 -42.93 25.77 -2.82
C ALA A 43 -42.86 25.62 -4.34
N THR A 44 -43.70 24.75 -4.87
CA THR A 44 -43.92 24.66 -6.31
C THR A 44 -45.31 25.21 -6.60
N ILE A 45 -45.43 26.00 -7.67
CA ILE A 45 -46.73 26.59 -7.99
C ILE A 45 -47.43 25.85 -9.14
N SER A 46 -48.51 25.17 -8.80
CA SER A 46 -49.32 24.46 -9.79
C SER A 46 -50.02 25.45 -10.70
N SER A 47 -50.37 25.00 -11.91
CA SER A 47 -50.98 25.86 -12.91
C SER A 47 -52.20 26.61 -12.37
N ASP A 48 -52.92 25.97 -11.44
CA ASP A 48 -54.11 26.58 -10.86
C ASP A 48 -53.76 27.62 -9.79
N GLY A 49 -52.53 28.12 -9.85
CA GLY A 49 -52.10 29.18 -8.95
C GLY A 49 -51.89 28.72 -7.52
N SER A 50 -52.39 27.53 -7.19
CA SER A 50 -52.24 26.99 -5.85
C SER A 50 -50.82 26.52 -5.60
N GLU A 51 -50.25 26.92 -4.46
CA GLU A 51 -48.91 26.50 -4.09
C GLU A 51 -48.92 25.21 -3.29
N LYS A 52 -48.08 24.26 -3.68
CA LYS A 52 -47.93 23.00 -2.95
C LYS A 52 -46.47 22.79 -2.58
N PRO A 53 -46.20 21.85 -1.68
CA PRO A 53 -44.80 21.62 -1.27
C PRO A 53 -43.94 21.16 -2.44
N ARG A 54 -42.78 21.78 -2.62
CA ARG A 54 -41.85 21.36 -3.65
C ARG A 54 -41.29 19.99 -3.30
N PHE A 55 -41.05 19.78 -2.01
CA PHE A 55 -40.50 18.52 -1.54
C PHE A 55 -41.41 17.85 -0.51
N PRO A 56 -42.44 17.14 -0.99
CA PRO A 56 -43.45 16.49 -0.16
C PRO A 56 -42.82 15.67 0.96
N GLN A 57 -41.77 14.92 0.63
CA GLN A 57 -41.12 14.05 1.60
C GLN A 57 -40.59 14.82 2.80
N ALA A 58 -39.94 15.95 2.55
CA ALA A 58 -39.35 16.75 3.61
C ALA A 58 -40.40 17.24 4.60
N LEU A 59 -41.59 17.57 4.09
CA LEU A 59 -42.69 17.95 4.97
C LEU A 59 -43.19 16.72 5.71
N ASN A 60 -43.30 15.60 4.99
CA ASN A 60 -43.74 14.34 5.59
C ASN A 60 -42.80 13.91 6.72
N TRP A 61 -41.51 14.21 6.58
CA TRP A 61 -40.55 13.85 7.61
C TRP A 61 -40.81 14.66 8.88
N VAL A 62 -40.91 15.98 8.73
CA VAL A 62 -41.20 16.87 9.84
C VAL A 62 -42.50 16.45 10.53
N PHE A 63 -43.43 15.92 9.73
CA PHE A 63 -44.74 15.49 10.20
C PHE A 63 -44.63 14.28 11.13
N ASN A 64 -43.76 13.34 10.77
CA ASN A 64 -43.64 12.07 11.48
C ASN A 64 -42.53 12.00 12.51
N ASN A 65 -41.82 13.10 12.72
CA ASN A 65 -40.66 13.06 13.60
C ASN A 65 -40.68 14.06 14.74
N GLN A 66 -41.87 14.40 15.22
CA GLN A 66 -42.00 15.18 16.46
C GLN A 66 -41.67 14.31 17.66
N LEU A 67 -40.83 14.83 18.56
CA LEU A 67 -40.35 14.05 19.68
C LEU A 67 -41.46 13.70 20.68
N GLN A 68 -41.59 14.50 21.73
CA GLN A 68 -42.49 14.15 22.82
C GLN A 68 -43.02 15.36 23.58
N ASP A 69 -42.18 16.36 23.77
CA ASP A 69 -42.49 17.46 24.69
C ASP A 69 -43.18 18.74 24.17
N GLY A 70 -43.47 18.86 22.86
CA GLY A 70 -43.05 17.94 21.83
C GLY A 70 -42.25 18.70 20.79
N SER A 71 -40.93 18.70 20.98
CA SER A 71 -40.02 19.43 20.12
C SER A 71 -39.48 18.54 19.00
N TRP A 72 -38.58 19.10 18.21
CA TRP A 72 -37.82 18.34 17.24
C TRP A 72 -36.35 18.38 17.60
N GLY A 73 -35.61 17.38 17.15
CA GLY A 73 -34.18 17.32 17.39
C GLY A 73 -33.73 15.92 17.71
N ILE A 74 -32.92 15.80 18.76
CA ILE A 74 -32.40 14.50 19.18
C ILE A 74 -32.90 14.16 20.59
N GLU A 75 -33.78 13.17 20.67
CA GLU A 75 -34.38 12.77 21.94
C GLU A 75 -33.36 12.66 23.07
N SER A 76 -32.41 11.74 22.92
CA SER A 76 -31.43 11.47 23.98
C SER A 76 -30.56 12.68 24.34
N HIS A 77 -30.51 13.67 23.46
CA HIS A 77 -29.69 14.87 23.70
C HIS A 77 -30.52 16.15 23.66
N PHE A 78 -30.84 16.68 24.83
CA PHE A 78 -31.61 17.92 24.88
C PHE A 78 -30.70 19.13 24.93
N SER A 79 -31.10 20.18 24.22
CA SER A 79 -30.36 21.43 24.20
C SER A 79 -31.30 22.57 23.86
N LEU A 80 -31.34 23.59 24.72
CA LEU A 80 -32.24 24.72 24.56
C LEU A 80 -32.25 25.25 23.13
N CYS A 81 -31.16 25.89 22.74
CA CYS A 81 -31.04 26.49 21.42
C CYS A 81 -31.38 25.52 20.30
N ASP A 82 -30.93 24.27 20.44
CA ASP A 82 -31.17 23.27 19.41
C ASP A 82 -32.66 22.95 19.26
N ARG A 83 -33.34 22.76 20.39
CA ARG A 83 -34.76 22.43 20.37
C ARG A 83 -35.59 23.61 19.86
N LEU A 84 -35.20 24.82 20.26
CA LEU A 84 -35.89 26.02 19.78
C LEU A 84 -35.80 26.15 18.26
N LEU A 85 -34.59 26.07 17.72
CA LEU A 85 -34.38 26.15 16.27
C LEU A 85 -35.16 25.06 15.52
N ASN A 86 -35.03 23.82 15.95
CA ASN A 86 -35.68 22.70 15.26
C ASN A 86 -37.21 22.77 15.30
N THR A 87 -37.75 23.03 16.48
CA THR A 87 -39.21 23.00 16.64
C THR A 87 -39.88 24.17 15.92
N THR A 88 -39.42 25.38 16.22
CA THR A 88 -39.91 26.60 15.58
C THR A 88 -39.96 26.45 14.06
N ASN A 89 -38.83 26.11 13.45
CA ASN A 89 -38.80 25.92 12.00
C ASN A 89 -39.79 24.85 11.54
N SER A 90 -39.79 23.72 12.24
CA SER A 90 -40.70 22.61 11.95
C SER A 90 -42.16 23.07 12.01
N VAL A 91 -42.45 23.93 12.98
CA VAL A 91 -43.78 24.52 13.12
C VAL A 91 -44.11 25.39 11.91
N ILE A 92 -43.15 26.24 11.53
CA ILE A 92 -43.31 27.12 10.37
C ILE A 92 -43.52 26.30 9.09
N ALA A 93 -42.90 25.14 9.02
CA ALA A 93 -43.03 24.27 7.86
C ALA A 93 -44.44 23.69 7.73
N LEU A 94 -44.98 23.22 8.86
CA LEU A 94 -46.33 22.66 8.91
C LEU A 94 -47.36 23.75 8.63
N SER A 95 -47.22 24.87 9.35
CA SER A 95 -48.11 26.02 9.20
C SER A 95 -48.24 26.49 7.74
N VAL A 96 -47.10 26.73 7.10
CA VAL A 96 -47.08 27.20 5.71
C VAL A 96 -48.02 26.40 4.80
N TRP A 97 -48.02 25.08 4.95
CA TRP A 97 -48.92 24.24 4.18
C TRP A 97 -50.12 23.85 5.03
N LYS A 98 -50.35 24.66 6.07
CA LYS A 98 -51.36 24.40 7.09
C LYS A 98 -51.73 22.93 7.23
N THR A 99 -50.90 22.21 7.98
CA THR A 99 -51.09 20.79 8.22
C THR A 99 -50.44 20.44 9.56
N GLY A 100 -50.48 19.17 9.92
CA GLY A 100 -49.92 18.73 11.19
C GLY A 100 -50.42 19.60 12.31
N HIS A 101 -51.69 19.98 12.21
CA HIS A 101 -52.30 20.93 13.14
C HIS A 101 -52.04 20.59 14.60
N SER A 102 -52.09 19.31 14.95
CA SER A 102 -51.87 18.90 16.33
C SER A 102 -50.42 19.14 16.76
N GLN A 103 -49.47 18.65 15.98
CA GLN A 103 -48.06 18.89 16.29
C GLN A 103 -47.74 20.37 16.38
N VAL A 104 -48.35 21.16 15.50
CA VAL A 104 -48.18 22.61 15.54
C VAL A 104 -48.49 23.16 16.93
N GLN A 105 -49.73 23.01 17.37
CA GLN A 105 -50.15 23.51 18.68
C GLN A 105 -49.30 22.87 19.77
N GLN A 106 -49.09 21.56 19.64
CA GLN A 106 -48.28 20.80 20.59
C GLN A 106 -46.87 21.37 20.71
N GLY A 107 -46.26 21.68 19.56
CA GLY A 107 -44.91 22.19 19.52
C GLY A 107 -44.84 23.67 19.85
N ALA A 108 -45.91 24.39 19.53
CA ALA A 108 -46.02 25.79 19.86
C ALA A 108 -45.96 25.97 21.38
N GLU A 109 -46.47 24.96 22.10
CA GLU A 109 -46.42 24.93 23.55
C GLU A 109 -44.98 24.80 24.04
N PHE A 110 -44.29 23.79 23.51
CA PHE A 110 -42.88 23.55 23.86
C PHE A 110 -42.06 24.83 23.72
N ILE A 111 -42.28 25.57 22.65
CA ILE A 111 -41.54 26.78 22.39
C ILE A 111 -41.84 27.85 23.44
N ALA A 112 -43.12 28.21 23.57
CA ALA A 112 -43.55 29.21 24.54
C ALA A 112 -42.99 28.94 25.93
N GLU A 113 -43.08 27.69 26.36
CA GLU A 113 -42.57 27.30 27.66
C GLU A 113 -41.08 27.56 27.79
N ASN A 114 -40.31 27.09 26.80
CA ASN A 114 -38.85 27.15 26.87
C ASN A 114 -38.24 28.51 26.54
N LEU A 115 -39.01 29.36 25.87
CA LEU A 115 -38.54 30.71 25.55
C LEU A 115 -38.18 31.45 26.82
N ARG A 116 -38.88 31.14 27.90
CA ARG A 116 -38.68 31.80 29.18
C ARG A 116 -37.52 31.18 29.94
N LEU A 117 -36.68 30.43 29.22
CA LEU A 117 -35.51 29.81 29.82
C LEU A 117 -34.22 30.20 29.11
N LEU A 118 -34.37 30.82 27.94
CA LEU A 118 -33.21 31.29 27.18
C LEU A 118 -32.39 32.27 28.02
N ASN A 119 -33.03 32.80 29.05
CA ASN A 119 -32.37 33.74 29.95
C ASN A 119 -31.40 33.02 30.86
N GLU A 120 -30.15 33.46 30.88
CA GLU A 120 -29.70 34.55 30.02
C GLU A 120 -28.23 34.34 29.69
N GLU A 121 -27.59 33.44 30.45
CA GLU A 121 -26.19 33.11 30.24
C GLU A 121 -26.04 31.67 29.77
N ASP A 122 -27.16 31.00 29.52
CA ASP A 122 -27.15 29.67 28.95
C ASP A 122 -26.61 29.76 27.53
N GLU A 123 -25.29 29.74 27.41
CA GLU A 123 -24.60 30.07 26.17
C GLU A 123 -25.32 29.66 24.88
N LEU A 124 -25.32 30.57 23.91
CA LEU A 124 -26.02 30.38 22.65
C LEU A 124 -25.12 29.69 21.62
N SER A 125 -25.65 28.68 20.95
CA SER A 125 -24.94 28.04 19.84
C SER A 125 -24.61 29.06 18.78
N PRO A 126 -23.56 28.80 17.99
CA PRO A 126 -23.07 29.71 16.94
C PRO A 126 -24.18 30.36 16.10
N ASP A 127 -24.14 31.70 16.00
CA ASP A 127 -25.09 32.46 15.20
C ASP A 127 -26.56 32.28 15.59
N PHE A 128 -26.81 31.97 16.86
CA PHE A 128 -28.17 31.83 17.36
C PHE A 128 -28.91 33.17 17.29
N GLN A 129 -28.23 34.25 17.65
CA GLN A 129 -28.85 35.57 17.68
C GLN A 129 -29.04 36.17 16.28
N ILE A 130 -29.18 35.31 15.28
CA ILE A 130 -29.39 35.74 13.91
C ILE A 130 -30.35 34.81 13.18
N ILE A 131 -30.15 33.51 13.31
CA ILE A 131 -31.00 32.53 12.64
C ILE A 131 -32.28 32.25 13.44
N PHE A 132 -32.23 32.44 14.75
CA PHE A 132 -33.42 32.22 15.57
C PHE A 132 -34.38 33.40 15.51
N PRO A 133 -33.90 34.62 15.84
CA PRO A 133 -34.77 35.78 15.73
C PRO A 133 -35.41 35.90 14.34
N ALA A 134 -34.74 35.36 13.33
CA ALA A 134 -35.31 35.30 11.99
C ALA A 134 -36.45 34.28 11.93
N LEU A 135 -36.31 33.18 12.65
CA LEU A 135 -37.37 32.18 12.70
C LEU A 135 -38.64 32.75 13.35
N LEU A 136 -38.44 33.65 14.30
CA LEU A 136 -39.55 34.26 15.03
C LEU A 136 -40.24 35.33 14.20
N GLN A 137 -39.50 35.97 13.31
CA GLN A 137 -40.07 36.94 12.40
C GLN A 137 -41.11 36.26 11.52
N LYS A 138 -40.77 35.08 11.00
CA LYS A 138 -41.71 34.32 10.18
C LYS A 138 -42.77 33.65 11.06
N ALA A 139 -42.51 33.56 12.35
CA ALA A 139 -43.48 32.98 13.29
C ALA A 139 -44.67 33.93 13.47
N LYS A 140 -44.37 35.22 13.64
CA LYS A 140 -45.40 36.25 13.70
C LYS A 140 -46.26 36.23 12.44
N ALA A 141 -45.59 36.27 11.29
CA ALA A 141 -46.26 36.37 10.00
C ALA A 141 -47.26 35.25 9.75
N LEU A 142 -47.07 34.13 10.44
CA LEU A 142 -47.97 32.99 10.30
C LEU A 142 -48.99 32.93 11.44
N GLY A 143 -48.86 33.86 12.38
CA GLY A 143 -49.82 33.99 13.46
C GLY A 143 -49.59 33.04 14.61
N ILE A 144 -48.46 32.35 14.60
CA ILE A 144 -48.12 31.42 15.67
C ILE A 144 -48.06 32.16 17.01
N ASN A 145 -48.71 31.58 18.02
CA ASN A 145 -48.83 32.24 19.31
C ASN A 145 -47.65 31.94 20.24
N LEU A 146 -46.79 32.94 20.43
CA LEU A 146 -45.60 32.80 21.25
C LEU A 146 -45.31 34.08 22.03
N PRO A 147 -44.58 33.97 23.14
CA PRO A 147 -44.21 35.10 24.00
C PRO A 147 -43.11 35.94 23.39
N TYR A 148 -43.36 36.57 22.24
CA TYR A 148 -42.36 37.37 21.54
C TYR A 148 -41.89 38.56 22.38
N ASP A 149 -42.57 38.80 23.50
CA ASP A 149 -42.37 40.03 24.26
C ASP A 149 -41.31 39.95 25.36
N LEU A 150 -40.85 38.74 25.67
CA LEU A 150 -39.86 38.56 26.73
C LEU A 150 -38.68 39.52 26.53
N PRO A 151 -38.19 40.09 27.64
CA PRO A 151 -37.09 41.07 27.61
C PRO A 151 -35.83 40.50 26.97
N PHE A 152 -35.69 39.18 26.95
CA PHE A 152 -34.51 38.53 26.40
C PHE A 152 -34.60 38.35 24.89
N ILE A 153 -35.72 37.84 24.42
CA ILE A 153 -35.94 37.64 22.98
C ILE A 153 -35.90 38.98 22.24
N LYS A 154 -36.38 40.03 22.88
CA LYS A 154 -36.34 41.37 22.30
C LYS A 154 -34.90 41.87 22.18
N TYR A 155 -34.01 41.29 22.98
CA TYR A 155 -32.59 41.62 22.90
C TYR A 155 -31.93 40.89 21.73
N LEU A 156 -32.31 39.64 21.54
CA LEU A 156 -31.77 38.85 20.43
C LEU A 156 -32.22 39.43 19.11
N SER A 157 -33.49 39.82 19.02
CA SER A 157 -34.02 40.45 17.81
C SER A 157 -33.39 41.83 17.60
N THR A 158 -33.10 42.53 18.70
CA THR A 158 -32.47 43.84 18.62
C THR A 158 -31.08 43.75 18.00
N THR A 159 -30.27 42.81 18.49
CA THR A 159 -28.92 42.62 17.98
C THR A 159 -28.95 42.23 16.51
N ARG A 160 -29.93 41.41 16.13
CA ARG A 160 -30.09 41.00 14.74
C ARG A 160 -30.38 42.17 13.81
N GLU A 161 -31.41 42.94 14.14
CA GLU A 161 -31.77 44.11 13.34
C GLU A 161 -30.62 45.10 13.27
N ALA A 162 -29.77 45.08 14.30
CA ALA A 162 -28.58 45.91 14.31
C ALA A 162 -27.52 45.32 13.38
N ARG A 163 -27.51 44.00 13.29
CA ARG A 163 -26.55 43.28 12.44
C ARG A 163 -26.94 43.40 10.97
N LEU A 164 -28.22 43.64 10.73
CA LEU A 164 -28.73 43.77 9.36
C LEU A 164 -28.20 45.04 8.70
N THR A 165 -28.27 46.14 9.43
CA THR A 165 -27.83 47.44 8.90
C THR A 165 -26.35 47.40 8.50
N ASP A 166 -25.57 46.54 9.16
CA ASP A 166 -24.15 46.40 8.84
C ASP A 166 -23.97 45.87 7.43
N VAL A 167 -24.84 44.96 7.02
CA VAL A 167 -24.79 44.39 5.68
C VAL A 167 -25.27 45.41 4.64
N SER A 168 -26.23 46.25 5.04
CA SER A 168 -26.69 47.34 4.19
C SER A 168 -25.54 48.30 3.93
N ALA A 169 -24.71 48.50 4.95
CA ALA A 169 -23.55 49.38 4.85
C ALA A 169 -22.33 48.65 4.28
N ALA A 170 -22.57 47.62 3.47
CA ALA A 170 -21.49 46.90 2.81
C ALA A 170 -21.63 46.99 1.30
N ALA A 171 -20.68 47.65 0.65
CA ALA A 171 -20.68 47.78 -0.79
C ALA A 171 -20.57 46.39 -1.44
N ASP A 172 -19.85 45.49 -0.75
CA ASP A 172 -19.71 44.12 -1.21
C ASP A 172 -20.79 43.23 -0.62
N ASN A 173 -21.70 43.84 0.14
CA ASN A 173 -22.82 43.10 0.71
C ASN A 173 -22.38 42.18 1.87
N ILE A 174 -23.17 41.16 2.12
CA ILE A 174 -22.92 40.22 3.23
C ILE A 174 -21.48 39.72 3.27
N PRO A 175 -20.80 39.88 4.43
CA PRO A 175 -19.41 39.43 4.47
C PRO A 175 -19.35 37.91 4.34
N ALA A 176 -18.20 37.40 3.92
CA ALA A 176 -18.04 35.97 3.76
C ALA A 176 -18.19 35.27 5.10
N ASN A 177 -17.85 35.99 6.17
CA ASN A 177 -17.79 35.38 7.49
C ASN A 177 -19.14 35.31 8.20
N MET A 178 -20.19 35.76 7.51
CA MET A 178 -21.56 35.64 8.00
C MET A 178 -22.39 34.70 7.12
N LEU A 179 -21.71 34.05 6.17
CA LEU A 179 -22.38 33.14 5.25
C LEU A 179 -23.03 31.96 6.00
N ASN A 180 -22.48 31.64 7.16
CA ASN A 180 -23.00 30.59 8.02
C ASN A 180 -24.48 30.86 8.35
N ALA A 181 -24.78 32.11 8.68
CA ALA A 181 -26.13 32.52 9.05
C ALA A 181 -26.85 33.16 7.88
N LEU A 182 -26.55 32.67 6.68
CA LEU A 182 -27.18 33.13 5.44
C LEU A 182 -28.67 33.38 5.57
N GLU A 183 -29.39 32.36 6.03
CA GLU A 183 -30.85 32.38 6.06
C GLU A 183 -31.46 33.23 7.19
N GLY A 184 -30.61 33.87 7.99
CA GLY A 184 -31.08 34.81 8.98
C GLY A 184 -30.82 36.24 8.56
N LEU A 185 -30.52 36.44 7.29
CA LEU A 185 -30.19 37.77 6.76
C LEU A 185 -30.82 38.05 5.40
N GLU A 186 -31.90 37.34 5.08
CA GLU A 186 -32.57 37.49 3.79
C GLU A 186 -32.83 38.93 3.37
N GLU A 187 -33.18 39.78 4.32
CA GLU A 187 -33.68 41.12 3.99
C GLU A 187 -32.57 42.12 3.66
N VAL A 188 -31.32 41.70 3.77
CA VAL A 188 -30.19 42.55 3.40
C VAL A 188 -29.19 41.82 2.51
N ILE A 189 -29.65 40.75 1.86
CA ILE A 189 -28.79 39.98 0.99
C ILE A 189 -28.97 40.35 -0.49
N ASP A 190 -27.87 40.67 -1.17
CA ASP A 190 -27.89 40.83 -2.62
C ASP A 190 -27.82 39.45 -3.24
N TRP A 191 -28.88 39.06 -3.96
CA TRP A 191 -29.02 37.68 -4.41
C TRP A 191 -28.19 37.33 -5.64
N ASN A 192 -27.62 38.35 -6.27
CA ASN A 192 -26.68 38.10 -7.36
C ASN A 192 -25.30 37.80 -6.80
N LYS A 193 -24.87 38.64 -5.86
CA LYS A 193 -23.53 38.56 -5.32
C LYS A 193 -23.36 37.35 -4.41
N ILE A 194 -24.42 36.99 -3.68
CA ILE A 194 -24.35 35.87 -2.75
C ILE A 194 -23.90 34.62 -3.49
N MET A 195 -24.36 34.45 -4.72
CA MET A 195 -24.04 33.29 -5.53
C MET A 195 -22.52 33.08 -5.72
N ARG A 196 -21.73 34.10 -5.43
CA ARG A 196 -20.28 33.97 -5.57
C ARG A 196 -19.74 33.02 -4.49
N PHE A 197 -20.59 32.66 -3.53
CA PHE A 197 -20.19 31.76 -2.45
C PHE A 197 -20.80 30.37 -2.56
N GLN A 198 -21.25 30.00 -3.75
CA GLN A 198 -21.82 28.68 -4.01
C GLN A 198 -20.75 27.62 -4.29
N SER A 199 -20.83 26.49 -3.61
CA SER A 199 -19.93 25.38 -3.85
C SER A 199 -20.31 24.66 -5.13
N LYS A 200 -19.37 23.89 -5.69
CA LYS A 200 -19.62 23.23 -6.96
C LYS A 200 -20.79 22.23 -6.94
N ASP A 201 -21.28 21.90 -5.75
CA ASP A 201 -22.39 20.96 -5.64
C ASP A 201 -23.75 21.67 -5.56
N GLY A 202 -23.74 22.99 -5.71
CA GLY A 202 -24.95 23.78 -5.67
C GLY A 202 -25.25 24.31 -4.28
N SER A 203 -24.55 23.78 -3.29
CA SER A 203 -24.81 24.08 -1.89
C SER A 203 -24.08 25.34 -1.42
N PHE A 204 -24.58 25.93 -0.34
CA PHE A 204 -23.90 27.03 0.30
C PHE A 204 -23.38 26.57 1.65
N LEU A 205 -22.06 26.47 1.77
CA LEU A 205 -21.39 26.05 2.99
C LEU A 205 -21.83 24.64 3.41
N SER A 206 -22.27 23.86 2.43
CA SER A 206 -22.70 22.48 2.65
C SER A 206 -23.96 22.42 3.49
N SER A 207 -24.59 23.57 3.69
CA SER A 207 -25.77 23.67 4.55
C SER A 207 -27.09 23.63 3.77
N PRO A 208 -27.90 22.57 4.00
CA PRO A 208 -29.20 22.43 3.33
C PRO A 208 -30.16 23.57 3.64
N ALA A 209 -30.21 24.00 4.90
CA ALA A 209 -31.04 25.14 5.28
C ALA A 209 -30.71 26.38 4.45
N SER A 210 -29.43 26.72 4.38
CA SER A 210 -29.00 27.90 3.63
C SER A 210 -29.32 27.74 2.15
N THR A 211 -29.11 26.53 1.65
CA THR A 211 -29.31 26.25 0.24
C THR A 211 -30.80 26.28 -0.15
N ALA A 212 -31.66 25.83 0.75
CA ALA A 212 -33.09 25.96 0.56
C ALA A 212 -33.46 27.44 0.49
N CYS A 213 -32.95 28.20 1.45
CA CYS A 213 -33.18 29.65 1.53
C CYS A 213 -32.82 30.41 0.26
N VAL A 214 -31.67 30.12 -0.33
CA VAL A 214 -31.32 30.79 -1.59
C VAL A 214 -32.14 30.22 -2.75
N LEU A 215 -32.50 28.93 -2.66
CA LEU A 215 -33.40 28.36 -3.65
C LEU A 215 -34.75 29.11 -3.67
N MET A 216 -35.23 29.48 -2.49
CA MET A 216 -36.53 30.11 -2.35
C MET A 216 -36.50 31.55 -2.86
N ASN A 217 -35.35 32.20 -2.71
CA ASN A 217 -35.22 33.59 -3.13
C ASN A 217 -34.69 33.78 -4.55
N THR A 218 -34.35 32.68 -5.23
CA THR A 218 -33.75 32.80 -6.56
C THR A 218 -34.23 31.75 -7.56
N GLY A 219 -34.75 30.63 -7.06
CA GLY A 219 -35.14 29.54 -7.92
C GLY A 219 -33.95 28.94 -8.66
N ASP A 220 -32.76 29.06 -8.08
CA ASP A 220 -31.54 28.56 -8.71
C ASP A 220 -31.55 27.04 -8.85
N GLU A 221 -31.21 26.57 -10.04
CA GLU A 221 -31.27 25.15 -10.34
C GLU A 221 -30.27 24.30 -9.56
N LYS A 222 -29.02 24.76 -9.48
CA LYS A 222 -28.00 24.00 -8.77
C LYS A 222 -28.38 23.79 -7.32
N CYS A 223 -28.96 24.82 -6.70
CA CYS A 223 -29.48 24.71 -5.35
C CYS A 223 -30.48 23.56 -5.27
N PHE A 224 -31.36 23.48 -6.26
CA PHE A 224 -32.39 22.46 -6.28
C PHE A 224 -31.79 21.06 -6.44
N THR A 225 -30.89 20.90 -7.39
CA THR A 225 -30.33 19.57 -7.66
C THR A 225 -29.47 19.06 -6.49
N PHE A 226 -28.91 19.97 -5.70
CA PHE A 226 -28.19 19.58 -4.50
C PHE A 226 -29.16 19.02 -3.46
N LEU A 227 -30.27 19.71 -3.27
CA LEU A 227 -31.26 19.32 -2.28
C LEU A 227 -31.97 18.04 -2.69
N ASN A 228 -32.44 18.00 -3.94
CA ASN A 228 -33.11 16.84 -4.48
C ASN A 228 -32.26 15.59 -4.37
N ASN A 229 -30.98 15.71 -4.72
CA ASN A 229 -30.07 14.59 -4.65
C ASN A 229 -29.81 14.15 -3.22
N LEU A 230 -29.76 15.11 -2.32
CA LEU A 230 -29.52 14.83 -0.90
C LEU A 230 -30.70 14.09 -0.29
N LEU A 231 -31.92 14.59 -0.53
CA LEU A 231 -33.13 13.97 -0.01
C LEU A 231 -33.27 12.52 -0.49
N ASP A 232 -32.99 12.29 -1.76
CA ASP A 232 -33.08 10.95 -2.32
C ASP A 232 -32.07 9.99 -1.66
N LYS A 233 -30.94 10.54 -1.21
CA LYS A 233 -29.92 9.73 -0.55
C LYS A 233 -30.27 9.47 0.91
N PHE A 234 -30.85 10.47 1.58
CA PHE A 234 -31.25 10.32 2.98
C PHE A 234 -32.70 9.86 3.14
N GLY A 235 -33.31 9.45 2.03
CA GLY A 235 -34.64 8.88 2.05
C GLY A 235 -35.77 9.85 2.37
N GLY A 236 -35.55 11.14 2.17
CA GLY A 236 -36.61 12.12 2.32
C GLY A 236 -36.44 13.09 3.48
N CYS A 237 -35.22 13.19 3.99
CA CYS A 237 -34.84 14.23 4.95
C CYS A 237 -33.43 14.71 4.62
N VAL A 238 -32.90 15.63 5.41
CA VAL A 238 -31.53 16.14 5.19
C VAL A 238 -30.80 16.42 6.51
N PRO A 239 -29.49 16.16 6.53
CA PRO A 239 -28.61 16.44 7.69
C PRO A 239 -28.30 17.93 7.77
N CYS A 240 -27.53 18.35 8.77
CA CYS A 240 -27.13 19.75 8.86
C CYS A 240 -25.95 20.08 7.93
N MET A 241 -25.36 19.07 7.29
CA MET A 241 -24.21 19.29 6.42
C MET A 241 -23.85 18.02 5.62
N TYR A 242 -23.39 18.22 4.40
CA TYR A 242 -23.13 17.09 3.50
C TYR A 242 -22.50 17.61 2.21
N SER A 243 -21.59 16.85 1.60
CA SER A 243 -21.08 15.61 2.16
C SER A 243 -19.97 15.87 3.18
N ILE A 244 -19.55 14.81 3.88
CA ILE A 244 -18.46 14.89 4.86
C ILE A 244 -17.47 13.73 4.66
N ASP A 245 -17.31 13.32 3.40
CA ASP A 245 -16.45 12.20 3.06
C ASP A 245 -14.98 12.40 3.45
N LEU A 246 -14.53 13.64 3.54
CA LEU A 246 -13.13 13.89 3.89
C LEU A 246 -12.94 13.89 5.40
N LEU A 247 -13.82 14.60 6.11
CA LEU A 247 -13.75 14.67 7.57
C LEU A 247 -13.98 13.31 8.21
N GLU A 248 -14.93 12.55 7.67
CA GLU A 248 -15.30 11.30 8.27
C GLU A 248 -14.17 10.29 8.15
N ARG A 249 -13.54 10.24 6.98
CA ARG A 249 -12.41 9.34 6.79
C ARG A 249 -11.22 9.66 7.70
N LEU A 250 -10.91 10.94 7.82
CA LEU A 250 -9.80 11.38 8.67
C LEU A 250 -10.06 11.16 10.17
N SER A 251 -11.26 11.51 10.63
CA SER A 251 -11.58 11.36 12.04
C SER A 251 -11.63 9.88 12.41
N LEU A 252 -12.25 9.07 11.56
CA LEU A 252 -12.35 7.65 11.83
C LEU A 252 -10.97 7.06 12.04
N VAL A 253 -10.04 7.36 11.14
CA VAL A 253 -8.71 6.80 11.22
C VAL A 253 -7.98 7.34 12.45
N ASP A 254 -8.12 8.64 12.71
CA ASP A 254 -7.44 9.26 13.83
C ASP A 254 -7.95 8.70 15.15
N ASN A 255 -9.28 8.63 15.28
CA ASN A 255 -9.91 8.08 16.49
C ASN A 255 -9.44 6.66 16.81
N ILE A 256 -9.42 5.80 15.80
CA ILE A 256 -8.97 4.42 15.94
C ILE A 256 -7.49 4.34 16.33
N GLU A 257 -6.66 5.09 15.62
CA GLU A 257 -5.24 5.16 15.96
C GLU A 257 -5.07 5.64 17.40
N HIS A 258 -5.81 6.68 17.75
CA HIS A 258 -5.73 7.31 19.06
C HIS A 258 -6.19 6.35 20.17
N LEU A 259 -7.20 5.53 19.86
CA LEU A 259 -7.73 4.55 20.82
C LEU A 259 -6.77 3.38 21.04
N GLY A 260 -5.71 3.31 20.24
CA GLY A 260 -4.69 2.30 20.42
C GLY A 260 -4.90 1.02 19.62
N ILE A 261 -5.89 1.03 18.74
CA ILE A 261 -6.23 -0.16 17.98
C ILE A 261 -5.97 -0.01 16.49
N GLY A 262 -4.98 0.81 16.13
CA GLY A 262 -4.66 1.07 14.74
C GLY A 262 -4.09 -0.11 13.96
N ARG A 263 -3.42 -1.03 14.67
CA ARG A 263 -2.70 -2.12 14.00
C ARG A 263 -3.65 -3.14 13.39
N HIS A 264 -4.89 -3.18 13.85
CA HIS A 264 -5.89 -4.12 13.31
C HIS A 264 -6.49 -3.67 11.97
N PHE A 265 -6.20 -2.45 11.56
CA PHE A 265 -6.86 -1.90 10.38
C PHE A 265 -5.89 -1.23 9.42
N LYS A 266 -4.69 -1.76 9.30
CA LYS A 266 -3.68 -1.16 8.45
C LYS A 266 -4.18 -0.95 7.01
N GLN A 267 -4.72 -2.02 6.41
CA GLN A 267 -5.17 -1.98 5.02
C GLN A 267 -6.38 -1.06 4.81
N GLU A 268 -7.31 -1.08 5.77
CA GLU A 268 -8.51 -0.25 5.69
C GLU A 268 -8.17 1.23 5.87
N ILE A 269 -7.13 1.49 6.66
CA ILE A 269 -6.66 2.85 6.90
C ILE A 269 -5.98 3.40 5.65
N LYS A 270 -5.13 2.59 5.03
CA LYS A 270 -4.48 2.96 3.77
C LYS A 270 -5.50 3.31 2.69
N GLY A 271 -6.59 2.56 2.63
CA GLY A 271 -7.65 2.86 1.67
C GLY A 271 -8.32 4.20 1.93
N ALA A 272 -8.57 4.51 3.21
CA ALA A 272 -9.24 5.74 3.59
C ALA A 272 -8.35 6.97 3.33
N LEU A 273 -7.08 6.89 3.71
CA LEU A 273 -6.14 7.99 3.52
C LEU A 273 -5.79 8.24 2.03
N ASP A 274 -5.64 7.17 1.27
CA ASP A 274 -5.42 7.29 -0.17
C ASP A 274 -6.51 8.14 -0.80
N TYR A 275 -7.75 7.91 -0.37
CA TYR A 275 -8.89 8.65 -0.87
C TYR A 275 -8.76 10.12 -0.54
N VAL A 276 -8.50 10.41 0.73
CA VAL A 276 -8.36 11.79 1.20
C VAL A 276 -7.23 12.51 0.48
N TYR A 277 -6.11 11.84 0.31
CA TYR A 277 -4.92 12.44 -0.30
C TYR A 277 -5.18 12.87 -1.75
N ARG A 278 -6.02 12.12 -2.44
CA ARG A 278 -6.36 12.51 -3.81
C ARG A 278 -7.11 13.85 -3.89
N HIS A 279 -7.67 14.28 -2.76
CA HIS A 279 -8.43 15.53 -2.68
C HIS A 279 -7.67 16.59 -1.87
N TRP A 280 -6.45 16.24 -1.47
CA TRP A 280 -5.60 17.15 -0.73
C TRP A 280 -5.11 18.27 -1.65
N SER A 281 -4.87 19.46 -1.07
CA SER A 281 -4.41 20.61 -1.86
C SER A 281 -3.77 21.68 -1.00
N GLU A 282 -2.94 22.52 -1.62
CA GLU A 282 -2.27 23.62 -0.93
C GLU A 282 -3.27 24.62 -0.36
N ARG A 283 -4.50 24.53 -0.83
CA ARG A 283 -5.55 25.46 -0.40
C ARG A 283 -6.21 25.04 0.90
N GLY A 284 -5.89 23.83 1.38
CA GLY A 284 -6.57 23.28 2.53
C GLY A 284 -7.74 22.44 2.08
N ILE A 285 -8.51 21.91 3.01
CA ILE A 285 -9.70 21.13 2.65
C ILE A 285 -10.86 21.39 3.60
N GLY A 286 -12.06 21.10 3.14
CA GLY A 286 -13.25 21.21 3.97
C GLY A 286 -13.76 19.84 4.38
N TRP A 287 -14.98 19.79 4.91
CA TRP A 287 -15.64 18.55 5.31
C TRP A 287 -15.70 17.54 4.18
N GLY A 288 -16.14 18.00 3.00
CA GLY A 288 -16.33 17.12 1.87
C GLY A 288 -15.54 17.58 0.65
N ARG A 289 -15.45 16.73 -0.35
CA ARG A 289 -14.67 17.02 -1.55
C ARG A 289 -15.21 18.21 -2.33
N ASP A 290 -16.47 18.57 -2.11
CA ASP A 290 -17.10 19.63 -2.89
C ASP A 290 -17.12 20.99 -2.20
N SER A 291 -16.52 21.09 -1.02
CA SER A 291 -16.48 22.35 -0.29
C SER A 291 -15.72 23.42 -1.07
N LEU A 292 -16.30 24.61 -1.12
CA LEU A 292 -15.66 25.76 -1.73
C LEU A 292 -14.68 26.38 -0.74
N VAL A 293 -15.09 26.36 0.52
CA VAL A 293 -14.34 26.97 1.60
C VAL A 293 -13.76 25.88 2.52
N PRO A 294 -12.43 25.85 2.69
CA PRO A 294 -11.75 24.89 3.57
C PRO A 294 -12.05 25.17 5.04
N ASP A 295 -11.80 24.21 5.93
CA ASP A 295 -11.91 24.48 7.36
C ASP A 295 -10.75 23.90 8.18
N LEU A 296 -10.45 24.58 9.28
CA LEU A 296 -9.23 24.34 10.04
C LEU A 296 -9.14 22.94 10.61
N ASN A 297 -10.25 22.44 11.14
CA ASN A 297 -10.28 21.15 11.80
C ASN A 297 -9.94 20.02 10.84
N THR A 298 -10.66 19.97 9.71
CA THR A 298 -10.41 18.94 8.71
C THR A 298 -9.00 19.06 8.14
N THR A 299 -8.58 20.28 7.82
CA THR A 299 -7.23 20.49 7.30
C THR A 299 -6.18 20.09 8.34
N ALA A 300 -6.34 20.56 9.57
CA ALA A 300 -5.40 20.18 10.65
C ALA A 300 -5.34 18.65 10.86
N LEU A 301 -6.50 18.00 10.92
CA LEU A 301 -6.52 16.54 11.00
C LEU A 301 -5.89 15.88 9.77
N GLY A 302 -6.12 16.46 8.61
CA GLY A 302 -5.50 15.97 7.38
C GLY A 302 -3.99 16.03 7.45
N LEU A 303 -3.46 17.17 7.89
CA LEU A 303 -2.01 17.37 7.98
C LEU A 303 -1.37 16.31 8.87
N ARG A 304 -1.86 16.21 10.10
CA ARG A 304 -1.28 15.31 11.09
C ARG A 304 -1.42 13.85 10.69
N THR A 305 -2.64 13.46 10.33
CA THR A 305 -2.92 12.06 10.04
C THR A 305 -2.18 11.62 8.79
N LEU A 306 -2.21 12.45 7.74
CA LEU A 306 -1.52 12.13 6.49
C LEU A 306 -0.01 12.07 6.68
N ARG A 307 0.56 13.00 7.43
CA ARG A 307 1.99 12.98 7.66
C ARG A 307 2.35 11.77 8.51
N MET A 308 1.49 11.49 9.49
CA MET A 308 1.72 10.37 10.38
C MET A 308 1.82 9.04 9.63
N HIS A 309 1.19 8.98 8.46
CA HIS A 309 1.15 7.73 7.71
C HIS A 309 2.03 7.73 6.47
N GLY A 310 3.00 8.64 6.45
CA GLY A 310 4.04 8.61 5.44
C GLY A 310 3.74 9.42 4.19
N TYR A 311 2.62 10.14 4.21
CA TYR A 311 2.24 10.97 3.07
C TYR A 311 3.02 12.26 3.11
N ASN A 312 3.41 12.72 1.93
CA ASN A 312 4.06 14.02 1.79
C ASN A 312 3.05 15.16 1.80
N VAL A 313 3.05 15.92 2.90
CA VAL A 313 2.13 17.02 3.07
C VAL A 313 2.82 18.23 3.70
N SER A 314 2.40 19.42 3.30
CA SER A 314 3.09 20.65 3.69
C SER A 314 2.33 21.42 4.78
N SER A 315 3.05 21.84 5.81
CA SER A 315 2.43 22.62 6.87
C SER A 315 1.98 24.00 6.41
N ASP A 316 2.31 24.37 5.18
CA ASP A 316 1.88 25.67 4.64
C ASP A 316 0.37 25.77 4.52
N VAL A 317 -0.30 24.62 4.39
CA VAL A 317 -1.75 24.60 4.28
C VAL A 317 -2.42 25.31 5.44
N LEU A 318 -1.77 25.28 6.60
CA LEU A 318 -2.32 25.90 7.81
C LEU A 318 -2.45 27.41 7.70
N ASN A 319 -1.61 28.02 6.88
CA ASN A 319 -1.60 29.48 6.79
C ASN A 319 -2.93 30.01 6.24
N ASN A 320 -3.65 29.16 5.49
CA ASN A 320 -4.97 29.49 4.98
C ASN A 320 -5.96 29.80 6.09
N PHE A 321 -5.54 29.62 7.33
CA PHE A 321 -6.43 29.87 8.46
C PHE A 321 -5.91 30.93 9.41
N LYS A 322 -4.77 31.52 9.01
CA LYS A 322 -4.04 32.49 9.84
C LYS A 322 -4.28 33.92 9.35
N ASP A 323 -4.54 34.83 10.28
CA ASP A 323 -4.76 36.24 9.95
C ASP A 323 -3.50 37.08 10.18
N GLU A 324 -3.69 38.40 10.21
CA GLU A 324 -2.57 39.34 10.34
C GLU A 324 -1.87 39.22 11.69
N ASN A 325 -2.65 39.00 12.74
CA ASN A 325 -2.13 38.88 14.10
C ASN A 325 -1.50 37.51 14.38
N GLY A 326 -1.44 36.66 13.35
CA GLY A 326 -0.95 35.31 13.54
C GLY A 326 -1.98 34.40 14.20
N ARG A 327 -3.19 34.90 14.31
CA ARG A 327 -4.27 34.13 14.92
C ARG A 327 -4.99 33.30 13.87
N PHE A 328 -5.55 32.18 14.30
CA PHE A 328 -6.23 31.28 13.39
C PHE A 328 -7.74 31.33 13.55
N PHE A 329 -8.45 31.06 12.47
CA PHE A 329 -9.90 30.98 12.53
C PHE A 329 -10.29 29.61 11.99
N SER A 330 -11.50 29.15 12.33
CA SER A 330 -11.97 27.83 11.88
C SER A 330 -12.33 27.78 10.38
N SER A 331 -12.83 28.89 9.85
CA SER A 331 -13.37 28.89 8.50
C SER A 331 -13.80 30.28 8.05
N ALA A 332 -13.51 30.61 6.79
CA ALA A 332 -13.84 31.93 6.27
C ALA A 332 -15.36 32.19 6.20
N GLY A 333 -16.14 31.13 6.40
CA GLY A 333 -17.58 31.24 6.29
C GLY A 333 -18.31 31.56 7.59
N GLN A 334 -17.57 31.67 8.69
CA GLN A 334 -18.18 31.92 9.99
C GLN A 334 -17.35 32.87 10.83
N THR A 335 -17.91 33.27 11.98
CA THR A 335 -17.21 34.16 12.90
C THR A 335 -16.64 33.45 14.13
N HIS A 336 -17.29 32.37 14.54
CA HIS A 336 -16.89 31.66 15.76
C HIS A 336 -15.73 30.69 15.51
N VAL A 337 -14.89 30.50 16.53
CA VAL A 337 -13.78 29.55 16.46
C VAL A 337 -14.11 28.29 17.26
N GLU A 338 -13.99 27.14 16.61
CA GLU A 338 -14.35 25.88 17.23
C GLU A 338 -13.20 25.35 18.06
N LEU A 339 -13.48 25.05 19.33
CA LEU A 339 -12.47 24.51 20.23
C LEU A 339 -11.77 23.31 19.60
N ARG A 340 -12.57 22.39 19.06
CA ARG A 340 -12.05 21.19 18.44
C ARG A 340 -11.00 21.52 17.38
N SER A 341 -11.30 22.51 16.53
CA SER A 341 -10.38 22.85 15.44
C SER A 341 -9.06 23.38 15.98
N VAL A 342 -9.11 23.97 17.17
CA VAL A 342 -7.88 24.44 17.81
C VAL A 342 -7.11 23.28 18.46
N VAL A 343 -7.83 22.29 18.97
CA VAL A 343 -7.16 21.10 19.48
C VAL A 343 -6.41 20.42 18.34
N ASN A 344 -7.10 20.19 17.22
CA ASN A 344 -6.47 19.54 16.09
C ASN A 344 -5.34 20.33 15.43
N LEU A 345 -5.41 21.65 15.54
CA LEU A 345 -4.32 22.52 15.10
C LEU A 345 -3.05 22.27 15.92
N PHE A 346 -3.19 22.33 17.24
CA PHE A 346 -2.09 22.02 18.15
C PHE A 346 -1.50 20.63 17.87
N ARG A 347 -2.36 19.62 17.78
CA ARG A 347 -1.91 18.24 17.58
C ARG A 347 -1.12 18.07 16.28
N ALA A 348 -1.57 18.74 15.23
CA ALA A 348 -0.86 18.76 13.96
C ALA A 348 0.54 19.37 14.10
N SER A 349 0.65 20.40 14.94
CA SER A 349 1.93 21.06 15.15
C SER A 349 2.92 20.16 15.88
N ASP A 350 2.40 19.19 16.63
CA ASP A 350 3.24 18.17 17.26
C ASP A 350 4.16 17.46 16.29
N LEU A 351 3.73 17.36 15.03
CA LEU A 351 4.50 16.61 14.05
C LEU A 351 5.36 17.51 13.16
N ALA A 352 5.71 18.70 13.68
CA ALA A 352 6.49 19.67 12.92
C ALA A 352 7.84 19.11 12.53
N PHE A 353 8.24 19.38 11.29
CA PHE A 353 9.62 19.15 10.86
C PHE A 353 10.39 20.44 11.12
N PRO A 354 11.73 20.37 11.12
CA PRO A 354 12.56 21.57 11.35
C PRO A 354 12.26 22.67 10.35
N ASP A 355 12.30 23.93 10.80
CA ASP A 355 12.12 25.07 9.89
C ASP A 355 10.72 25.10 9.24
N GLU A 356 9.70 24.79 10.01
CA GLU A 356 8.33 24.92 9.53
C GLU A 356 7.63 26.01 10.31
N ARG A 357 7.81 27.25 9.84
CA ARG A 357 7.28 28.44 10.49
C ARG A 357 5.80 28.32 10.81
N ALA A 358 5.05 27.74 9.88
CA ALA A 358 3.60 27.60 10.03
C ALA A 358 3.24 26.73 11.21
N MET A 359 4.00 25.66 11.42
CA MET A 359 3.84 24.79 12.58
C MET A 359 4.13 25.55 13.86
N ASP A 360 5.21 26.34 13.86
CA ASP A 360 5.54 27.18 15.01
C ASP A 360 4.40 28.15 15.32
N ASP A 361 3.90 28.83 14.29
CA ASP A 361 2.83 29.81 14.46
C ASP A 361 1.52 29.17 14.92
N ALA A 362 1.19 28.00 14.39
CA ALA A 362 0.02 27.27 14.87
C ALA A 362 0.12 26.98 16.37
N ARG A 363 1.29 26.52 16.81
CA ARG A 363 1.44 26.07 18.19
C ARG A 363 1.46 27.24 19.15
N LYS A 364 2.01 28.37 18.70
CA LYS A 364 2.05 29.59 19.50
C LYS A 364 0.64 30.16 19.72
N PHE A 365 -0.23 29.99 18.74
CA PHE A 365 -1.64 30.34 18.92
C PHE A 365 -2.42 29.30 19.73
N ALA A 366 -2.35 28.04 19.27
CA ALA A 366 -3.18 26.98 19.82
C ALA A 366 -2.94 26.71 21.31
N GLU A 367 -1.67 26.57 21.71
CA GLU A 367 -1.37 26.21 23.10
C GLU A 367 -2.06 27.10 24.14
N PRO A 368 -1.83 28.43 24.08
CA PRO A 368 -2.45 29.32 25.08
C PRO A 368 -3.97 29.31 24.98
N TYR A 369 -4.49 29.15 23.77
CA TYR A 369 -5.92 29.08 23.56
C TYR A 369 -6.44 27.84 24.28
N LEU A 370 -5.71 26.74 24.12
CA LEU A 370 -6.08 25.49 24.76
C LEU A 370 -6.02 25.56 26.30
N ARG A 371 -4.91 26.08 26.84
CA ARG A 371 -4.77 26.24 28.29
C ARG A 371 -5.80 27.23 28.82
N GLU A 372 -6.05 28.28 28.03
CA GLU A 372 -7.08 29.24 28.40
C GLU A 372 -8.43 28.51 28.52
N ALA A 373 -8.75 27.71 27.50
CA ALA A 373 -9.98 26.94 27.52
C ALA A 373 -10.10 26.09 28.77
N LEU A 374 -9.00 25.44 29.16
CA LEU A 374 -9.01 24.56 30.33
C LEU A 374 -9.27 25.34 31.62
N ALA A 375 -8.75 26.55 31.70
CA ALA A 375 -8.84 27.34 32.92
C ALA A 375 -10.22 27.95 33.14
N THR A 376 -10.87 28.36 32.05
CA THR A 376 -12.11 29.11 32.17
C THR A 376 -13.34 28.42 31.59
N LYS A 377 -13.17 27.79 30.43
CA LYS A 377 -14.32 27.36 29.62
C LYS A 377 -14.78 25.92 29.79
N ILE A 378 -13.86 25.02 30.14
CA ILE A 378 -14.21 23.60 30.21
C ILE A 378 -14.33 23.09 31.64
N SER A 379 -15.35 22.29 31.90
CA SER A 379 -15.58 21.74 33.24
C SER A 379 -14.61 20.60 33.55
N THR A 380 -14.13 20.56 34.78
CA THR A 380 -13.05 19.66 35.18
C THR A 380 -13.37 18.17 35.01
N ASN A 381 -14.44 17.72 35.63
CA ASN A 381 -14.76 16.29 35.66
C ASN A 381 -15.12 15.68 34.30
N THR A 382 -15.00 16.45 33.23
CA THR A 382 -15.50 16.02 31.92
C THR A 382 -14.48 15.23 31.12
N LYS A 383 -14.98 14.40 30.22
CA LYS A 383 -14.12 13.66 29.30
C LYS A 383 -13.29 14.63 28.47
N LEU A 384 -13.93 15.72 28.06
CA LEU A 384 -13.29 16.71 27.21
C LEU A 384 -12.14 17.42 27.92
N PHE A 385 -12.37 17.86 29.16
CA PHE A 385 -11.28 18.46 29.93
C PHE A 385 -10.12 17.50 30.01
N LYS A 386 -10.40 16.24 30.29
CA LYS A 386 -9.36 15.21 30.42
C LYS A 386 -8.66 14.98 29.08
N GLU A 387 -9.39 15.14 27.99
CA GLU A 387 -8.80 14.90 26.68
C GLU A 387 -7.81 15.99 26.33
N ILE A 388 -8.27 17.24 26.41
CA ILE A 388 -7.47 18.39 26.05
C ILE A 388 -6.26 18.55 26.99
N GLU A 389 -6.46 18.25 28.27
CA GLU A 389 -5.34 18.32 29.22
C GLU A 389 -4.20 17.37 28.83
N TYR A 390 -4.54 16.15 28.42
CA TYR A 390 -3.51 15.22 27.97
C TYR A 390 -2.79 15.74 26.71
N VAL A 391 -3.55 16.33 25.80
CA VAL A 391 -2.99 16.90 24.58
C VAL A 391 -1.86 17.92 24.87
N VAL A 392 -2.09 18.83 25.82
CA VAL A 392 -1.07 19.83 26.14
C VAL A 392 -0.03 19.37 27.19
N GLU A 393 -0.40 18.41 28.04
CA GLU A 393 0.53 17.97 29.10
C GLU A 393 1.48 16.86 28.64
N TYR A 394 1.00 16.01 27.73
CA TYR A 394 1.82 14.95 27.17
C TYR A 394 1.75 15.00 25.65
N PRO A 395 2.35 16.04 25.05
CA PRO A 395 2.39 16.17 23.59
C PRO A 395 3.15 15.00 22.96
N TRP A 396 3.07 14.89 21.64
CA TRP A 396 3.61 13.75 20.89
C TRP A 396 4.97 13.21 21.34
N HIS A 397 5.99 14.07 21.42
CA HIS A 397 7.36 13.61 21.67
C HIS A 397 7.58 13.06 23.08
N MET A 398 6.56 13.15 23.92
CA MET A 398 6.58 12.54 25.25
C MET A 398 5.31 11.71 25.49
N SER A 399 4.65 11.33 24.41
CA SER A 399 3.42 10.54 24.54
C SER A 399 3.69 9.05 24.34
N ILE A 400 3.75 8.31 25.46
CA ILE A 400 3.96 6.88 25.44
C ILE A 400 2.68 6.17 24.97
N PRO A 401 2.79 5.38 23.89
CA PRO A 401 1.65 4.80 23.17
C PRO A 401 0.55 4.21 24.08
N ARG A 402 0.92 3.30 24.97
CA ARG A 402 -0.06 2.69 25.86
C ARG A 402 -0.71 3.70 26.79
N LEU A 403 0.10 4.61 27.34
CA LEU A 403 -0.40 5.66 28.22
C LEU A 403 -1.32 6.56 27.42
N GLU A 404 -0.96 6.83 26.16
CA GLU A 404 -1.79 7.66 25.29
C GLU A 404 -3.12 6.99 24.99
N ALA A 405 -3.07 5.70 24.68
CA ALA A 405 -4.29 4.91 24.43
C ALA A 405 -5.16 4.77 25.68
N ARG A 406 -4.54 4.50 26.83
CA ARG A 406 -5.34 4.34 28.06
C ARG A 406 -6.09 5.62 28.40
N SER A 407 -5.40 6.74 28.24
CA SER A 407 -5.98 8.03 28.58
C SER A 407 -7.10 8.43 27.60
N TYR A 408 -6.96 8.06 26.32
CA TYR A 408 -7.96 8.43 25.32
C TYR A 408 -9.20 7.55 25.40
N ILE A 409 -9.00 6.31 25.79
CA ILE A 409 -10.11 5.41 26.05
C ILE A 409 -11.07 6.02 27.07
N ASP A 410 -10.52 6.69 28.08
CA ASP A 410 -11.34 7.30 29.13
C ASP A 410 -11.97 8.63 28.73
N SER A 411 -11.45 9.27 27.69
CA SER A 411 -11.99 10.55 27.28
C SER A 411 -12.74 10.50 25.95
N TYR A 412 -12.66 9.36 25.27
CA TYR A 412 -13.44 9.16 24.06
C TYR A 412 -14.92 9.01 24.42
N ASP A 413 -15.78 9.78 23.75
CA ASP A 413 -17.21 9.80 24.04
C ASP A 413 -17.95 9.08 22.94
N ASP A 414 -18.49 7.90 23.24
CA ASP A 414 -19.20 7.09 22.23
C ASP A 414 -20.68 7.44 22.15
N ASN A 415 -21.10 8.41 22.95
CA ASN A 415 -22.47 8.95 22.89
C ASN A 415 -22.41 10.47 22.74
N TYR A 416 -21.64 10.94 21.77
CA TYR A 416 -21.43 12.37 21.55
C TYR A 416 -22.28 12.97 20.43
N VAL A 417 -22.66 14.22 20.60
CA VAL A 417 -23.39 14.96 19.58
C VAL A 417 -22.66 16.27 19.30
N TRP A 418 -22.40 16.52 18.01
CA TRP A 418 -21.70 17.74 17.60
C TRP A 418 -22.67 18.93 17.47
N GLN A 419 -22.14 20.12 17.68
CA GLN A 419 -22.95 21.34 17.65
C GLN A 419 -22.41 22.32 16.62
N ARG A 420 -23.08 22.40 15.47
CA ARG A 420 -22.81 23.45 14.52
C ARG A 420 -23.86 24.54 14.71
N LYS A 421 -24.79 24.66 13.78
CA LYS A 421 -25.92 25.56 13.94
C LYS A 421 -26.98 24.88 14.80
N THR A 422 -27.05 23.56 14.68
CA THR A 422 -27.89 22.73 15.55
C THR A 422 -27.12 21.46 15.92
N LEU A 423 -27.76 20.55 16.65
CA LEU A 423 -27.11 19.31 17.07
C LEU A 423 -27.23 18.21 16.01
N TYR A 424 -26.12 17.53 15.75
CA TYR A 424 -26.12 16.41 14.81
C TYR A 424 -25.22 15.31 15.32
N ARG A 425 -25.37 14.12 14.74
CA ARG A 425 -24.56 12.98 15.14
C ARG A 425 -23.80 12.41 13.95
N MET A 426 -22.59 11.91 14.22
CA MET A 426 -21.81 11.21 13.21
C MET A 426 -21.40 9.87 13.81
N PRO A 427 -22.25 8.85 13.64
CA PRO A 427 -22.10 7.50 14.20
C PRO A 427 -20.75 6.82 13.98
N SER A 428 -20.04 7.15 12.90
CA SER A 428 -18.73 6.53 12.66
C SER A 428 -17.67 7.10 13.60
N LEU A 429 -17.81 8.39 13.91
CA LEU A 429 -16.82 9.11 14.70
C LEU A 429 -17.08 9.05 16.21
N SER A 430 -18.35 8.89 16.59
CA SER A 430 -18.69 8.65 17.99
C SER A 430 -19.29 7.24 18.07
N ASN A 431 -18.42 6.26 18.21
CA ASN A 431 -18.78 4.90 17.86
C ASN A 431 -18.52 3.90 18.98
N SER A 432 -19.59 3.27 19.46
CA SER A 432 -19.51 2.35 20.59
C SER A 432 -18.67 1.11 20.33
N LYS A 433 -18.60 0.66 19.08
CA LYS A 433 -17.81 -0.52 18.73
C LYS A 433 -16.32 -0.19 18.83
N CYS A 434 -15.94 0.98 18.33
CA CYS A 434 -14.58 1.42 18.45
C CYS A 434 -14.18 1.43 19.93
N LEU A 435 -15.00 2.03 20.78
CA LEU A 435 -14.67 2.13 22.19
C LEU A 435 -14.57 0.78 22.89
N GLU A 436 -15.47 -0.13 22.57
CA GLU A 436 -15.47 -1.46 23.18
C GLU A 436 -14.24 -2.26 22.75
N LEU A 437 -13.99 -2.28 21.46
CA LEU A 437 -12.80 -2.92 20.92
C LEU A 437 -11.57 -2.39 21.64
N ALA A 438 -11.46 -1.06 21.70
CA ALA A 438 -10.31 -0.43 22.35
C ALA A 438 -10.06 -0.96 23.76
N LYS A 439 -11.13 -1.14 24.54
CA LYS A 439 -11.03 -1.64 25.92
C LYS A 439 -10.70 -3.14 25.99
N LEU A 440 -11.42 -3.94 25.21
CA LEU A 440 -11.15 -5.37 25.14
C LEU A 440 -9.72 -5.63 24.73
N ASP A 441 -9.27 -4.90 23.70
CA ASP A 441 -7.94 -5.08 23.15
C ASP A 441 -6.88 -4.58 24.13
N PHE A 442 -7.17 -3.49 24.83
CA PHE A 442 -6.21 -2.99 25.80
C PHE A 442 -5.98 -4.03 26.89
N ASN A 443 -7.06 -4.61 27.39
CA ASN A 443 -6.98 -5.68 28.39
C ASN A 443 -6.20 -6.87 27.88
N ILE A 444 -6.53 -7.33 26.68
CA ILE A 444 -5.87 -8.49 26.10
C ILE A 444 -4.37 -8.30 26.10
N VAL A 445 -3.94 -7.18 25.54
CA VAL A 445 -2.52 -6.86 25.43
C VAL A 445 -1.88 -6.61 26.81
N GLN A 446 -2.63 -6.01 27.72
CA GLN A 446 -2.12 -5.75 29.07
C GLN A 446 -1.73 -7.06 29.77
N SER A 447 -2.56 -8.09 29.64
CA SER A 447 -2.25 -9.42 30.18
C SER A 447 -0.95 -9.97 29.63
N LEU A 448 -0.71 -9.75 28.34
CA LEU A 448 0.56 -10.15 27.75
C LEU A 448 1.71 -9.41 28.44
N HIS A 449 1.52 -8.13 28.70
CA HIS A 449 2.57 -7.32 29.30
C HIS A 449 2.85 -7.75 30.73
N GLN A 450 1.79 -8.07 31.47
CA GLN A 450 1.93 -8.59 32.82
C GLN A 450 2.88 -9.80 32.85
N GLU A 451 2.64 -10.74 31.94
CA GLU A 451 3.46 -11.94 31.80
C GLU A 451 4.91 -11.63 31.48
N GLU A 452 5.14 -10.61 30.65
CA GLU A 452 6.51 -10.19 30.32
C GLU A 452 7.19 -9.58 31.55
N LEU A 453 6.44 -8.78 32.30
CA LEU A 453 6.93 -8.19 33.53
C LEU A 453 7.31 -9.29 34.51
N LYS A 454 6.39 -10.22 34.74
CA LYS A 454 6.66 -11.39 35.56
C LYS A 454 7.98 -12.07 35.17
N LEU A 455 8.18 -12.34 33.88
CA LEU A 455 9.41 -12.97 33.43
C LEU A 455 10.59 -12.08 33.77
N LEU A 456 10.38 -10.77 33.67
CA LEU A 456 11.47 -9.82 33.84
C LEU A 456 11.84 -9.65 35.31
N THR A 457 10.84 -9.65 36.18
CA THR A 457 11.07 -9.52 37.61
C THR A 457 11.77 -10.77 38.12
N ARG A 458 11.35 -11.92 37.60
CA ARG A 458 11.99 -13.18 37.94
C ARG A 458 13.49 -13.10 37.61
N TRP A 459 13.80 -12.70 36.39
CA TRP A 459 15.18 -12.58 35.96
C TRP A 459 16.00 -11.69 36.88
N TRP A 460 15.42 -10.56 37.28
CA TRP A 460 16.11 -9.61 38.16
C TRP A 460 16.41 -10.23 39.53
N LYS A 461 15.52 -11.11 39.99
CA LYS A 461 15.73 -11.81 41.25
C LYS A 461 16.84 -12.86 41.14
N GLU A 462 16.66 -13.80 40.23
CA GLU A 462 17.59 -14.92 40.08
C GLU A 462 18.99 -14.48 39.64
N SER A 463 19.06 -13.55 38.70
CA SER A 463 20.33 -13.04 38.20
C SER A 463 21.27 -12.57 39.30
N GLY A 464 20.74 -12.41 40.51
CA GLY A 464 21.55 -11.97 41.63
C GLY A 464 21.82 -10.48 41.59
N MET A 465 21.25 -9.82 40.59
CA MET A 465 21.39 -8.38 40.46
C MET A 465 20.67 -7.62 41.57
N ALA A 466 20.02 -8.37 42.47
CA ALA A 466 19.38 -7.79 43.64
C ALA A 466 20.33 -6.80 44.32
N ASP A 467 21.60 -7.17 44.35
CA ASP A 467 22.66 -6.24 44.73
C ASP A 467 23.79 -6.33 43.71
N PHE A 470 17.16 -3.01 41.98
CA PHE A 470 16.23 -2.13 42.68
C PHE A 470 14.78 -2.60 42.51
N THR A 471 14.55 -3.87 42.84
CA THR A 471 13.22 -4.48 42.78
C THR A 471 12.58 -4.33 41.41
N ARG A 472 11.31 -4.73 41.28
CA ARG A 472 10.59 -4.62 40.03
C ARG A 472 10.35 -3.18 39.63
N HIS A 473 10.35 -2.29 40.63
CA HIS A 473 10.03 -0.89 40.39
C HIS A 473 11.03 -0.20 39.46
N ARG A 474 12.25 -0.74 39.41
CA ARG A 474 13.28 -0.20 38.53
C ARG A 474 13.25 -0.91 37.19
N VAL A 475 12.93 -2.21 37.19
CA VAL A 475 12.78 -2.96 35.96
C VAL A 475 11.51 -2.53 35.25
N ALA A 476 10.49 -2.14 36.01
CA ALA A 476 9.22 -1.75 35.43
C ALA A 476 9.35 -0.44 34.66
N GLU A 477 10.17 0.46 35.15
CA GLU A 477 10.37 1.75 34.50
C GLU A 477 11.11 1.58 33.18
N VAL A 478 12.10 0.69 33.14
CA VAL A 478 12.79 0.40 31.90
C VAL A 478 11.80 -0.27 30.94
N TYR A 479 11.06 -1.26 31.44
CA TYR A 479 10.03 -1.91 30.64
C TYR A 479 9.08 -0.89 30.04
N PHE A 480 8.45 -0.11 30.91
CA PHE A 480 7.56 0.98 30.48
C PHE A 480 8.18 1.82 29.36
N SER A 481 9.46 2.17 29.52
CA SER A 481 10.19 3.00 28.56
C SER A 481 10.36 2.37 27.17
N SER A 482 10.22 1.05 27.07
CA SER A 482 10.43 0.38 25.78
C SER A 482 9.53 0.98 24.71
N ALA A 483 8.37 1.49 25.13
CA ALA A 483 7.45 2.20 24.23
C ALA A 483 6.74 1.32 23.17
N THR A 484 7.51 0.55 22.42
CA THR A 484 6.97 -0.36 21.39
C THR A 484 6.23 -1.54 22.04
N PHE A 485 4.90 -1.52 21.96
CA PHE A 485 4.07 -2.37 22.81
C PHE A 485 3.43 -3.60 22.15
N GLU A 486 3.40 -3.65 20.82
CA GLU A 486 2.69 -4.72 20.09
C GLU A 486 3.10 -6.12 20.55
N PRO A 487 2.11 -7.00 20.77
CA PRO A 487 2.34 -8.38 21.21
C PRO A 487 3.46 -9.08 20.44
N GLU A 488 3.60 -8.86 19.14
CA GLU A 488 4.64 -9.54 18.34
C GLU A 488 6.08 -9.24 18.78
N TYR A 489 6.27 -8.18 19.56
CA TYR A 489 7.63 -7.69 19.85
C TYR A 489 8.09 -8.03 21.27
N SER A 490 7.57 -9.13 21.79
CA SER A 490 7.86 -9.54 23.16
C SER A 490 9.34 -9.79 23.43
N ALA A 491 9.97 -10.60 22.59
CA ALA A 491 11.39 -10.91 22.77
C ALA A 491 12.19 -9.61 22.72
N THR A 492 11.74 -8.67 21.89
CA THR A 492 12.41 -7.39 21.77
C THR A 492 12.30 -6.55 23.04
N ARG A 493 11.11 -6.51 23.63
CA ARG A 493 10.89 -5.72 24.85
C ARG A 493 11.64 -6.31 26.04
N ILE A 494 11.72 -7.63 26.09
CA ILE A 494 12.38 -8.30 27.22
C ILE A 494 13.89 -8.10 27.15
N ALA A 495 14.47 -8.25 25.97
CA ALA A 495 15.91 -8.06 25.80
C ALA A 495 16.27 -6.60 26.07
N PHE A 496 15.45 -5.68 25.58
CA PHE A 496 15.62 -4.26 25.86
C PHE A 496 15.66 -3.99 27.37
N THR A 497 14.66 -4.49 28.09
CA THR A 497 14.55 -4.23 29.51
C THR A 497 15.74 -4.75 30.30
N LYS A 498 16.19 -5.97 29.98
CA LYS A 498 17.36 -6.55 30.63
C LYS A 498 18.63 -5.77 30.35
N ILE A 499 18.87 -5.45 29.08
CA ILE A 499 20.03 -4.66 28.66
C ILE A 499 20.00 -3.28 29.32
N GLY A 500 18.82 -2.67 29.31
CA GLY A 500 18.59 -1.38 29.93
C GLY A 500 18.91 -1.40 31.41
N CYS A 501 18.37 -2.38 32.12
CA CYS A 501 18.63 -2.52 33.55
C CYS A 501 20.12 -2.65 33.82
N LEU A 502 20.82 -3.45 33.02
CA LEU A 502 22.26 -3.61 33.15
C LEU A 502 23.01 -2.31 32.91
N GLN A 503 22.60 -1.56 31.90
CA GLN A 503 23.22 -0.28 31.55
C GLN A 503 23.14 0.78 32.66
N VAL A 504 22.01 0.83 33.37
CA VAL A 504 21.88 1.70 34.53
C VAL A 504 22.95 1.34 35.55
N LEU A 505 23.17 0.02 35.68
CA LEU A 505 24.23 -0.51 36.50
C LEU A 505 25.62 -0.16 35.96
N PHE A 506 25.85 -0.41 34.67
CA PHE A 506 27.14 -0.09 34.04
C PHE A 506 27.46 1.40 34.21
N ASP A 507 26.44 2.24 34.15
CA ASP A 507 26.65 3.67 34.26
C ASP A 507 27.07 4.08 35.67
N ASP A 508 26.37 3.57 36.68
CA ASP A 508 26.70 3.83 38.08
C ASP A 508 28.12 3.37 38.34
N MET A 509 28.52 2.32 37.64
CA MET A 509 29.87 1.77 37.72
C MET A 509 30.87 2.72 37.05
N ALA A 510 30.44 3.31 35.94
CA ALA A 510 31.33 4.16 35.13
C ALA A 510 31.53 5.57 35.70
N ASP A 511 30.52 6.09 36.40
CA ASP A 511 30.64 7.46 36.93
C ASP A 511 30.53 7.54 38.44
N ILE A 512 30.49 6.41 39.12
CA ILE A 512 30.46 6.41 40.58
C ILE A 512 31.49 5.48 41.24
N PHE A 513 31.33 4.17 41.05
CA PHE A 513 32.07 3.21 41.87
C PHE A 513 33.47 2.79 41.36
N ALA A 514 33.60 2.56 40.06
CA ALA A 514 34.84 1.99 39.55
C ALA A 514 35.96 3.02 39.47
N THR A 515 37.19 2.55 39.64
CA THR A 515 38.37 3.37 39.38
C THR A 515 38.60 3.33 37.87
N LEU A 516 39.39 4.28 37.37
CA LEU A 516 39.70 4.33 35.96
C LEU A 516 40.25 2.98 35.50
N ASP A 517 41.12 2.39 36.32
CA ASP A 517 41.72 1.10 35.99
C ASP A 517 40.68 -0.02 35.98
N GLU A 518 39.85 -0.08 37.02
CA GLU A 518 38.80 -1.09 37.06
C GLU A 518 37.88 -0.98 35.85
N LEU A 519 37.60 0.26 35.43
CA LEU A 519 36.73 0.51 34.28
C LEU A 519 37.40 0.06 33.00
N LYS A 520 38.65 0.49 32.80
CA LYS A 520 39.42 0.08 31.63
C LYS A 520 39.47 -1.44 31.52
N SER A 521 39.74 -2.12 32.62
CA SER A 521 39.79 -3.57 32.63
C SER A 521 38.46 -4.17 32.16
N PHE A 522 37.36 -3.60 32.65
CA PHE A 522 36.02 -4.05 32.29
C PHE A 522 35.79 -3.96 30.79
N THR A 523 36.13 -2.82 30.20
CA THR A 523 35.87 -2.63 28.78
C THR A 523 36.82 -3.46 27.93
N GLU A 524 37.97 -3.80 28.50
CA GLU A 524 38.88 -4.73 27.83
C GLU A 524 38.20 -6.10 27.78
N GLY A 525 37.54 -6.46 28.88
CA GLY A 525 36.75 -7.68 28.91
C GLY A 525 35.66 -7.70 27.85
N VAL A 526 35.09 -6.53 27.56
CA VAL A 526 34.08 -6.43 26.51
C VAL A 526 34.70 -6.53 25.11
N LYS A 527 35.81 -5.83 24.94
CA LYS A 527 36.55 -5.82 23.67
C LYS A 527 37.01 -7.23 23.31
N ARG A 528 37.33 -8.03 24.32
CA ARG A 528 37.71 -9.41 24.10
C ARG A 528 36.50 -10.32 24.01
N TRP A 529 35.38 -9.87 24.57
CA TRP A 529 34.15 -10.64 24.58
C TRP A 529 34.38 -12.03 25.18
N ASP A 530 35.01 -12.06 26.34
CA ASP A 530 35.15 -13.29 27.12
C ASP A 530 35.30 -12.95 28.60
N THR A 531 35.66 -13.94 29.40
CA THR A 531 35.76 -13.76 30.84
C THR A 531 37.20 -13.95 31.32
N SER A 532 38.16 -13.69 30.44
CA SER A 532 39.58 -13.87 30.76
C SER A 532 40.09 -12.87 31.79
N LEU A 533 39.50 -11.67 31.80
CA LEU A 533 40.00 -10.60 32.66
C LEU A 533 39.12 -10.36 33.87
N LEU A 534 38.31 -11.35 34.23
CA LEU A 534 37.42 -11.22 35.37
C LEU A 534 38.20 -10.94 36.65
N HIS A 535 39.42 -11.43 36.71
CA HIS A 535 40.23 -11.34 37.93
C HIS A 535 40.68 -9.91 38.25
N GLU A 536 40.85 -9.10 37.21
CA GLU A 536 41.37 -7.74 37.37
C GLU A 536 40.42 -6.78 38.08
N ILE A 537 39.16 -7.16 38.19
CA ILE A 537 38.14 -6.27 38.74
C ILE A 537 37.51 -6.82 40.03
N PRO A 538 37.07 -5.93 40.91
CA PRO A 538 36.52 -6.32 42.21
C PRO A 538 35.39 -7.35 42.06
N GLU A 539 34.98 -7.94 43.18
CA GLU A 539 33.95 -8.97 43.15
C GLU A 539 32.63 -8.49 42.53
N CYS A 540 32.15 -7.33 42.95
CA CYS A 540 30.84 -6.85 42.53
C CYS A 540 30.73 -6.61 41.02
N MET A 541 31.81 -6.11 40.42
CA MET A 541 31.82 -5.87 38.99
C MET A 541 31.98 -7.20 38.22
N GLN A 542 32.58 -8.18 38.86
CA GLN A 542 32.68 -9.53 38.30
C GLN A 542 31.28 -10.10 38.10
N THR A 543 30.42 -9.93 39.10
CA THR A 543 29.06 -10.44 39.01
C THR A 543 28.30 -9.77 37.86
N CYS A 544 28.38 -8.44 37.76
CA CYS A 544 27.74 -7.71 36.67
C CYS A 544 28.18 -8.25 35.33
N PHE A 545 29.50 -8.35 35.15
CA PHE A 545 30.05 -8.79 33.88
C PHE A 545 29.49 -10.17 33.51
N LYS A 546 29.36 -11.04 34.51
CA LYS A 546 28.91 -12.40 34.28
C LYS A 546 27.42 -12.47 33.93
N VAL A 547 26.60 -11.72 34.66
CA VAL A 547 25.19 -11.63 34.30
C VAL A 547 25.08 -11.10 32.88
N TRP A 548 25.84 -10.05 32.59
CA TRP A 548 25.81 -9.43 31.27
C TRP A 548 26.24 -10.42 30.19
N PHE A 549 27.37 -11.08 30.41
CA PHE A 549 27.94 -11.98 29.42
C PHE A 549 27.04 -13.20 29.18
N LYS A 550 26.45 -13.72 30.24
CA LYS A 550 25.48 -14.81 30.12
C LYS A 550 24.28 -14.37 29.27
N LEU A 551 23.77 -13.17 29.55
CA LEU A 551 22.66 -12.61 28.78
C LEU A 551 23.01 -12.49 27.30
N MET A 552 24.23 -12.06 27.00
CA MET A 552 24.65 -11.88 25.60
C MET A 552 24.51 -13.19 24.83
N GLU A 553 24.94 -14.30 25.45
CA GLU A 553 24.90 -15.60 24.80
C GLU A 553 23.45 -15.99 24.49
N GLU A 554 22.59 -15.89 25.49
CA GLU A 554 21.17 -16.16 25.34
C GLU A 554 20.49 -15.30 24.28
N VAL A 555 20.72 -13.98 24.33
CA VAL A 555 20.16 -13.06 23.34
C VAL A 555 20.68 -13.32 21.94
N ASN A 556 22.00 -13.50 21.84
CA ASN A 556 22.64 -13.74 20.54
C ASN A 556 22.17 -15.03 19.86
N ASN A 557 21.93 -16.07 20.65
CA ASN A 557 21.29 -17.28 20.11
C ASN A 557 19.89 -16.99 19.58
N ASP A 558 19.10 -16.24 20.35
CA ASP A 558 17.78 -15.82 19.87
C ASP A 558 17.87 -15.01 18.57
N VAL A 559 18.88 -14.12 18.50
CA VAL A 559 19.13 -13.33 17.30
C VAL A 559 19.40 -14.20 16.06
N VAL A 560 20.15 -15.28 16.24
CA VAL A 560 20.41 -16.19 15.12
C VAL A 560 19.09 -16.80 14.63
N LYS A 561 18.21 -17.12 15.56
CA LYS A 561 16.89 -17.65 15.22
C LYS A 561 16.03 -16.69 14.41
N VAL A 562 16.00 -15.42 14.80
CA VAL A 562 15.18 -14.44 14.09
C VAL A 562 15.85 -13.97 12.81
N GLN A 563 17.16 -13.73 12.88
CA GLN A 563 17.92 -13.16 11.77
C GLN A 563 18.43 -14.20 10.78
N GLY A 564 18.44 -15.47 11.20
CA GLY A 564 18.79 -16.56 10.30
C GLY A 564 20.27 -16.82 10.13
N ARG A 565 21.09 -16.02 10.82
CA ARG A 565 22.54 -16.20 10.79
C ARG A 565 23.22 -15.41 11.91
N ASP A 566 24.50 -15.69 12.11
CA ASP A 566 25.28 -15.05 13.16
C ASP A 566 25.32 -13.54 12.97
N MET A 567 25.14 -12.80 14.07
CA MET A 567 25.21 -11.35 14.04
C MET A 567 26.22 -10.82 15.08
N LEU A 568 26.97 -11.73 15.68
CA LEU A 568 27.91 -11.35 16.75
C LEU A 568 28.80 -10.15 16.38
N ALA A 569 29.30 -10.13 15.15
CA ALA A 569 30.22 -9.06 14.75
C ALA A 569 29.54 -7.69 14.76
N HIS A 570 28.27 -7.64 14.38
CA HIS A 570 27.50 -6.40 14.41
C HIS A 570 27.25 -6.00 15.86
N ILE A 571 26.88 -6.99 16.66
CA ILE A 571 26.45 -6.76 18.04
C ILE A 571 27.57 -6.28 18.97
N ARG A 572 28.80 -6.75 18.75
CA ARG A 572 29.92 -6.33 19.59
C ARG A 572 30.26 -4.85 19.47
N LYS A 573 29.99 -4.25 18.31
CA LYS A 573 30.42 -2.88 18.04
C LYS A 573 29.82 -1.82 18.99
N PRO A 574 28.49 -1.82 19.16
CA PRO A 574 27.84 -0.85 20.05
C PRO A 574 28.30 -1.00 21.50
N TRP A 575 28.64 -2.23 21.90
CA TRP A 575 29.09 -2.45 23.26
C TRP A 575 30.47 -1.85 23.49
N GLU A 576 31.37 -2.07 22.54
CA GLU A 576 32.71 -1.51 22.61
C GLU A 576 32.67 0.03 22.58
N LEU A 577 31.90 0.58 21.63
CA LEU A 577 31.81 2.04 21.46
C LEU A 577 31.29 2.67 22.75
N TYR A 578 30.34 1.99 23.37
CA TYR A 578 29.69 2.49 24.57
C TYR A 578 30.62 2.49 25.80
N PHE A 579 31.40 1.41 25.96
CA PHE A 579 32.37 1.33 27.06
C PHE A 579 33.62 2.18 26.84
N ASN A 580 34.11 2.23 25.61
CA ASN A 580 35.18 3.17 25.25
C ASN A 580 34.82 4.62 25.57
N CYS A 581 33.57 4.99 25.29
CA CYS A 581 33.10 6.33 25.64
C CYS A 581 33.05 6.54 27.15
N TYR A 582 32.74 5.47 27.90
CA TYR A 582 32.78 5.55 29.36
C TYR A 582 34.18 5.88 29.89
N VAL A 583 35.20 5.15 29.44
CA VAL A 583 36.55 5.42 29.92
C VAL A 583 37.01 6.81 29.49
N GLN A 584 36.53 7.26 28.33
CA GLN A 584 36.84 8.59 27.84
C GLN A 584 36.24 9.66 28.76
N GLU A 585 35.01 9.45 29.20
CA GLU A 585 34.44 10.32 30.24
C GLU A 585 35.43 10.44 31.38
N ARG A 586 35.92 9.29 31.84
CA ARG A 586 36.80 9.24 33.01
C ARG A 586 38.21 9.77 32.74
N GLU A 587 38.66 9.61 31.51
CA GLU A 587 39.95 10.12 31.11
C GLU A 587 39.93 11.64 31.23
N TRP A 588 38.85 12.26 30.76
CA TRP A 588 38.70 13.72 30.88
C TRP A 588 38.65 14.15 32.34
N LEU A 589 37.83 13.48 33.14
CA LEU A 589 37.70 13.81 34.56
C LEU A 589 39.06 13.73 35.26
N GLU A 590 39.79 12.65 35.04
CA GLU A 590 41.11 12.51 35.63
C GLU A 590 42.02 13.68 35.25
N ALA A 591 41.93 14.11 33.99
CA ALA A 591 42.73 15.23 33.50
C ALA A 591 42.20 16.59 33.94
N GLY A 592 40.96 16.60 34.41
CA GLY A 592 40.31 17.84 34.81
C GLY A 592 39.95 18.68 33.59
N TYR A 593 39.86 18.03 32.44
CA TYR A 593 39.57 18.72 31.18
C TYR A 593 38.07 18.89 30.93
N ILE A 594 37.68 20.11 30.59
CA ILE A 594 36.30 20.41 30.22
C ILE A 594 36.28 20.64 28.71
N PRO A 595 35.67 19.71 27.97
CA PRO A 595 35.70 19.76 26.50
C PRO A 595 34.80 20.87 25.99
N THR A 596 34.90 21.17 24.69
CA THR A 596 33.93 22.06 24.05
C THR A 596 32.56 21.36 23.96
N PHE A 597 31.49 22.12 23.73
CA PHE A 597 30.16 21.52 23.61
C PHE A 597 30.21 20.39 22.57
N GLU A 598 30.84 20.65 21.43
CA GLU A 598 30.91 19.70 20.32
C GLU A 598 31.73 18.45 20.65
N GLU A 599 32.93 18.67 21.18
CA GLU A 599 33.77 17.58 21.63
C GLU A 599 32.99 16.72 22.61
N TYR A 600 32.33 17.38 23.56
CA TYR A 600 31.54 16.74 24.61
C TYR A 600 30.50 15.78 24.03
N LEU A 601 29.71 16.27 23.08
CA LEU A 601 28.67 15.46 22.44
C LEU A 601 29.25 14.24 21.72
N LYS A 602 30.42 14.39 21.12
CA LYS A 602 31.02 13.28 20.37
C LYS A 602 31.10 12.02 21.25
N THR A 603 31.46 12.22 22.51
CA THR A 603 31.62 11.12 23.47
C THR A 603 30.32 10.83 24.23
N TYR A 604 29.70 11.86 24.78
CA TYR A 604 28.52 11.69 25.61
C TYR A 604 27.24 11.37 24.85
N ALA A 605 27.15 11.75 23.58
CA ALA A 605 25.96 11.42 22.80
C ALA A 605 25.88 9.91 22.57
N ILE A 606 27.02 9.23 22.69
CA ILE A 606 27.09 7.76 22.59
C ILE A 606 27.01 7.13 23.99
N SER A 607 27.73 7.71 24.94
CA SER A 607 27.76 7.19 26.31
C SER A 607 26.37 7.15 26.95
N VAL A 608 25.44 7.92 26.39
CA VAL A 608 24.07 7.94 26.91
C VAL A 608 23.36 6.58 26.69
N GLY A 609 23.90 5.78 25.77
CA GLY A 609 23.58 4.37 25.70
C GLY A 609 22.47 3.92 24.76
N LEU A 610 22.18 4.70 23.73
CA LEU A 610 21.14 4.28 22.78
C LEU A 610 21.55 3.03 21.97
N GLY A 611 22.86 2.86 21.72
CA GLY A 611 23.36 1.77 20.90
C GLY A 611 23.10 0.36 21.42
N PRO A 612 23.61 0.03 22.62
CA PRO A 612 23.45 -1.33 23.17
C PRO A 612 21.99 -1.71 23.45
N CYS A 613 21.14 -0.76 23.80
CA CYS A 613 19.77 -1.13 24.16
C CYS A 613 18.89 -1.24 22.94
N THR A 614 19.45 -0.98 21.76
CA THR A 614 18.67 -1.06 20.52
C THR A 614 19.09 -2.13 19.53
N LEU A 615 20.39 -2.39 19.35
CA LEU A 615 20.80 -3.32 18.29
C LEU A 615 20.27 -4.74 18.48
N GLN A 616 20.60 -5.37 19.59
CA GLN A 616 20.11 -6.72 19.84
C GLN A 616 18.57 -6.78 19.79
N PRO A 617 17.88 -5.84 20.48
CA PRO A 617 16.41 -5.83 20.46
C PRO A 617 15.77 -5.65 19.08
N ILE A 618 16.23 -4.72 18.26
CA ILE A 618 15.67 -4.59 16.92
C ILE A 618 15.93 -5.85 16.07
N LEU A 619 16.99 -6.58 16.41
CA LEU A 619 17.33 -7.79 15.68
C LEU A 619 16.42 -8.94 16.09
N LEU A 620 15.50 -8.67 17.01
CA LEU A 620 14.57 -9.69 17.52
C LEU A 620 13.11 -9.38 17.18
N MET A 621 12.86 -8.24 16.52
CA MET A 621 11.49 -7.85 16.22
C MET A 621 10.83 -8.76 15.19
N GLY A 622 11.62 -9.31 14.28
CA GLY A 622 11.10 -10.20 13.25
C GLY A 622 11.53 -9.81 11.86
N GLU A 623 11.68 -8.51 11.61
CA GLU A 623 12.12 -8.03 10.31
C GLU A 623 13.57 -8.41 10.06
N LEU A 624 13.87 -8.80 8.82
CA LEU A 624 15.23 -9.15 8.43
C LEU A 624 16.05 -7.87 8.34
N VAL A 625 17.20 -7.88 9.01
CA VAL A 625 18.11 -6.74 8.95
C VAL A 625 19.38 -7.20 8.25
N LYS A 626 19.53 -6.78 7.00
CA LYS A 626 20.67 -7.18 6.19
C LYS A 626 21.95 -6.49 6.65
N ASP A 627 23.09 -7.13 6.40
CA ASP A 627 24.39 -6.62 6.82
C ASP A 627 24.59 -5.13 6.49
N ASP A 628 24.26 -4.73 5.26
CA ASP A 628 24.47 -3.34 4.85
C ASP A 628 23.40 -2.37 5.36
N VAL A 629 22.33 -2.91 5.94
CA VAL A 629 21.24 -2.07 6.48
C VAL A 629 21.46 -1.67 7.94
N VAL A 630 22.16 -2.52 8.70
CA VAL A 630 22.49 -2.21 10.10
C VAL A 630 22.82 -0.73 10.34
N GLU A 631 23.75 -0.20 9.55
CA GLU A 631 24.19 1.18 9.71
C GLU A 631 23.15 2.20 9.22
N LYS A 632 22.20 1.75 8.42
CA LYS A 632 21.17 2.64 7.90
C LYS A 632 20.08 2.88 8.93
N VAL A 633 19.86 1.91 9.81
CA VAL A 633 18.80 1.98 10.81
C VAL A 633 19.36 2.22 12.23
N HIS A 634 20.53 1.67 12.51
CA HIS A 634 21.18 1.86 13.80
C HIS A 634 22.23 2.98 13.69
N TYR A 635 23.35 2.83 14.38
CA TYR A 635 24.46 3.79 14.32
C TYR A 635 25.24 3.66 13.00
N PRO A 636 25.61 4.79 12.38
CA PRO A 636 25.37 6.17 12.80
C PRO A 636 24.35 6.90 11.92
N SER A 637 23.24 6.27 11.58
CA SER A 637 22.21 6.96 10.79
C SER A 637 21.77 8.25 11.49
N ASN A 638 21.25 9.20 10.71
CA ASN A 638 20.83 10.49 11.24
C ASN A 638 19.78 10.36 12.35
N MET A 639 18.70 9.63 12.07
CA MET A 639 17.62 9.49 13.06
C MET A 639 18.15 8.93 14.39
N PHE A 640 19.02 7.94 14.29
CA PHE A 640 19.70 7.39 15.45
C PHE A 640 20.51 8.45 16.21
N GLU A 641 21.36 9.18 15.50
CA GLU A 641 22.14 10.25 16.13
C GLU A 641 21.21 11.22 16.86
N LEU A 642 20.17 11.66 16.16
CA LEU A 642 19.25 12.66 16.69
C LEU A 642 18.60 12.21 18.01
N VAL A 643 18.14 10.96 18.05
CA VAL A 643 17.54 10.40 19.26
C VAL A 643 18.58 10.36 20.36
N SER A 644 19.77 9.88 20.01
CA SER A 644 20.89 9.85 20.96
C SER A 644 21.12 11.23 21.55
N LEU A 645 21.04 12.26 20.70
CA LEU A 645 21.25 13.65 21.10
C LEU A 645 20.16 14.14 22.06
N SER A 646 18.90 13.84 21.73
CA SER A 646 17.80 14.23 22.60
C SER A 646 17.95 13.56 23.97
N TRP A 647 18.32 12.30 23.97
CA TRP A 647 18.62 11.57 25.20
C TRP A 647 19.69 12.27 26.03
N ARG A 648 20.86 12.50 25.42
CA ARG A 648 21.98 13.09 26.13
C ARG A 648 21.60 14.45 26.74
N LEU A 649 21.16 15.37 25.89
CA LEU A 649 20.99 16.74 26.34
C LEU A 649 19.84 16.85 27.34
N THR A 650 18.72 16.19 27.07
CA THR A 650 17.61 16.24 28.02
C THR A 650 18.01 15.66 29.37
N ASN A 651 18.74 14.55 29.34
CA ASN A 651 19.29 13.97 30.55
C ASN A 651 20.20 14.94 31.31
N ASP A 652 21.09 15.62 30.60
CA ASP A 652 21.95 16.63 31.21
C ASP A 652 21.16 17.66 32.02
N THR A 653 20.15 18.26 31.40
CA THR A 653 19.41 19.34 32.06
C THR A 653 18.87 18.95 33.44
N LYS A 654 18.43 17.71 33.60
CA LYS A 654 17.82 17.33 34.87
C LYS A 654 18.76 16.59 35.81
N THR A 655 19.94 16.20 35.35
CA THR A 655 20.83 15.46 36.24
C THR A 655 22.22 16.06 36.46
N TYR A 656 22.53 17.17 35.80
CA TYR A 656 23.88 17.74 35.92
C TYR A 656 24.20 18.27 37.33
N GLN A 657 23.17 18.72 38.03
CA GLN A 657 23.32 19.29 39.36
C GLN A 657 23.70 18.24 40.40
N ALA A 658 23.04 17.08 40.32
CA ALA A 658 23.31 16.01 41.27
C ALA A 658 24.63 15.31 40.94
N GLU A 659 25.00 15.29 39.66
CA GLU A 659 26.27 14.69 39.24
C GLU A 659 27.48 15.56 39.59
N LYS A 660 27.30 16.86 39.55
CA LYS A 660 28.39 17.78 39.88
C LYS A 660 28.71 17.74 41.38
N ALA A 661 27.68 17.49 42.19
CA ALA A 661 27.88 17.37 43.63
C ALA A 661 28.56 16.04 43.94
N ARG A 662 28.43 15.09 43.02
CA ARG A 662 29.09 13.79 43.17
C ARG A 662 30.51 13.81 42.61
N GLY A 663 30.91 14.93 42.01
CA GLY A 663 32.27 15.07 41.52
C GLY A 663 32.46 15.20 40.02
N GLN A 664 31.46 14.80 39.23
CA GLN A 664 31.54 14.92 37.77
C GLN A 664 31.74 16.39 37.37
N GLN A 665 32.39 16.63 36.23
CA GLN A 665 32.63 17.98 35.76
C GLN A 665 31.96 18.28 34.41
N ALA A 666 32.31 17.50 33.39
CA ALA A 666 31.79 17.72 32.04
C ALA A 666 30.27 17.60 32.00
N SER A 667 29.62 18.53 31.32
CA SER A 667 28.21 18.39 30.97
C SER A 667 27.81 19.35 29.84
N GLY A 668 26.59 19.20 29.36
CA GLY A 668 26.09 20.09 28.33
C GLY A 668 26.08 21.52 28.84
N ILE A 669 25.88 21.68 30.14
CA ILE A 669 25.83 23.00 30.74
C ILE A 669 27.23 23.59 30.92
N ALA A 670 28.13 22.81 31.49
CA ALA A 670 29.50 23.27 31.74
C ALA A 670 30.25 23.53 30.43
N CYS A 671 30.10 22.65 29.46
CA CYS A 671 30.80 22.80 28.19
C CYS A 671 30.29 23.97 27.36
N TYR A 672 28.98 24.23 27.41
CA TYR A 672 28.43 25.40 26.75
C TYR A 672 28.93 26.67 27.40
N MET A 673 28.92 26.70 28.73
CA MET A 673 29.37 27.87 29.46
C MET A 673 30.85 28.13 29.21
N LYS A 674 31.63 27.06 29.01
CA LYS A 674 33.05 27.21 28.73
C LYS A 674 33.26 27.79 27.34
N ASP A 675 32.46 27.34 26.38
CA ASP A 675 32.52 27.85 25.02
C ASP A 675 32.02 29.30 24.90
N ASN A 676 31.11 29.70 25.79
CA ASN A 676 30.43 30.99 25.67
C ASN A 676 30.56 31.87 26.91
N PRO A 677 31.66 32.64 26.98
CA PRO A 677 31.97 33.51 28.12
C PRO A 677 30.78 34.41 28.47
N GLY A 678 30.38 34.37 29.74
CA GLY A 678 29.33 35.25 30.21
C GLY A 678 28.00 34.54 30.34
N ALA A 679 27.86 33.45 29.60
CA ALA A 679 26.66 32.63 29.63
C ALA A 679 26.46 32.04 31.02
N THR A 680 25.21 32.06 31.49
CA THR A 680 24.86 31.47 32.77
C THR A 680 24.39 30.04 32.54
N GLU A 681 24.10 29.34 33.63
CA GLU A 681 23.56 28.00 33.51
C GLU A 681 22.20 28.07 32.83
N GLU A 682 21.45 29.13 33.13
CA GLU A 682 20.15 29.36 32.50
C GLU A 682 20.26 29.55 30.98
N ASP A 683 21.25 30.32 30.55
CA ASP A 683 21.55 30.45 29.12
C ASP A 683 21.86 29.07 28.50
N ALA A 684 22.67 28.27 29.18
CA ALA A 684 22.99 26.93 28.69
C ALA A 684 21.75 26.04 28.53
N ILE A 685 20.92 25.98 29.58
CA ILE A 685 19.71 25.18 29.53
C ILE A 685 18.78 25.63 28.40
N LYS A 686 18.66 26.94 28.22
CA LYS A 686 17.78 27.48 27.17
C LYS A 686 18.26 27.12 25.78
N HIS A 687 19.56 27.25 25.55
CA HIS A 687 20.14 26.81 24.27
C HIS A 687 20.01 25.30 24.07
N ILE A 688 20.27 24.55 25.13
CA ILE A 688 20.17 23.10 25.06
C ILE A 688 18.77 22.63 24.65
N CYS A 689 17.74 23.19 25.29
CA CYS A 689 16.36 22.80 24.98
C CYS A 689 15.97 23.14 23.54
N ARG A 690 16.55 24.22 23.01
CA ARG A 690 16.31 24.55 21.60
C ARG A 690 16.94 23.50 20.70
N VAL A 691 18.14 23.07 21.06
CA VAL A 691 18.80 21.98 20.34
C VAL A 691 17.96 20.69 20.42
N VAL A 692 17.52 20.35 21.63
CA VAL A 692 16.70 19.15 21.80
C VAL A 692 15.41 19.27 20.99
N ASP A 693 14.73 20.41 21.08
CA ASP A 693 13.49 20.64 20.36
C ASP A 693 13.68 20.44 18.86
N ARG A 694 14.70 21.09 18.30
CA ARG A 694 15.01 20.89 16.87
C ARG A 694 15.37 19.45 16.54
N ALA A 695 16.06 18.77 17.46
CA ALA A 695 16.49 17.38 17.25
C ALA A 695 15.30 16.42 17.15
N LEU A 696 14.30 16.63 17.99
CA LEU A 696 13.08 15.84 17.95
C LEU A 696 12.36 16.01 16.62
N LYS A 697 12.32 17.25 16.13
CA LYS A 697 11.62 17.54 14.89
C LYS A 697 12.35 16.96 13.68
N GLU A 698 13.67 16.99 13.70
CA GLU A 698 14.47 16.45 12.60
C GLU A 698 14.38 14.92 12.59
N ALA A 699 14.31 14.32 13.78
CA ALA A 699 14.16 12.86 13.86
C ALA A 699 12.83 12.43 13.25
N SER A 700 11.80 13.24 13.45
CA SER A 700 10.49 12.97 12.84
C SER A 700 10.62 13.02 11.32
N PHE A 701 11.27 14.06 10.82
CA PHE A 701 11.52 14.18 9.39
C PHE A 701 12.28 12.96 8.88
N GLU A 702 13.25 12.50 9.65
CA GLU A 702 14.04 11.33 9.25
C GLU A 702 13.18 10.08 9.33
N TYR A 703 12.35 10.00 10.36
CA TYR A 703 11.51 8.83 10.57
C TYR A 703 10.51 8.64 9.44
N PHE A 704 9.84 9.72 9.05
CA PHE A 704 8.80 9.66 8.03
C PHE A 704 9.31 9.64 6.59
N LYS A 705 10.60 9.95 6.41
CA LYS A 705 11.21 9.96 5.09
C LYS A 705 11.04 8.61 4.39
N PRO A 706 10.74 8.64 3.08
CA PRO A 706 10.60 7.40 2.32
C PRO A 706 11.90 6.57 2.33
N SER A 707 11.77 5.27 2.59
CA SER A 707 12.93 4.39 2.58
C SER A 707 12.66 3.06 1.89
N ASN A 708 13.64 2.58 1.15
CA ASN A 708 13.49 1.35 0.40
C ASN A 708 13.89 0.11 1.18
N ASP A 709 14.88 0.26 2.07
CA ASP A 709 15.52 -0.91 2.68
C ASP A 709 15.54 -0.92 4.20
N ILE A 710 15.10 0.18 4.82
CA ILE A 710 15.07 0.23 6.28
C ILE A 710 13.77 -0.35 6.79
N PRO A 711 13.86 -1.46 7.55
CA PRO A 711 12.67 -2.11 8.10
C PRO A 711 11.91 -1.15 9.02
N MET A 712 10.60 -1.03 8.80
CA MET A 712 9.78 -0.03 9.47
C MET A 712 9.65 -0.28 10.96
N GLY A 713 9.49 -1.55 11.33
CA GLY A 713 9.38 -1.93 12.73
C GLY A 713 10.65 -1.51 13.46
N CYS A 714 11.78 -1.95 12.95
CA CYS A 714 13.08 -1.59 13.51
C CYS A 714 13.25 -0.08 13.60
N LYS A 715 12.94 0.64 12.52
CA LYS A 715 13.01 2.10 12.55
C LYS A 715 12.09 2.67 13.65
N SER A 716 10.87 2.14 13.75
CA SER A 716 9.90 2.60 14.75
C SER A 716 10.35 2.37 16.20
N PHE A 717 11.08 1.28 16.44
CA PHE A 717 11.49 0.97 17.80
C PHE A 717 12.56 1.94 18.28
N ILE A 718 13.49 2.26 17.38
CA ILE A 718 14.49 3.28 17.68
C ILE A 718 13.80 4.63 17.90
N PHE A 719 12.90 4.99 16.99
CA PHE A 719 12.28 6.32 17.01
C PHE A 719 11.46 6.54 18.28
N ASN A 720 10.73 5.52 18.69
CA ASN A 720 9.85 5.66 19.85
C ASN A 720 10.57 5.53 21.20
N LEU A 721 11.87 5.24 21.15
CA LEU A 721 12.71 5.32 22.35
C LEU A 721 13.03 6.77 22.78
N ARG A 722 12.78 7.72 21.89
CA ARG A 722 12.96 9.14 22.24
C ARG A 722 11.95 9.55 23.31
N LEU A 723 10.82 8.85 23.36
CA LEU A 723 9.70 9.21 24.23
C LEU A 723 10.03 9.12 25.71
N CYS A 724 10.73 8.05 26.10
CA CYS A 724 10.92 7.77 27.51
C CYS A 724 11.70 8.85 28.24
N VAL A 725 12.72 9.38 27.59
CA VAL A 725 13.55 10.41 28.22
C VAL A 725 12.75 11.70 28.39
N GLN A 726 11.96 12.04 27.36
CA GLN A 726 11.18 13.27 27.38
C GLN A 726 10.13 13.23 28.49
N ILE A 727 9.45 12.10 28.62
CA ILE A 727 8.41 12.02 29.65
C ILE A 727 9.02 11.92 31.06
N PHE A 728 10.13 11.21 31.17
CA PHE A 728 10.74 11.01 32.48
C PHE A 728 11.12 12.33 33.15
N TYR A 729 11.82 13.19 32.42
CA TYR A 729 12.37 14.42 33.00
C TYR A 729 11.47 15.65 32.92
N LYS A 730 10.43 15.59 32.10
CA LYS A 730 9.55 16.74 31.91
C LYS A 730 9.02 17.35 33.22
N PHE A 731 8.64 16.48 34.16
CA PHE A 731 7.98 16.95 35.37
C PHE A 731 8.88 17.09 36.59
N ILE A 732 10.20 17.11 36.36
CA ILE A 732 11.14 17.44 37.43
C ILE A 732 11.27 18.95 37.49
N ASP A 733 10.83 19.54 38.60
CA ASP A 733 10.57 20.99 38.65
C ASP A 733 11.75 21.94 38.89
N GLY A 734 12.98 21.49 38.69
CA GLY A 734 14.09 22.42 38.81
C GLY A 734 14.50 22.68 40.24
N TYR A 735 13.64 22.30 41.17
CA TYR A 735 14.06 22.13 42.55
C TYR A 735 14.53 20.69 42.70
N GLY A 736 14.24 19.89 41.67
CA GLY A 736 14.62 18.49 41.66
C GLY A 736 13.48 17.60 42.08
N ILE A 737 12.33 18.22 42.35
CA ILE A 737 11.17 17.46 42.79
C ILE A 737 10.40 16.92 41.60
N ALA A 738 10.32 15.59 41.50
CA ALA A 738 9.55 14.94 40.45
C ALA A 738 8.06 15.05 40.76
N ASN A 739 7.38 15.96 40.07
CA ASN A 739 5.95 16.17 40.27
C ASN A 739 5.16 14.95 39.81
N GLU A 740 5.46 14.50 38.59
CA GLU A 740 4.86 13.29 38.06
C GLU A 740 5.97 12.25 37.91
N GLU A 741 5.71 11.02 38.34
CA GLU A 741 6.69 9.95 38.23
C GLU A 741 6.17 8.74 37.44
N ILE A 742 7.08 8.09 36.71
CA ILE A 742 6.73 6.91 35.93
C ILE A 742 6.05 5.83 36.78
N LYS A 743 6.35 5.85 38.06
CA LYS A 743 5.77 4.88 39.00
C LYS A 743 4.24 4.86 38.93
N ASP A 744 3.65 6.01 38.63
CA ASP A 744 2.20 6.14 38.69
C ASP A 744 1.50 5.69 37.40
N TYR A 745 2.19 5.79 36.27
CA TYR A 745 1.65 5.32 35.01
C TYR A 745 1.63 3.79 34.97
N ILE A 746 2.50 3.16 35.75
CA ILE A 746 2.64 1.71 35.70
C ILE A 746 1.34 0.98 36.08
N ARG A 747 0.70 1.40 37.16
CA ARG A 747 -0.56 0.79 37.54
C ARG A 747 -1.61 0.93 36.42
N LYS A 748 -1.69 2.12 35.85
CA LYS A 748 -2.69 2.42 34.82
C LYS A 748 -2.46 1.68 33.52
N VAL A 749 -1.21 1.54 33.13
CA VAL A 749 -0.88 0.90 31.87
C VAL A 749 -0.79 -0.62 31.99
N TYR A 750 -0.22 -1.11 33.09
CA TYR A 750 0.11 -2.54 33.20
C TYR A 750 -0.68 -3.35 34.23
N ILE A 751 -1.25 -2.71 35.25
CA ILE A 751 -1.85 -3.45 36.36
C ILE A 751 -3.38 -3.43 36.46
N ASP A 752 -3.97 -2.25 36.36
CA ASP A 752 -5.43 -2.11 36.42
C ASP A 752 -6.02 -2.40 35.05
N PRO A 753 -6.99 -3.33 34.99
CA PRO A 753 -7.68 -3.61 33.73
C PRO A 753 -8.79 -2.59 33.52
N ILE A 754 -9.34 -2.54 32.31
CA ILE A 754 -10.40 -1.59 32.02
C ILE A 754 -11.76 -2.26 32.19
N GLN A 755 -12.59 -1.68 33.05
CA GLN A 755 -13.94 -2.19 33.29
C GLN A 755 -14.65 -2.46 31.97
N VAL A 756 -14.97 -3.73 31.72
CA VAL A 756 -15.70 -4.10 30.53
C VAL A 756 -17.06 -4.70 30.86
N THR B 5 -5.90 -38.91 -34.17
CA THR B 5 -6.53 -37.65 -34.55
C THR B 5 -6.26 -36.57 -33.51
N TYR B 6 -6.43 -35.31 -33.92
CA TYR B 6 -6.14 -34.17 -33.06
C TYR B 6 -6.67 -34.35 -31.63
N GLN B 7 -7.99 -34.45 -31.49
CA GLN B 7 -8.60 -34.50 -30.18
C GLN B 7 -8.06 -35.62 -29.32
N GLU B 8 -7.63 -36.71 -29.96
CA GLU B 8 -7.10 -37.86 -29.25
C GLU B 8 -5.66 -37.62 -28.80
N ARG B 9 -4.86 -37.01 -29.66
CA ARG B 9 -3.49 -36.69 -29.33
C ARG B 9 -3.41 -35.65 -28.20
N ALA B 10 -4.34 -34.71 -28.20
CA ALA B 10 -4.38 -33.65 -27.18
C ALA B 10 -4.83 -34.21 -25.83
N ASP B 11 -5.80 -35.11 -25.87
CA ASP B 11 -6.36 -35.68 -24.65
C ASP B 11 -5.35 -36.53 -23.88
N GLU B 12 -4.51 -37.28 -24.60
CA GLU B 12 -3.48 -38.07 -23.92
C GLU B 12 -2.36 -37.17 -23.41
N LEU B 13 -2.09 -36.10 -24.15
CA LEU B 13 -1.13 -35.08 -23.70
C LEU B 13 -1.61 -34.43 -22.41
N VAL B 14 -2.91 -34.16 -22.33
CA VAL B 14 -3.47 -33.58 -21.11
C VAL B 14 -3.25 -34.52 -19.95
N VAL B 15 -3.50 -35.80 -20.16
CA VAL B 15 -3.28 -36.80 -19.13
C VAL B 15 -1.81 -36.81 -18.71
N LYS B 16 -0.92 -36.76 -19.69
CA LYS B 16 0.51 -36.88 -19.41
C LYS B 16 1.11 -35.61 -18.78
N ILE B 17 0.46 -34.48 -18.99
CA ILE B 17 0.92 -33.24 -18.34
C ILE B 17 0.36 -33.15 -16.93
N LYS B 18 -0.86 -33.67 -16.74
CA LYS B 18 -1.45 -33.75 -15.41
C LYS B 18 -0.60 -34.65 -14.52
N ASP B 19 -0.13 -35.77 -15.05
CA ASP B 19 0.81 -36.64 -14.36
C ASP B 19 2.05 -35.86 -13.94
N MET B 20 2.49 -34.92 -14.78
CA MET B 20 3.68 -34.14 -14.51
C MET B 20 3.45 -33.25 -13.29
N PHE B 21 2.28 -32.65 -13.24
CA PHE B 21 1.87 -31.86 -12.09
C PHE B 21 1.88 -32.73 -10.82
N ASN B 22 1.23 -33.89 -10.91
CA ASN B 22 1.13 -34.80 -9.77
C ASN B 22 2.48 -35.33 -9.28
N ALA B 23 3.48 -35.32 -10.15
CA ALA B 23 4.80 -35.82 -9.81
C ALA B 23 5.72 -34.72 -9.29
N LEU B 24 5.25 -33.48 -9.37
CA LEU B 24 6.06 -32.34 -8.90
C LEU B 24 6.54 -32.58 -7.47
N GLY B 25 7.80 -32.26 -7.23
CA GLY B 25 8.40 -32.37 -5.92
C GLY B 25 9.50 -31.36 -5.74
N ASP B 26 10.73 -31.84 -5.57
CA ASP B 26 11.87 -30.95 -5.37
C ASP B 26 12.38 -30.38 -6.69
N GLY B 27 11.95 -30.98 -7.81
CA GLY B 27 12.31 -30.45 -9.10
C GLY B 27 12.98 -31.46 -10.01
N ASP B 28 12.71 -31.35 -11.30
CA ASP B 28 13.38 -32.15 -12.30
C ASP B 28 14.49 -31.32 -12.92
N ILE B 29 15.72 -31.83 -12.86
CA ILE B 29 16.87 -31.11 -13.37
C ILE B 29 17.99 -32.10 -13.69
N SER B 30 18.73 -31.81 -14.75
CA SER B 30 19.79 -32.71 -15.22
C SER B 30 20.95 -32.85 -14.22
N PRO B 31 21.68 -33.96 -14.31
CA PRO B 31 22.94 -34.09 -13.55
C PRO B 31 23.94 -33.03 -14.00
N SER B 32 24.79 -32.60 -13.08
CA SER B 32 25.84 -31.64 -13.40
C SER B 32 27.22 -32.26 -13.25
N ALA B 33 27.99 -32.30 -14.34
CA ALA B 33 29.32 -32.88 -14.32
C ALA B 33 30.29 -32.00 -13.52
N TYR B 34 30.19 -30.69 -13.72
CA TYR B 34 30.99 -29.76 -12.95
C TYR B 34 30.76 -29.92 -11.44
N ASP B 35 29.50 -29.96 -11.03
CA ASP B 35 29.17 -30.09 -9.61
C ASP B 35 29.49 -31.49 -9.10
N THR B 36 29.15 -32.50 -9.90
CA THR B 36 29.47 -33.88 -9.56
C THR B 36 30.98 -34.10 -9.43
N ALA B 37 31.75 -33.37 -10.21
CA ALA B 37 33.20 -33.47 -10.17
C ALA B 37 33.79 -32.83 -8.90
N TRP B 38 33.23 -31.69 -8.48
CA TRP B 38 33.62 -31.09 -7.21
C TRP B 38 33.32 -32.01 -6.03
N VAL B 39 32.17 -32.65 -6.08
CA VAL B 39 31.75 -33.56 -5.02
C VAL B 39 32.64 -34.80 -4.98
N ALA B 40 33.13 -35.22 -6.14
CA ALA B 40 33.99 -36.41 -6.22
C ALA B 40 35.39 -36.12 -5.68
N ARG B 41 35.78 -34.85 -5.64
CA ARG B 41 37.07 -34.44 -5.09
C ARG B 41 37.21 -34.65 -3.58
N LEU B 42 36.08 -34.71 -2.89
CA LEU B 42 36.08 -34.83 -1.43
C LEU B 42 36.74 -36.12 -0.96
N ALA B 43 37.62 -36.01 0.03
CA ALA B 43 38.38 -37.15 0.53
C ALA B 43 37.99 -37.50 1.95
N THR B 44 37.94 -38.79 2.25
CA THR B 44 37.59 -39.27 3.59
C THR B 44 38.71 -40.11 4.20
N ILE B 45 39.85 -39.49 4.45
CA ILE B 45 41.02 -40.16 5.02
C ILE B 45 40.66 -41.35 5.92
N SER B 46 40.81 -42.56 5.36
CA SER B 46 40.46 -43.79 6.06
C SER B 46 41.25 -43.98 7.36
N SER B 47 40.97 -45.06 8.07
CA SER B 47 41.62 -45.35 9.34
C SER B 47 43.01 -45.95 9.15
N ASP B 48 43.65 -45.62 8.03
CA ASP B 48 44.99 -46.10 7.74
C ASP B 48 45.95 -44.93 7.53
N GLY B 49 45.41 -43.72 7.67
CA GLY B 49 46.16 -42.52 7.36
C GLY B 49 46.04 -42.24 5.87
N SER B 50 45.55 -43.24 5.14
CA SER B 50 45.35 -43.15 3.70
C SER B 50 44.02 -42.45 3.40
N GLU B 51 43.86 -42.04 2.15
CA GLU B 51 42.65 -41.34 1.74
C GLU B 51 41.80 -42.16 0.77
N LYS B 52 40.65 -41.60 0.41
CA LYS B 52 39.75 -42.22 -0.55
C LYS B 52 38.56 -41.28 -0.74
N PRO B 53 37.85 -41.42 -1.87
CA PRO B 53 36.67 -40.58 -2.12
C PRO B 53 35.65 -40.70 -0.97
N ARG B 54 35.12 -39.57 -0.53
CA ARG B 54 34.08 -39.59 0.50
C ARG B 54 32.79 -40.08 -0.12
N PHE B 55 32.55 -39.65 -1.37
CA PHE B 55 31.43 -40.13 -2.15
C PHE B 55 31.95 -40.87 -3.39
N PRO B 56 32.24 -42.17 -3.23
CA PRO B 56 32.79 -42.99 -4.32
C PRO B 56 31.93 -42.93 -5.58
N GLN B 57 30.61 -42.94 -5.40
CA GLN B 57 29.68 -42.92 -6.54
C GLN B 57 29.89 -41.70 -7.42
N ALA B 58 30.16 -40.56 -6.80
CA ALA B 58 30.36 -39.32 -7.54
C ALA B 58 31.55 -39.47 -8.47
N LEU B 59 32.65 -39.98 -7.95
CA LEU B 59 33.81 -40.31 -8.77
C LEU B 59 33.40 -41.33 -9.84
N ASN B 60 32.66 -42.36 -9.42
CA ASN B 60 32.21 -43.36 -10.37
C ASN B 60 31.46 -42.71 -11.52
N TRP B 61 30.56 -41.78 -11.19
CA TRP B 61 29.77 -41.09 -12.21
C TRP B 61 30.68 -40.38 -13.21
N VAL B 62 31.64 -39.61 -12.71
CA VAL B 62 32.57 -38.90 -13.57
C VAL B 62 33.33 -39.84 -14.50
N PHE B 63 33.71 -40.99 -13.94
CA PHE B 63 34.43 -42.02 -14.68
C PHE B 63 33.59 -42.49 -15.87
N ASN B 64 32.28 -42.62 -15.63
CA ASN B 64 31.41 -43.29 -16.58
C ASN B 64 30.63 -42.39 -17.53
N ASN B 65 30.83 -41.08 -17.45
CA ASN B 65 30.02 -40.19 -18.26
C ASN B 65 30.78 -39.24 -19.15
N GLN B 66 32.01 -39.60 -19.51
CA GLN B 66 32.76 -38.81 -20.47
C GLN B 66 32.13 -38.91 -21.85
N LEU B 67 32.03 -37.77 -22.54
CA LEU B 67 31.46 -37.74 -23.88
C LEU B 67 32.47 -38.23 -24.91
N GLN B 68 31.97 -38.61 -26.07
CA GLN B 68 32.78 -39.24 -27.12
C GLN B 68 34.03 -38.42 -27.46
N ASP B 69 33.89 -37.09 -27.48
CA ASP B 69 35.01 -36.25 -27.88
C ASP B 69 35.92 -35.89 -26.72
N GLY B 70 35.75 -36.57 -25.59
CA GLY B 70 36.65 -36.45 -24.46
C GLY B 70 36.28 -35.37 -23.46
N SER B 71 35.11 -34.77 -23.63
CA SER B 71 34.65 -33.73 -22.71
C SER B 71 33.50 -34.25 -21.85
N TRP B 72 33.11 -33.44 -20.86
CA TRP B 72 31.90 -33.71 -20.08
C TRP B 72 30.91 -32.57 -20.31
N GLY B 73 29.62 -32.89 -20.31
CA GLY B 73 28.61 -31.87 -20.48
C GLY B 73 27.31 -32.41 -21.05
N ILE B 74 26.50 -31.51 -21.61
CA ILE B 74 25.26 -31.93 -22.24
C ILE B 74 25.51 -32.26 -23.71
N GLU B 75 25.44 -33.55 -24.03
CA GLU B 75 25.66 -34.03 -25.39
C GLU B 75 25.06 -33.12 -26.45
N SER B 76 23.73 -33.01 -26.45
CA SER B 76 23.02 -32.32 -27.53
C SER B 76 23.20 -30.81 -27.52
N HIS B 77 23.87 -30.28 -26.49
CA HIS B 77 24.05 -28.84 -26.37
C HIS B 77 25.48 -28.49 -26.04
N PHE B 78 26.24 -28.11 -27.07
CA PHE B 78 27.64 -27.75 -26.89
C PHE B 78 27.76 -26.29 -26.48
N SER B 79 28.72 -26.01 -25.61
CA SER B 79 29.06 -24.65 -25.23
C SER B 79 30.48 -24.63 -24.71
N LEU B 80 31.28 -23.69 -25.21
CA LEU B 80 32.72 -23.69 -24.95
C LEU B 80 33.03 -23.67 -23.45
N CYS B 81 32.61 -22.62 -22.76
CA CYS B 81 32.90 -22.49 -21.35
C CYS B 81 32.41 -23.70 -20.56
N ASP B 82 31.14 -24.07 -20.78
CA ASP B 82 30.55 -25.22 -20.11
C ASP B 82 31.41 -26.49 -20.25
N ARG B 83 31.84 -26.79 -21.47
CA ARG B 83 32.67 -27.98 -21.69
C ARG B 83 34.04 -27.82 -21.02
N LEU B 84 34.58 -26.60 -21.06
CA LEU B 84 35.84 -26.31 -20.37
C LEU B 84 35.68 -26.53 -18.86
N LEU B 85 34.65 -25.93 -18.27
CA LEU B 85 34.35 -26.07 -16.85
C LEU B 85 34.10 -27.53 -16.44
N ASN B 86 33.22 -28.21 -17.16
CA ASN B 86 32.92 -29.61 -16.86
C ASN B 86 34.11 -30.54 -17.03
N THR B 87 34.87 -30.34 -18.10
CA THR B 87 35.95 -31.26 -18.44
C THR B 87 37.15 -31.10 -17.52
N THR B 88 37.62 -29.87 -17.38
CA THR B 88 38.74 -29.57 -16.51
C THR B 88 38.52 -30.09 -15.08
N ASN B 89 37.32 -29.91 -14.55
CA ASN B 89 37.02 -30.39 -13.22
C ASN B 89 36.89 -31.90 -13.14
N SER B 90 36.45 -32.52 -14.23
CA SER B 90 36.33 -33.98 -14.26
C SER B 90 37.72 -34.61 -14.38
N VAL B 91 38.59 -33.96 -15.13
CA VAL B 91 39.97 -34.40 -15.27
C VAL B 91 40.68 -34.22 -13.93
N ILE B 92 40.24 -33.22 -13.16
CA ILE B 92 40.81 -32.96 -11.84
C ILE B 92 40.40 -34.05 -10.86
N ALA B 93 39.10 -34.33 -10.79
CA ALA B 93 38.59 -35.35 -9.88
C ALA B 93 39.29 -36.69 -10.09
N LEU B 94 39.48 -37.07 -11.36
CA LEU B 94 40.13 -38.33 -11.68
C LEU B 94 41.60 -38.32 -11.28
N SER B 95 42.30 -37.26 -11.70
CA SER B 95 43.71 -37.07 -11.33
C SER B 95 43.91 -37.18 -9.83
N VAL B 96 43.07 -36.49 -9.08
CA VAL B 96 43.15 -36.48 -7.62
C VAL B 96 43.11 -37.90 -7.06
N TRP B 97 42.35 -38.77 -7.72
CA TRP B 97 42.22 -40.14 -7.24
C TRP B 97 43.05 -41.14 -8.04
N LYS B 98 43.99 -40.63 -8.84
CA LYS B 98 44.97 -41.46 -9.53
C LYS B 98 44.28 -42.58 -10.32
N THR B 99 43.23 -42.20 -11.05
CA THR B 99 42.40 -43.16 -11.79
C THR B 99 41.88 -42.55 -13.09
N GLY B 100 41.32 -43.39 -13.95
CA GLY B 100 40.79 -42.94 -15.22
C GLY B 100 41.85 -42.33 -16.12
N HIS B 101 43.05 -42.92 -16.10
CA HIS B 101 44.18 -42.41 -16.85
C HIS B 101 43.82 -42.04 -18.29
N SER B 102 43.14 -42.94 -18.99
CA SER B 102 42.82 -42.73 -20.40
C SER B 102 41.80 -41.62 -20.64
N GLN B 103 40.72 -41.60 -19.87
CA GLN B 103 39.76 -40.50 -19.97
C GLN B 103 40.43 -39.17 -19.64
N VAL B 104 41.33 -39.17 -18.66
CA VAL B 104 42.08 -37.97 -18.33
C VAL B 104 42.89 -37.49 -19.53
N GLN B 105 43.64 -38.41 -20.14
CA GLN B 105 44.43 -38.08 -21.32
C GLN B 105 43.56 -37.47 -22.41
N GLN B 106 42.44 -38.14 -22.67
CA GLN B 106 41.53 -37.69 -23.71
C GLN B 106 40.82 -36.37 -23.33
N GLY B 107 40.56 -36.19 -22.04
CA GLY B 107 39.99 -34.95 -21.56
C GLY B 107 40.98 -33.80 -21.69
N ALA B 108 42.23 -34.10 -21.37
CA ALA B 108 43.32 -33.15 -21.55
C ALA B 108 43.36 -32.64 -22.99
N GLU B 109 43.35 -33.58 -23.93
CA GLU B 109 43.31 -33.24 -25.36
C GLU B 109 42.21 -32.23 -25.67
N PHE B 110 40.99 -32.58 -25.29
CA PHE B 110 39.87 -31.67 -25.52
C PHE B 110 40.12 -30.28 -24.97
N ILE B 111 40.60 -30.21 -23.73
CA ILE B 111 40.82 -28.91 -23.11
C ILE B 111 41.83 -28.08 -23.91
N ALA B 112 42.94 -28.72 -24.29
CA ALA B 112 44.00 -28.04 -25.02
C ALA B 112 43.46 -27.38 -26.28
N GLU B 113 42.78 -28.18 -27.09
CA GLU B 113 42.21 -27.70 -28.34
C GLU B 113 41.26 -26.53 -28.13
N ASN B 114 40.34 -26.69 -27.19
CA ASN B 114 39.29 -25.70 -26.97
C ASN B 114 39.75 -24.46 -26.21
N LEU B 115 40.81 -24.61 -25.42
CA LEU B 115 41.41 -23.47 -24.74
C LEU B 115 41.80 -22.40 -25.74
N ARG B 116 42.42 -22.82 -26.84
CA ARG B 116 42.87 -21.90 -27.87
C ARG B 116 41.67 -21.19 -28.51
N LEU B 117 40.49 -21.78 -28.35
CA LEU B 117 39.27 -21.23 -28.92
C LEU B 117 38.69 -20.09 -28.09
N LEU B 118 39.16 -19.94 -26.86
CA LEU B 118 38.72 -18.83 -26.03
C LEU B 118 39.10 -17.50 -26.68
N ASN B 119 38.15 -16.92 -27.42
CA ASN B 119 38.35 -15.65 -28.11
C ASN B 119 38.73 -14.53 -27.14
N GLU B 120 38.63 -13.30 -27.62
CA GLU B 120 38.89 -12.13 -26.81
C GLU B 120 37.69 -11.19 -26.84
N GLU B 121 36.58 -11.69 -27.36
CA GLU B 121 35.37 -10.88 -27.49
C GLU B 121 34.09 -11.68 -27.20
N ASP B 122 34.10 -12.97 -27.52
CA ASP B 122 32.93 -13.81 -27.28
C ASP B 122 32.55 -13.79 -25.81
N GLU B 123 31.26 -13.85 -25.52
CA GLU B 123 30.77 -13.74 -24.15
C GLU B 123 31.10 -14.97 -23.30
N LEU B 124 31.65 -14.73 -22.12
CA LEU B 124 31.97 -15.81 -21.20
C LEU B 124 30.82 -16.00 -20.21
N SER B 125 30.57 -17.25 -19.82
CA SER B 125 29.50 -17.55 -18.85
C SER B 125 29.78 -16.86 -17.51
N PRO B 126 28.71 -16.58 -16.74
CA PRO B 126 28.83 -15.83 -15.49
C PRO B 126 29.92 -16.36 -14.56
N ASP B 127 30.79 -15.46 -14.11
CA ASP B 127 31.87 -15.79 -13.16
C ASP B 127 32.89 -16.77 -13.72
N PHE B 128 32.89 -16.93 -15.04
CA PHE B 128 33.85 -17.82 -15.71
C PHE B 128 35.29 -17.41 -15.40
N GLN B 129 35.57 -16.10 -15.45
CA GLN B 129 36.92 -15.58 -15.25
C GLN B 129 37.47 -15.95 -13.88
N ILE B 130 36.58 -16.07 -12.90
CA ILE B 130 36.98 -16.40 -11.55
C ILE B 130 37.11 -17.92 -11.37
N ILE B 131 36.04 -18.63 -11.69
CA ILE B 131 35.98 -20.05 -11.38
C ILE B 131 36.82 -20.91 -12.30
N PHE B 132 37.05 -20.46 -13.54
CA PHE B 132 37.84 -21.28 -14.45
C PHE B 132 39.33 -21.35 -14.09
N PRO B 133 39.99 -20.18 -14.00
CA PRO B 133 41.41 -20.19 -13.61
C PRO B 133 41.64 -20.97 -12.33
N ALA B 134 40.65 -21.00 -11.43
CA ALA B 134 40.76 -21.81 -10.22
C ALA B 134 40.97 -23.28 -10.57
N LEU B 135 40.32 -23.73 -11.62
CA LEU B 135 40.48 -25.11 -12.06
C LEU B 135 41.85 -25.30 -12.69
N LEU B 136 42.25 -24.32 -13.50
CA LEU B 136 43.54 -24.34 -14.16
C LEU B 136 44.67 -24.44 -13.14
N GLN B 137 44.62 -23.58 -12.12
CA GLN B 137 45.62 -23.60 -11.05
C GLN B 137 45.77 -24.98 -10.43
N LYS B 138 44.65 -25.63 -10.15
CA LYS B 138 44.70 -26.99 -9.64
C LYS B 138 45.11 -27.96 -10.75
N ALA B 139 44.93 -27.54 -12.00
CA ALA B 139 45.33 -28.37 -13.13
C ALA B 139 46.85 -28.48 -13.24
N LYS B 140 47.54 -27.36 -13.08
CA LYS B 140 49.00 -27.33 -13.03
C LYS B 140 49.52 -28.22 -11.92
N ALA B 141 49.04 -27.98 -10.71
CA ALA B 141 49.52 -28.68 -9.52
C ALA B 141 49.41 -30.20 -9.66
N LEU B 142 48.39 -30.65 -10.39
CA LEU B 142 48.19 -32.08 -10.61
C LEU B 142 49.12 -32.63 -11.69
N GLY B 143 49.86 -31.72 -12.33
CA GLY B 143 50.80 -32.08 -13.37
C GLY B 143 50.13 -32.35 -14.71
N ILE B 144 48.98 -31.71 -14.92
CA ILE B 144 48.21 -31.94 -16.14
C ILE B 144 48.64 -31.01 -17.28
N ASN B 145 48.99 -31.61 -18.41
CA ASN B 145 49.59 -30.88 -19.52
C ASN B 145 48.56 -30.11 -20.34
N LEU B 146 48.46 -28.81 -20.09
CA LEU B 146 47.57 -27.95 -20.85
C LEU B 146 48.30 -26.67 -21.25
N PRO B 147 47.93 -26.08 -22.40
CA PRO B 147 48.53 -24.84 -22.91
C PRO B 147 48.29 -23.65 -22.00
N TYR B 148 48.93 -23.63 -20.84
CA TYR B 148 48.72 -22.59 -19.84
C TYR B 148 49.23 -21.22 -20.31
N ASP B 149 50.29 -21.24 -21.10
CA ASP B 149 50.96 -20.00 -21.50
C ASP B 149 50.14 -19.15 -22.47
N LEU B 150 49.12 -19.75 -23.07
CA LEU B 150 48.27 -19.02 -24.02
C LEU B 150 47.91 -17.64 -23.48
N PRO B 151 48.16 -16.59 -24.27
CA PRO B 151 48.00 -15.18 -23.90
C PRO B 151 46.67 -14.88 -23.20
N PHE B 152 45.61 -15.56 -23.62
CA PHE B 152 44.29 -15.29 -23.05
C PHE B 152 44.06 -15.98 -21.71
N ILE B 153 44.48 -17.25 -21.59
CA ILE B 153 44.28 -17.95 -20.33
C ILE B 153 45.26 -17.47 -19.27
N LYS B 154 46.22 -16.65 -19.70
CA LYS B 154 47.13 -15.98 -18.78
C LYS B 154 46.49 -14.68 -18.30
N TYR B 155 45.64 -14.13 -19.13
CA TYR B 155 44.86 -12.96 -18.77
C TYR B 155 43.82 -13.31 -17.71
N LEU B 156 43.09 -14.41 -17.93
CA LEU B 156 42.07 -14.87 -17.00
C LEU B 156 42.69 -15.18 -15.65
N SER B 157 43.87 -15.80 -15.70
CA SER B 157 44.58 -16.19 -14.49
C SER B 157 44.98 -14.96 -13.66
N THR B 158 45.25 -13.86 -14.34
CA THR B 158 45.69 -12.63 -13.68
C THR B 158 44.51 -11.86 -13.08
N THR B 159 43.43 -11.77 -13.84
CA THR B 159 42.23 -11.07 -13.37
C THR B 159 41.66 -11.73 -12.13
N ARG B 160 41.78 -13.06 -12.06
CA ARG B 160 41.31 -13.80 -10.89
C ARG B 160 42.16 -13.47 -9.66
N GLU B 161 43.46 -13.29 -9.88
CA GLU B 161 44.36 -12.91 -8.80
C GLU B 161 44.07 -11.49 -8.33
N ALA B 162 43.70 -10.62 -9.26
CA ALA B 162 43.30 -9.26 -8.93
C ALA B 162 42.03 -9.30 -8.09
N ARG B 163 41.25 -10.36 -8.29
CA ARG B 163 40.00 -10.56 -7.57
C ARG B 163 40.26 -11.16 -6.19
N LEU B 164 41.31 -11.97 -6.10
CA LEU B 164 41.69 -12.59 -4.84
C LEU B 164 42.14 -11.54 -3.84
N THR B 165 42.85 -10.52 -4.33
CA THR B 165 43.36 -9.47 -3.46
C THR B 165 42.22 -8.66 -2.84
N ASP B 166 41.17 -8.43 -3.62
CA ASP B 166 40.00 -7.68 -3.18
C ASP B 166 39.34 -8.32 -1.96
N VAL B 167 39.21 -9.64 -1.98
CA VAL B 167 38.63 -10.37 -0.85
C VAL B 167 39.56 -10.32 0.35
N SER B 168 40.87 -10.35 0.09
CA SER B 168 41.86 -10.30 1.14
C SER B 168 41.91 -8.94 1.84
N ALA B 169 41.79 -7.87 1.05
CA ALA B 169 41.84 -6.51 1.58
C ALA B 169 40.46 -6.04 2.04
N ALA B 170 39.53 -6.98 2.17
CA ALA B 170 38.16 -6.66 2.57
C ALA B 170 37.95 -6.87 4.06
N ALA B 171 37.37 -5.86 4.71
CA ALA B 171 37.10 -5.92 6.13
C ALA B 171 36.19 -7.09 6.46
N ASP B 172 35.20 -7.31 5.63
CA ASP B 172 34.21 -8.36 5.85
C ASP B 172 34.47 -9.57 4.96
N ASN B 173 35.68 -9.68 4.44
CA ASN B 173 36.07 -10.80 3.60
C ASN B 173 35.25 -10.91 2.31
N ILE B 174 34.71 -12.10 2.05
CA ILE B 174 34.00 -12.33 0.79
C ILE B 174 32.66 -11.60 0.73
N PRO B 175 32.51 -10.71 -0.27
CA PRO B 175 31.25 -9.97 -0.46
C PRO B 175 30.14 -10.95 -0.83
N ALA B 176 28.90 -10.58 -0.55
CA ALA B 176 27.76 -11.43 -0.89
C ALA B 176 27.68 -11.63 -2.40
N ASN B 177 27.98 -10.57 -3.16
CA ASN B 177 27.83 -10.63 -4.61
C ASN B 177 28.90 -11.50 -5.27
N MET B 178 29.69 -12.19 -4.47
CA MET B 178 30.68 -13.13 -4.98
C MET B 178 30.47 -14.53 -4.42
N LEU B 179 29.39 -14.71 -3.67
CA LEU B 179 29.07 -16.02 -3.10
C LEU B 179 28.96 -17.07 -4.21
N ASN B 180 28.56 -16.63 -5.39
CA ASN B 180 28.37 -17.50 -6.55
C ASN B 180 29.68 -18.18 -6.99
N ALA B 181 30.77 -17.43 -6.98
CA ALA B 181 32.06 -17.93 -7.47
C ALA B 181 32.94 -18.40 -6.31
N LEU B 182 32.29 -18.70 -5.19
CA LEU B 182 32.93 -19.13 -3.95
C LEU B 182 34.05 -20.17 -4.11
N GLU B 183 33.84 -21.15 -4.99
CA GLU B 183 34.84 -22.22 -5.12
C GLU B 183 36.08 -21.79 -5.92
N GLY B 184 36.04 -20.60 -6.50
CA GLY B 184 37.18 -20.08 -7.23
C GLY B 184 37.91 -18.98 -6.46
N LEU B 185 37.76 -19.00 -5.14
CA LEU B 185 38.39 -18.01 -4.26
C LEU B 185 38.81 -18.61 -2.93
N GLU B 186 39.13 -19.91 -2.93
CA GLU B 186 39.47 -20.65 -1.71
C GLU B 186 40.55 -20.03 -0.83
N GLU B 187 41.52 -19.35 -1.44
CA GLU B 187 42.70 -18.90 -0.72
C GLU B 187 42.59 -17.48 -0.16
N VAL B 188 41.39 -16.91 -0.18
CA VAL B 188 41.17 -15.59 0.38
C VAL B 188 39.90 -15.55 1.22
N ILE B 189 39.26 -16.70 1.37
CA ILE B 189 38.02 -16.81 2.12
C ILE B 189 38.28 -17.08 3.60
N ASP B 190 37.62 -16.31 4.46
CA ASP B 190 37.59 -16.60 5.88
C ASP B 190 36.50 -17.65 6.09
N TRP B 191 36.90 -18.87 6.42
CA TRP B 191 35.95 -19.97 6.47
C TRP B 191 35.00 -19.90 7.67
N ASN B 192 35.24 -18.93 8.56
CA ASN B 192 34.33 -18.67 9.67
C ASN B 192 33.22 -17.72 9.26
N LYS B 193 33.62 -16.58 8.68
CA LYS B 193 32.68 -15.56 8.24
C LYS B 193 31.75 -16.07 7.14
N ILE B 194 32.26 -16.91 6.25
CA ILE B 194 31.46 -17.38 5.12
C ILE B 194 30.28 -18.28 5.52
N MET B 195 30.38 -18.94 6.67
CA MET B 195 29.29 -19.79 7.14
C MET B 195 28.00 -19.00 7.38
N ARG B 196 28.13 -17.68 7.47
CA ARG B 196 26.97 -16.81 7.65
C ARG B 196 26.06 -16.78 6.41
N PHE B 197 26.52 -17.39 5.30
CA PHE B 197 25.74 -17.39 4.06
C PHE B 197 25.18 -18.78 3.76
N GLN B 198 25.24 -19.68 4.74
CA GLN B 198 24.76 -21.04 4.54
C GLN B 198 23.24 -21.11 4.65
N SER B 199 22.63 -21.72 3.63
CA SER B 199 21.20 -21.96 3.62
C SER B 199 20.83 -22.99 4.68
N LYS B 200 19.57 -22.99 5.11
CA LYS B 200 19.14 -23.84 6.20
C LYS B 200 19.23 -25.33 5.86
N ASP B 201 19.17 -25.65 4.57
CA ASP B 201 19.34 -27.04 4.13
C ASP B 201 20.81 -27.47 4.11
N GLY B 202 21.70 -26.55 4.45
CA GLY B 202 23.11 -26.87 4.56
C GLY B 202 23.95 -26.46 3.37
N SER B 203 23.30 -25.98 2.31
CA SER B 203 24.00 -25.67 1.07
C SER B 203 24.39 -24.21 0.96
N PHE B 204 25.28 -23.93 0.02
CA PHE B 204 25.65 -22.56 -0.30
C PHE B 204 25.10 -22.20 -1.67
N LEU B 205 24.10 -21.31 -1.66
CA LEU B 205 23.48 -20.81 -2.87
C LEU B 205 22.87 -21.93 -3.72
N SER B 206 22.53 -23.04 -3.06
CA SER B 206 21.95 -24.21 -3.71
C SER B 206 22.95 -24.94 -4.61
N SER B 207 24.20 -24.48 -4.59
CA SER B 207 25.24 -25.00 -5.48
C SER B 207 25.97 -26.18 -4.85
N PRO B 208 25.85 -27.37 -5.45
CA PRO B 208 26.60 -28.53 -4.96
C PRO B 208 28.12 -28.29 -4.98
N ALA B 209 28.64 -27.73 -6.07
CA ALA B 209 30.07 -27.40 -6.16
C ALA B 209 30.52 -26.51 -5.01
N SER B 210 29.90 -25.35 -4.86
CA SER B 210 30.20 -24.43 -3.77
C SER B 210 30.08 -25.13 -2.41
N THR B 211 29.07 -25.97 -2.26
CA THR B 211 28.83 -26.69 -1.01
C THR B 211 29.91 -27.71 -0.70
N ALA B 212 30.40 -28.39 -1.73
CA ALA B 212 31.52 -29.32 -1.57
C ALA B 212 32.79 -28.55 -1.21
N CYS B 213 32.97 -27.36 -1.78
CA CYS B 213 34.16 -26.56 -1.53
C CYS B 213 34.29 -26.11 -0.08
N VAL B 214 33.17 -25.74 0.55
CA VAL B 214 33.23 -25.37 1.96
C VAL B 214 33.28 -26.61 2.85
N LEU B 215 32.63 -27.69 2.43
CA LEU B 215 32.73 -28.94 3.17
C LEU B 215 34.19 -29.39 3.26
N MET B 216 34.91 -29.24 2.15
CA MET B 216 36.30 -29.68 2.05
C MET B 216 37.24 -28.84 2.90
N ASN B 217 36.90 -27.57 3.09
CA ASN B 217 37.76 -26.67 3.84
C ASN B 217 37.35 -26.48 5.31
N THR B 218 36.27 -27.13 5.72
CA THR B 218 35.72 -26.91 7.07
C THR B 218 35.23 -28.19 7.75
N GLY B 219 34.97 -29.23 6.97
CA GLY B 219 34.42 -30.47 7.50
C GLY B 219 33.01 -30.32 8.03
N ASP B 220 32.31 -29.28 7.58
CA ASP B 220 30.98 -28.95 8.08
C ASP B 220 29.97 -30.09 7.86
N GLU B 221 29.30 -30.49 8.94
CA GLU B 221 28.37 -31.62 8.89
C GLU B 221 27.11 -31.32 8.09
N LYS B 222 26.65 -30.08 8.10
CA LYS B 222 25.47 -29.71 7.35
C LYS B 222 25.71 -29.65 5.83
N CYS B 223 26.94 -29.32 5.43
CA CYS B 223 27.32 -29.42 4.02
C CYS B 223 27.26 -30.89 3.58
N PHE B 224 27.91 -31.77 4.33
CA PHE B 224 27.89 -33.20 4.02
C PHE B 224 26.47 -33.76 3.84
N THR B 225 25.58 -33.48 4.78
CA THR B 225 24.22 -34.04 4.70
C THR B 225 23.43 -33.49 3.50
N PHE B 226 23.66 -32.23 3.14
CA PHE B 226 23.08 -31.70 1.91
C PHE B 226 23.55 -32.51 0.70
N LEU B 227 24.86 -32.67 0.59
CA LEU B 227 25.45 -33.36 -0.57
C LEU B 227 25.08 -34.84 -0.61
N ASN B 228 25.22 -35.52 0.53
CA ASN B 228 24.90 -36.92 0.63
C ASN B 228 23.46 -37.22 0.25
N ASN B 229 22.53 -36.44 0.81
CA ASN B 229 21.11 -36.60 0.46
C ASN B 229 20.85 -36.27 -1.00
N LEU B 230 21.57 -35.29 -1.55
CA LEU B 230 21.41 -34.95 -2.95
C LEU B 230 21.91 -36.09 -3.87
N LEU B 231 23.03 -36.72 -3.51
CA LEU B 231 23.52 -37.87 -4.26
C LEU B 231 22.53 -39.01 -4.21
N ASP B 232 22.05 -39.34 -3.02
CA ASP B 232 21.03 -40.38 -2.90
C ASP B 232 19.84 -40.11 -3.81
N LYS B 233 19.33 -38.88 -3.75
CA LYS B 233 18.18 -38.51 -4.56
C LYS B 233 18.46 -38.65 -6.06
N PHE B 234 19.68 -38.31 -6.48
CA PHE B 234 20.03 -38.36 -7.90
C PHE B 234 20.74 -39.65 -8.32
N GLY B 235 20.96 -40.56 -7.38
CA GLY B 235 21.48 -41.87 -7.69
C GLY B 235 22.97 -41.88 -8.05
N GLY B 236 23.74 -41.04 -7.37
CA GLY B 236 25.18 -41.07 -7.53
C GLY B 236 25.78 -39.78 -8.07
N CYS B 237 24.93 -38.88 -8.55
CA CYS B 237 25.39 -37.60 -9.07
C CYS B 237 24.67 -36.41 -8.40
N VAL B 238 24.99 -35.19 -8.84
CA VAL B 238 24.30 -34.01 -8.36
C VAL B 238 24.06 -33.06 -9.54
N PRO B 239 23.02 -32.22 -9.42
CA PRO B 239 22.69 -31.24 -10.46
C PRO B 239 23.38 -29.90 -10.22
N CYS B 240 22.94 -28.89 -10.97
CA CYS B 240 23.47 -27.54 -10.96
C CYS B 240 22.98 -26.74 -9.74
N MET B 241 21.81 -27.12 -9.25
CA MET B 241 21.16 -26.44 -8.14
C MET B 241 20.04 -27.33 -7.64
N TYR B 242 19.62 -27.11 -6.39
CA TYR B 242 18.57 -27.90 -5.76
C TYR B 242 18.35 -27.42 -4.32
N SER B 243 17.11 -27.47 -3.83
CA SER B 243 15.96 -27.85 -4.64
C SER B 243 15.43 -26.66 -5.46
N ILE B 244 14.53 -26.92 -6.39
CA ILE B 244 13.97 -25.86 -7.21
C ILE B 244 12.44 -25.94 -7.19
N ASP B 245 11.90 -26.27 -6.01
CA ASP B 245 10.48 -26.55 -5.85
C ASP B 245 9.55 -25.33 -6.01
N LEU B 246 10.08 -24.12 -5.83
CA LEU B 246 9.26 -22.94 -6.03
C LEU B 246 9.35 -22.52 -7.49
N LEU B 247 10.57 -22.40 -8.01
CA LEU B 247 10.75 -22.03 -9.41
C LEU B 247 9.98 -22.96 -10.34
N GLU B 248 10.11 -24.27 -10.13
CA GLU B 248 9.52 -25.22 -11.07
C GLU B 248 8.00 -25.14 -11.14
N ARG B 249 7.35 -25.06 -9.97
CA ARG B 249 5.90 -24.95 -9.92
C ARG B 249 5.39 -23.68 -10.60
N LEU B 250 6.00 -22.55 -10.24
CA LEU B 250 5.64 -21.25 -10.80
C LEU B 250 5.83 -21.21 -12.31
N SER B 251 6.98 -21.68 -12.78
CA SER B 251 7.28 -21.59 -14.20
C SER B 251 6.35 -22.48 -15.02
N LEU B 252 6.10 -23.69 -14.53
CA LEU B 252 5.24 -24.64 -15.24
C LEU B 252 3.85 -24.07 -15.39
N VAL B 253 3.30 -23.58 -14.27
CA VAL B 253 2.00 -22.93 -14.29
C VAL B 253 2.01 -21.76 -15.28
N ASP B 254 3.04 -20.94 -15.18
CA ASP B 254 3.17 -19.77 -16.03
C ASP B 254 3.24 -20.17 -17.51
N ASN B 255 4.09 -21.16 -17.80
CA ASN B 255 4.29 -21.60 -19.18
C ASN B 255 3.01 -22.14 -19.82
N ILE B 256 2.24 -22.92 -19.05
CA ILE B 256 1.00 -23.50 -19.55
C ILE B 256 -0.05 -22.43 -19.86
N GLU B 257 -0.29 -21.53 -18.91
CA GLU B 257 -1.18 -20.38 -19.13
C GLU B 257 -0.75 -19.59 -20.39
N HIS B 258 0.53 -19.26 -20.45
CA HIS B 258 1.08 -18.46 -21.54
C HIS B 258 0.82 -19.16 -22.87
N LEU B 259 1.03 -20.47 -22.90
CA LEU B 259 0.82 -21.26 -24.11
C LEU B 259 -0.66 -21.37 -24.50
N GLY B 260 -1.56 -20.98 -23.60
CA GLY B 260 -2.97 -20.88 -23.92
C GLY B 260 -3.78 -22.13 -23.69
N ILE B 261 -3.27 -23.00 -22.81
CA ILE B 261 -3.90 -24.28 -22.53
C ILE B 261 -4.16 -24.45 -21.04
N GLY B 262 -4.19 -23.34 -20.32
CA GLY B 262 -4.33 -23.38 -18.87
C GLY B 262 -5.65 -23.91 -18.36
N ARG B 263 -6.69 -23.81 -19.19
CA ARG B 263 -8.03 -24.23 -18.78
C ARG B 263 -8.14 -25.74 -18.56
N HIS B 264 -7.22 -26.51 -19.15
CA HIS B 264 -7.21 -27.97 -18.99
C HIS B 264 -6.63 -28.41 -17.65
N PHE B 265 -5.99 -27.50 -16.93
CA PHE B 265 -5.31 -27.86 -15.68
C PHE B 265 -5.68 -26.98 -14.49
N LYS B 266 -6.95 -26.58 -14.39
CA LYS B 266 -7.36 -25.67 -13.32
C LYS B 266 -7.07 -26.23 -11.93
N GLN B 267 -7.34 -27.51 -11.74
CA GLN B 267 -7.17 -28.11 -10.42
C GLN B 267 -5.71 -28.39 -10.09
N GLU B 268 -4.94 -28.85 -11.09
CA GLU B 268 -3.52 -29.12 -10.89
C GLU B 268 -2.78 -27.82 -10.58
N ILE B 269 -3.11 -26.76 -11.32
CA ILE B 269 -2.46 -25.47 -11.16
C ILE B 269 -2.68 -24.93 -9.74
N LYS B 270 -3.89 -25.12 -9.24
CA LYS B 270 -4.27 -24.66 -7.90
C LYS B 270 -3.43 -25.36 -6.85
N GLY B 271 -3.21 -26.66 -7.03
CA GLY B 271 -2.35 -27.40 -6.12
C GLY B 271 -0.93 -26.84 -6.09
N ALA B 272 -0.39 -26.56 -7.28
CA ALA B 272 0.97 -26.09 -7.40
C ALA B 272 1.13 -24.71 -6.76
N LEU B 273 0.12 -23.86 -6.92
CA LEU B 273 0.18 -22.47 -6.43
C LEU B 273 -0.08 -22.35 -4.92
N ASP B 274 -0.95 -23.20 -4.40
CA ASP B 274 -1.17 -23.30 -2.96
C ASP B 274 0.16 -23.64 -2.28
N TYR B 275 0.87 -24.59 -2.86
CA TYR B 275 2.15 -25.01 -2.31
C TYR B 275 3.09 -23.80 -2.28
N VAL B 276 3.27 -23.16 -3.42
CA VAL B 276 4.15 -22.00 -3.49
C VAL B 276 3.73 -20.91 -2.51
N TYR B 277 2.44 -20.55 -2.51
CA TYR B 277 1.94 -19.52 -1.60
C TYR B 277 2.39 -19.76 -0.17
N ARG B 278 2.30 -21.02 0.27
CA ARG B 278 2.71 -21.41 1.62
C ARG B 278 4.12 -20.93 1.98
N HIS B 279 4.97 -20.85 0.96
CA HIS B 279 6.38 -20.50 1.14
C HIS B 279 6.65 -19.07 0.73
N TRP B 280 5.59 -18.36 0.33
CA TRP B 280 5.73 -16.96 -0.08
C TRP B 280 5.91 -16.05 1.13
N SER B 281 6.80 -15.08 1.02
CA SER B 281 6.94 -14.11 2.11
C SER B 281 7.47 -12.77 1.62
N GLU B 282 7.27 -11.75 2.45
CA GLU B 282 7.61 -10.37 2.11
C GLU B 282 9.07 -10.19 1.68
N ARG B 283 9.93 -11.11 2.08
CA ARG B 283 11.35 -11.01 1.76
C ARG B 283 11.70 -11.55 0.39
N GLY B 284 10.69 -11.93 -0.39
CA GLY B 284 10.92 -12.52 -1.69
C GLY B 284 11.26 -13.99 -1.59
N ILE B 285 11.35 -14.67 -2.73
CA ILE B 285 11.65 -16.10 -2.70
C ILE B 285 12.80 -16.49 -3.63
N GLY B 286 13.45 -17.62 -3.33
CA GLY B 286 14.48 -18.17 -4.18
C GLY B 286 13.88 -19.30 -4.98
N TRP B 287 14.71 -20.04 -5.71
CA TRP B 287 14.19 -21.14 -6.52
C TRP B 287 13.64 -22.30 -5.68
N GLY B 288 14.20 -22.52 -4.49
CA GLY B 288 13.69 -23.54 -3.60
C GLY B 288 13.26 -23.01 -2.25
N ARG B 289 12.48 -23.81 -1.52
CA ARG B 289 11.91 -23.39 -0.25
C ARG B 289 12.98 -23.12 0.80
N ASP B 290 14.18 -23.65 0.60
CA ASP B 290 15.22 -23.50 1.61
C ASP B 290 16.27 -22.45 1.28
N SER B 291 16.17 -21.84 0.10
CA SER B 291 17.10 -20.79 -0.33
C SER B 291 17.22 -19.73 0.75
N LEU B 292 18.46 -19.43 1.14
CA LEU B 292 18.74 -18.31 2.03
C LEU B 292 18.49 -17.00 1.29
N VAL B 293 19.03 -16.92 0.08
CA VAL B 293 18.98 -15.73 -0.77
C VAL B 293 17.86 -15.84 -1.79
N PRO B 294 16.94 -14.86 -1.80
CA PRO B 294 15.87 -14.88 -2.80
C PRO B 294 16.44 -14.43 -4.15
N ASP B 295 15.73 -14.66 -5.25
CA ASP B 295 16.15 -14.12 -6.53
C ASP B 295 14.99 -13.47 -7.27
N LEU B 296 15.33 -12.49 -8.11
CA LEU B 296 14.34 -11.64 -8.76
C LEU B 296 13.43 -12.40 -9.72
N ASN B 297 14.02 -13.30 -10.51
CA ASN B 297 13.24 -14.07 -11.48
C ASN B 297 12.11 -14.84 -10.80
N THR B 298 12.45 -15.59 -9.76
CA THR B 298 11.48 -16.41 -9.06
C THR B 298 10.47 -15.54 -8.30
N THR B 299 10.93 -14.43 -7.75
CA THR B 299 10.03 -13.54 -7.02
C THR B 299 9.06 -12.82 -7.96
N ALA B 300 9.56 -12.34 -9.10
CA ALA B 300 8.70 -11.65 -10.07
C ALA B 300 7.66 -12.61 -10.66
N LEU B 301 8.06 -13.85 -10.90
CA LEU B 301 7.15 -14.89 -11.37
C LEU B 301 6.12 -15.18 -10.32
N GLY B 302 6.57 -15.27 -9.07
CA GLY B 302 5.68 -15.47 -7.96
C GLY B 302 4.63 -14.40 -7.93
N LEU B 303 5.08 -13.15 -7.90
CA LEU B 303 4.17 -12.01 -7.77
C LEU B 303 3.11 -12.08 -8.85
N ARG B 304 3.54 -12.15 -10.11
CA ARG B 304 2.62 -12.20 -11.24
C ARG B 304 1.66 -13.41 -11.18
N THR B 305 2.22 -14.60 -11.09
CA THR B 305 1.43 -15.83 -11.17
C THR B 305 0.41 -15.91 -10.03
N LEU B 306 0.86 -15.69 -8.81
CA LEU B 306 -0.02 -15.73 -7.64
C LEU B 306 -1.14 -14.70 -7.75
N ARG B 307 -0.80 -13.45 -8.06
CA ARG B 307 -1.80 -12.40 -8.19
C ARG B 307 -2.78 -12.72 -9.31
N MET B 308 -2.28 -13.25 -10.43
CA MET B 308 -3.16 -13.57 -11.54
C MET B 308 -4.16 -14.66 -11.16
N HIS B 309 -3.86 -15.41 -10.10
CA HIS B 309 -4.74 -16.51 -9.68
C HIS B 309 -5.51 -16.25 -8.40
N GLY B 310 -5.60 -14.98 -7.99
CA GLY B 310 -6.46 -14.58 -6.90
C GLY B 310 -5.79 -14.42 -5.55
N TYR B 311 -4.54 -14.86 -5.47
CA TYR B 311 -3.82 -14.79 -4.20
C TYR B 311 -3.49 -13.35 -3.86
N ASN B 312 -3.46 -13.06 -2.58
CA ASN B 312 -3.12 -11.72 -2.13
C ASN B 312 -1.59 -11.57 -1.94
N VAL B 313 -0.96 -10.77 -2.80
CA VAL B 313 0.50 -10.59 -2.74
C VAL B 313 0.90 -9.14 -2.93
N SER B 314 1.95 -8.72 -2.22
CA SER B 314 2.39 -7.33 -2.25
C SER B 314 3.53 -7.08 -3.26
N SER B 315 3.40 -6.01 -4.02
CA SER B 315 4.41 -5.61 -4.98
C SER B 315 5.67 -5.13 -4.27
N ASP B 316 5.55 -4.85 -2.97
CA ASP B 316 6.69 -4.41 -2.18
C ASP B 316 7.83 -5.42 -2.17
N VAL B 317 7.51 -6.69 -2.41
CA VAL B 317 8.58 -7.71 -2.42
C VAL B 317 9.64 -7.40 -3.49
N LEU B 318 9.25 -6.69 -4.53
CA LEU B 318 10.16 -6.32 -5.60
C LEU B 318 11.29 -5.37 -5.14
N ASN B 319 11.07 -4.67 -4.03
CA ASN B 319 12.06 -3.73 -3.50
C ASN B 319 13.28 -4.45 -2.93
N ASN B 320 13.10 -5.72 -2.61
CA ASN B 320 14.21 -6.56 -2.20
C ASN B 320 15.33 -6.62 -3.24
N PHE B 321 15.05 -6.16 -4.45
CA PHE B 321 15.99 -6.33 -5.56
C PHE B 321 16.34 -4.98 -6.18
N LYS B 322 15.82 -3.93 -5.58
CA LYS B 322 16.07 -2.56 -6.02
C LYS B 322 17.15 -1.92 -5.13
N ASP B 323 18.22 -1.44 -5.76
CA ASP B 323 19.32 -0.80 -5.03
C ASP B 323 19.15 0.72 -4.95
N GLU B 324 20.10 1.38 -4.28
CA GLU B 324 20.00 2.82 -4.01
C GLU B 324 19.71 3.67 -5.24
N ASN B 325 20.35 3.34 -6.36
CA ASN B 325 20.23 4.15 -7.57
C ASN B 325 19.05 3.77 -8.46
N GLY B 326 18.16 2.93 -7.94
CA GLY B 326 16.92 2.60 -8.62
C GLY B 326 16.98 1.37 -9.52
N ARG B 327 18.15 0.77 -9.62
CA ARG B 327 18.34 -0.38 -10.50
C ARG B 327 18.01 -1.71 -9.81
N PHE B 328 17.61 -2.70 -10.61
CA PHE B 328 17.28 -4.01 -10.09
C PHE B 328 18.38 -5.02 -10.36
N PHE B 329 18.75 -5.77 -9.33
CA PHE B 329 19.65 -6.89 -9.51
C PHE B 329 18.88 -8.20 -9.43
N SER B 330 19.47 -9.26 -9.95
CA SER B 330 18.84 -10.58 -10.00
C SER B 330 18.97 -11.31 -8.67
N SER B 331 20.10 -11.11 -7.99
CA SER B 331 20.35 -11.79 -6.73
C SER B 331 21.53 -11.18 -5.99
N ALA B 332 21.41 -11.11 -4.67
CA ALA B 332 22.46 -10.59 -3.81
C ALA B 332 23.68 -11.50 -3.82
N GLY B 333 23.49 -12.75 -4.26
CA GLY B 333 24.53 -13.76 -4.21
C GLY B 333 25.47 -13.76 -5.40
N GLN B 334 25.31 -12.80 -6.31
CA GLN B 334 26.07 -12.83 -7.55
C GLN B 334 26.25 -11.40 -8.06
N THR B 335 26.97 -11.27 -9.17
CA THR B 335 27.22 -9.97 -9.77
C THR B 335 26.40 -9.72 -11.04
N HIS B 336 26.16 -10.76 -11.82
CA HIS B 336 25.52 -10.59 -13.13
C HIS B 336 24.00 -10.39 -13.06
N VAL B 337 23.47 -9.64 -14.02
CA VAL B 337 22.02 -9.49 -14.15
C VAL B 337 21.50 -10.40 -15.26
N GLU B 338 20.49 -11.18 -14.94
CA GLU B 338 19.95 -12.15 -15.89
C GLU B 338 18.80 -11.51 -16.68
N LEU B 339 18.84 -11.67 -18.00
CA LEU B 339 17.81 -11.09 -18.85
C LEU B 339 16.43 -11.64 -18.48
N ARG B 340 16.36 -12.95 -18.22
CA ARG B 340 15.07 -13.59 -17.93
C ARG B 340 14.42 -13.00 -16.67
N SER B 341 15.24 -12.65 -15.69
CA SER B 341 14.74 -12.05 -14.46
C SER B 341 14.15 -10.66 -14.73
N VAL B 342 14.70 -9.99 -15.73
CA VAL B 342 14.21 -8.67 -16.09
C VAL B 342 12.92 -8.78 -16.92
N VAL B 343 12.88 -9.76 -17.82
CA VAL B 343 11.64 -10.03 -18.56
C VAL B 343 10.48 -10.25 -17.60
N ASN B 344 10.67 -11.13 -16.63
CA ASN B 344 9.61 -11.43 -15.68
C ASN B 344 9.27 -10.28 -14.74
N LEU B 345 10.28 -9.46 -14.45
CA LEU B 345 10.11 -8.28 -13.63
C LEU B 345 9.16 -7.33 -14.33
N PHE B 346 9.37 -7.16 -15.64
CA PHE B 346 8.47 -6.36 -16.45
C PHE B 346 7.08 -6.99 -16.49
N ARG B 347 7.01 -8.30 -16.72
CA ARG B 347 5.71 -8.97 -16.87
C ARG B 347 4.91 -8.85 -15.59
N ALA B 348 5.61 -8.92 -14.47
CA ALA B 348 4.99 -8.74 -13.17
C ALA B 348 4.37 -7.35 -13.05
N SER B 349 5.07 -6.34 -13.56
CA SER B 349 4.61 -4.95 -13.46
C SER B 349 3.35 -4.69 -14.27
N ASP B 350 3.07 -5.55 -15.25
CA ASP B 350 1.84 -5.46 -16.04
C ASP B 350 0.60 -5.55 -15.17
N LEU B 351 0.70 -6.28 -14.07
CA LEU B 351 -0.46 -6.47 -13.18
C LEU B 351 -0.55 -5.49 -12.01
N ALA B 352 0.08 -4.33 -12.17
CA ALA B 352 0.05 -3.31 -11.13
C ALA B 352 -1.36 -2.87 -10.75
N PHE B 353 -1.58 -2.66 -9.47
CA PHE B 353 -2.76 -1.93 -9.01
C PHE B 353 -2.36 -0.46 -8.81
N PRO B 354 -3.35 0.42 -8.59
CA PRO B 354 -3.02 1.85 -8.45
C PRO B 354 -2.22 2.11 -7.17
N ASP B 355 -1.26 3.03 -7.23
CA ASP B 355 -0.55 3.45 -6.04
C ASP B 355 0.48 2.41 -5.59
N GLU B 356 1.02 1.65 -6.55
CA GLU B 356 2.04 0.66 -6.26
C GLU B 356 3.35 1.11 -6.86
N ARG B 357 4.11 1.88 -6.08
CA ARG B 357 5.37 2.46 -6.52
C ARG B 357 6.37 1.39 -6.92
N ALA B 358 6.35 0.27 -6.21
CA ALA B 358 7.25 -0.84 -6.52
C ALA B 358 7.04 -1.30 -7.96
N MET B 359 5.79 -1.26 -8.41
CA MET B 359 5.46 -1.64 -9.78
C MET B 359 5.95 -0.61 -10.80
N ASP B 360 5.84 0.67 -10.47
CA ASP B 360 6.32 1.73 -11.37
C ASP B 360 7.85 1.68 -11.52
N ASP B 361 8.54 1.52 -10.42
CA ASP B 361 9.99 1.47 -10.45
C ASP B 361 10.46 0.24 -11.21
N ALA B 362 9.75 -0.88 -11.03
CA ALA B 362 10.07 -2.09 -11.77
C ALA B 362 9.97 -1.83 -13.27
N ARG B 363 8.87 -1.23 -13.70
CA ARG B 363 8.61 -1.06 -15.13
C ARG B 363 9.52 -0.01 -15.77
N LYS B 364 9.88 1.02 -14.99
CA LYS B 364 10.72 2.08 -15.50
C LYS B 364 12.16 1.61 -15.68
N PHE B 365 12.57 0.62 -14.89
CA PHE B 365 13.88 0.03 -15.05
C PHE B 365 13.84 -1.09 -16.10
N ALA B 366 12.81 -1.92 -16.03
CA ALA B 366 12.73 -3.09 -16.89
C ALA B 366 12.55 -2.77 -18.36
N GLU B 367 11.63 -1.86 -18.68
CA GLU B 367 11.32 -1.57 -20.08
C GLU B 367 12.55 -1.15 -20.91
N PRO B 368 13.26 -0.10 -20.48
CA PRO B 368 14.46 0.31 -21.21
C PRO B 368 15.50 -0.80 -21.32
N TYR B 369 15.62 -1.59 -20.26
CA TYR B 369 16.54 -2.72 -20.27
C TYR B 369 16.20 -3.71 -21.38
N LEU B 370 14.92 -4.02 -21.55
CA LEU B 370 14.49 -5.01 -22.53
C LEU B 370 14.55 -4.48 -23.97
N ARG B 371 14.29 -3.18 -24.13
CA ARG B 371 14.35 -2.58 -25.45
C ARG B 371 15.80 -2.44 -25.87
N GLU B 372 16.69 -2.35 -24.88
CA GLU B 372 18.11 -2.23 -25.14
C GLU B 372 18.62 -3.61 -25.52
N ALA B 373 18.14 -4.63 -24.83
CA ALA B 373 18.49 -6.00 -25.17
C ALA B 373 18.03 -6.37 -26.57
N LEU B 374 16.84 -5.90 -26.97
CA LEU B 374 16.35 -6.16 -28.31
C LEU B 374 17.22 -5.44 -29.35
N ALA B 375 17.51 -4.17 -29.09
CA ALA B 375 18.28 -3.37 -30.03
C ALA B 375 19.73 -3.84 -30.21
N THR B 376 20.30 -4.46 -29.20
CA THR B 376 21.74 -4.75 -29.23
C THR B 376 22.16 -6.17 -28.88
N LYS B 377 21.57 -6.75 -27.84
CA LYS B 377 22.08 -8.03 -27.32
C LYS B 377 21.46 -9.26 -27.98
N ILE B 378 20.24 -9.11 -28.50
CA ILE B 378 19.51 -10.26 -29.03
C ILE B 378 19.41 -10.28 -30.56
N SER B 379 19.62 -11.45 -31.16
CA SER B 379 19.58 -11.62 -32.61
C SER B 379 18.15 -11.66 -33.15
N THR B 380 17.91 -10.90 -34.22
CA THR B 380 16.60 -10.82 -34.87
C THR B 380 15.86 -12.15 -34.98
N ASN B 381 16.49 -13.12 -35.64
CA ASN B 381 15.83 -14.37 -35.98
C ASN B 381 15.87 -15.42 -34.87
N THR B 382 15.26 -15.12 -33.72
CA THR B 382 15.26 -16.06 -32.60
C THR B 382 13.96 -16.03 -31.81
N LYS B 383 13.63 -17.16 -31.23
CA LYS B 383 12.44 -17.26 -30.39
C LYS B 383 12.52 -16.23 -29.27
N LEU B 384 13.71 -16.06 -28.71
CA LEU B 384 13.90 -15.12 -27.60
C LEU B 384 13.51 -13.70 -27.99
N PHE B 385 13.97 -13.27 -29.17
CA PHE B 385 13.66 -11.95 -29.69
C PHE B 385 12.14 -11.79 -29.84
N LYS B 386 11.50 -12.79 -30.43
CA LYS B 386 10.06 -12.76 -30.61
C LYS B 386 9.34 -12.60 -29.28
N GLU B 387 9.74 -13.41 -28.30
CA GLU B 387 9.15 -13.40 -26.97
C GLU B 387 9.27 -12.04 -26.28
N ILE B 388 10.50 -11.53 -26.19
CA ILE B 388 10.74 -10.27 -25.50
C ILE B 388 10.08 -9.09 -26.23
N GLU B 389 10.06 -9.15 -27.56
CA GLU B 389 9.42 -8.11 -28.34
C GLU B 389 7.90 -8.07 -28.06
N TYR B 390 7.30 -9.25 -27.93
CA TYR B 390 5.87 -9.31 -27.62
C TYR B 390 5.59 -8.76 -26.22
N VAL B 391 6.48 -9.11 -25.28
CA VAL B 391 6.33 -8.66 -23.90
C VAL B 391 6.21 -7.15 -23.84
N VAL B 392 7.17 -6.45 -24.46
CA VAL B 392 7.17 -4.98 -24.45
C VAL B 392 6.18 -4.33 -25.44
N GLU B 393 5.96 -4.97 -26.59
CA GLU B 393 5.04 -4.43 -27.59
C GLU B 393 3.56 -4.64 -27.23
N TYR B 394 3.24 -5.79 -26.64
CA TYR B 394 1.86 -6.11 -26.28
C TYR B 394 1.75 -6.47 -24.80
N PRO B 395 1.90 -5.48 -23.92
CA PRO B 395 1.74 -5.72 -22.49
C PRO B 395 0.34 -6.26 -22.19
N TRP B 396 0.13 -6.74 -20.96
CA TRP B 396 -1.10 -7.40 -20.53
C TRP B 396 -2.42 -6.69 -20.91
N HIS B 397 -2.50 -5.37 -20.72
CA HIS B 397 -3.77 -4.67 -20.89
C HIS B 397 -4.16 -4.50 -22.38
N MET B 398 -3.31 -4.97 -23.27
CA MET B 398 -3.64 -4.99 -24.70
C MET B 398 -3.26 -6.33 -25.34
N SER B 399 -3.08 -7.35 -24.51
CA SER B 399 -2.74 -8.68 -25.00
C SER B 399 -3.99 -9.55 -25.12
N ILE B 400 -4.49 -9.69 -26.34
CA ILE B 400 -5.61 -10.59 -26.63
C ILE B 400 -5.17 -12.04 -26.47
N PRO B 401 -5.95 -12.84 -25.73
CA PRO B 401 -5.53 -14.20 -25.36
C PRO B 401 -5.05 -15.08 -26.53
N ARG B 402 -5.78 -15.13 -27.63
CA ARG B 402 -5.43 -16.03 -28.75
C ARG B 402 -4.17 -15.58 -29.49
N LEU B 403 -4.00 -14.27 -29.57
CA LEU B 403 -2.80 -13.69 -30.18
C LEU B 403 -1.60 -13.93 -29.28
N GLU B 404 -1.79 -13.73 -27.98
CA GLU B 404 -0.74 -13.98 -27.00
C GLU B 404 -0.29 -15.44 -27.05
N ALA B 405 -1.25 -16.36 -27.01
CA ALA B 405 -0.92 -17.79 -27.10
C ALA B 405 -0.27 -18.16 -28.44
N ARG B 406 -0.76 -17.59 -29.53
CA ARG B 406 -0.24 -17.92 -30.86
C ARG B 406 1.20 -17.45 -30.99
N SER B 407 1.47 -16.29 -30.40
CA SER B 407 2.81 -15.73 -30.41
C SER B 407 3.76 -16.53 -29.54
N TYR B 408 3.33 -16.85 -28.32
CA TYR B 408 4.19 -17.62 -27.42
C TYR B 408 4.39 -19.07 -27.91
N ILE B 409 3.43 -19.58 -28.68
CA ILE B 409 3.62 -20.88 -29.31
C ILE B 409 4.88 -20.86 -30.20
N ASP B 410 5.19 -19.69 -30.76
CA ASP B 410 6.34 -19.56 -31.65
C ASP B 410 7.63 -19.10 -30.98
N SER B 411 7.58 -18.83 -29.67
CA SER B 411 8.81 -18.51 -28.94
C SER B 411 9.17 -19.49 -27.82
N TYR B 412 8.19 -20.28 -27.37
CA TYR B 412 8.47 -21.33 -26.39
C TYR B 412 9.48 -22.33 -26.96
N ASP B 413 10.60 -22.50 -26.26
CA ASP B 413 11.64 -23.43 -26.67
C ASP B 413 11.51 -24.75 -25.93
N ASP B 414 11.12 -25.81 -26.64
CA ASP B 414 10.93 -27.11 -26.00
C ASP B 414 12.21 -27.93 -25.98
N ASN B 415 13.32 -27.30 -26.38
CA ASN B 415 14.63 -27.95 -26.33
C ASN B 415 15.67 -26.93 -25.88
N TYR B 416 15.34 -26.25 -24.78
CA TYR B 416 16.16 -25.17 -24.27
C TYR B 416 17.06 -25.63 -23.13
N VAL B 417 18.22 -24.99 -23.03
CA VAL B 417 19.17 -25.31 -21.98
C VAL B 417 19.53 -24.05 -21.20
N TRP B 418 19.48 -24.13 -19.87
CA TRP B 418 19.76 -22.98 -19.03
C TRP B 418 21.25 -22.78 -18.74
N GLN B 419 21.64 -21.52 -18.54
CA GLN B 419 23.01 -21.19 -18.19
C GLN B 419 23.08 -20.53 -16.81
N ARG B 420 23.78 -21.18 -15.88
CA ARG B 420 24.22 -20.49 -14.67
C ARG B 420 25.75 -20.53 -14.64
N LYS B 421 26.34 -21.30 -13.73
CA LYS B 421 27.79 -21.48 -13.76
C LYS B 421 28.14 -22.47 -14.87
N THR B 422 27.25 -23.43 -15.09
CA THR B 422 27.32 -24.31 -16.25
C THR B 422 25.91 -24.47 -16.84
N LEU B 423 25.76 -25.37 -17.81
CA LEU B 423 24.47 -25.57 -18.47
C LEU B 423 23.68 -26.68 -17.79
N TYR B 424 22.36 -26.54 -17.79
CA TYR B 424 21.47 -27.56 -17.23
C TYR B 424 20.11 -27.54 -17.91
N ARG B 425 19.39 -28.65 -17.78
CA ARG B 425 18.04 -28.74 -18.34
C ARG B 425 17.00 -28.84 -17.23
N MET B 426 15.80 -28.34 -17.54
CA MET B 426 14.65 -28.51 -16.67
C MET B 426 13.50 -28.99 -17.56
N PRO B 427 13.41 -30.32 -17.74
CA PRO B 427 12.48 -30.97 -18.67
C PRO B 427 11.02 -30.58 -18.47
N SER B 428 10.62 -30.22 -17.25
CA SER B 428 9.25 -29.81 -17.01
C SER B 428 9.00 -28.46 -17.67
N LEU B 429 10.03 -27.61 -17.59
CA LEU B 429 9.90 -26.22 -18.05
C LEU B 429 10.19 -26.06 -19.53
N SER B 430 11.06 -26.92 -20.07
CA SER B 430 11.32 -26.93 -21.50
C SER B 430 10.82 -28.24 -22.02
N ASN B 431 9.50 -28.28 -22.21
CA ASN B 431 8.76 -29.52 -22.32
C ASN B 431 8.10 -29.66 -23.67
N SER B 432 8.40 -30.76 -24.34
CA SER B 432 7.90 -31.02 -25.68
C SER B 432 6.40 -31.32 -25.70
N LYS B 433 5.86 -31.84 -24.60
CA LYS B 433 4.45 -32.19 -24.53
C LYS B 433 3.59 -30.94 -24.36
N CYS B 434 4.07 -30.00 -23.55
CA CYS B 434 3.36 -28.75 -23.37
C CYS B 434 3.18 -28.05 -24.71
N LEU B 435 4.25 -28.04 -25.51
CA LEU B 435 4.23 -27.33 -26.78
C LEU B 435 3.34 -28.03 -27.80
N GLU B 436 3.46 -29.36 -27.88
CA GLU B 436 2.67 -30.13 -28.84
C GLU B 436 1.20 -30.02 -28.53
N LEU B 437 0.85 -30.06 -27.25
CA LEU B 437 -0.53 -29.91 -26.80
C LEU B 437 -1.03 -28.51 -27.16
N ALA B 438 -0.20 -27.50 -26.90
CA ALA B 438 -0.58 -26.12 -27.18
C ALA B 438 -0.94 -25.92 -28.66
N LYS B 439 -0.16 -26.51 -29.56
CA LYS B 439 -0.48 -26.47 -30.98
C LYS B 439 -1.76 -27.23 -31.32
N LEU B 440 -1.85 -28.47 -30.86
CA LEU B 440 -3.02 -29.30 -31.14
C LEU B 440 -4.26 -28.57 -30.69
N ASP B 441 -4.30 -28.21 -29.40
CA ASP B 441 -5.45 -27.56 -28.80
C ASP B 441 -5.76 -26.24 -29.51
N PHE B 442 -4.73 -25.53 -29.94
CA PHE B 442 -4.96 -24.26 -30.61
C PHE B 442 -5.67 -24.50 -31.93
N ASN B 443 -5.19 -25.47 -32.70
CA ASN B 443 -5.84 -25.80 -33.96
C ASN B 443 -7.27 -26.25 -33.77
N ILE B 444 -7.49 -27.08 -32.74
CA ILE B 444 -8.81 -27.60 -32.46
C ILE B 444 -9.77 -26.45 -32.17
N VAL B 445 -9.35 -25.52 -31.31
CA VAL B 445 -10.20 -24.38 -30.95
C VAL B 445 -10.34 -23.41 -32.12
N GLN B 446 -9.27 -23.21 -32.89
CA GLN B 446 -9.31 -22.36 -34.06
C GLN B 446 -10.42 -22.76 -35.06
N SER B 447 -10.57 -24.05 -35.30
CA SER B 447 -11.55 -24.48 -36.29
C SER B 447 -12.98 -24.31 -35.77
N LEU B 448 -13.16 -24.29 -34.45
CA LEU B 448 -14.46 -23.92 -33.87
C LEU B 448 -14.74 -22.43 -34.07
N HIS B 449 -13.69 -21.61 -34.06
CA HIS B 449 -13.82 -20.18 -34.28
C HIS B 449 -14.17 -19.90 -35.74
N GLN B 450 -13.51 -20.61 -36.63
CA GLN B 450 -13.82 -20.52 -38.05
C GLN B 450 -15.33 -20.71 -38.30
N GLU B 451 -15.92 -21.72 -37.69
CA GLU B 451 -17.35 -21.96 -37.87
C GLU B 451 -18.17 -20.80 -37.31
N GLU B 452 -17.73 -20.24 -36.20
CA GLU B 452 -18.41 -19.10 -35.59
C GLU B 452 -18.39 -17.91 -36.55
N LEU B 453 -17.19 -17.56 -37.01
CA LEU B 453 -17.00 -16.49 -37.97
C LEU B 453 -17.84 -16.70 -39.22
N LYS B 454 -17.93 -17.95 -39.68
CA LYS B 454 -18.75 -18.28 -40.85
C LYS B 454 -20.21 -17.89 -40.60
N LEU B 455 -20.75 -18.32 -39.47
CA LEU B 455 -22.11 -17.97 -39.05
C LEU B 455 -22.33 -16.46 -39.02
N LEU B 456 -21.38 -15.76 -38.42
CA LEU B 456 -21.50 -14.32 -38.20
C LEU B 456 -21.47 -13.54 -39.51
N THR B 457 -20.44 -13.79 -40.31
CA THR B 457 -20.33 -13.20 -41.64
C THR B 457 -21.60 -13.42 -42.46
N ARG B 458 -22.09 -14.65 -42.43
CA ARG B 458 -23.31 -15.02 -43.12
C ARG B 458 -24.47 -14.15 -42.64
N TRP B 459 -24.64 -14.07 -41.32
CA TRP B 459 -25.78 -13.38 -40.75
C TRP B 459 -25.75 -11.91 -41.14
N TRP B 460 -24.55 -11.33 -41.16
CA TRP B 460 -24.40 -9.92 -41.50
C TRP B 460 -24.84 -9.68 -42.93
N LYS B 461 -24.52 -10.62 -43.82
CA LYS B 461 -24.92 -10.50 -45.22
C LYS B 461 -26.42 -10.65 -45.43
N GLU B 462 -27.01 -11.65 -44.78
CA GLU B 462 -28.42 -11.99 -45.02
C GLU B 462 -29.38 -11.05 -44.29
N SER B 463 -28.96 -10.52 -43.15
CA SER B 463 -29.77 -9.56 -42.41
C SER B 463 -30.05 -8.31 -43.24
N GLY B 464 -29.23 -8.08 -44.25
CA GLY B 464 -29.33 -6.87 -45.05
C GLY B 464 -28.52 -5.74 -44.44
N MET B 465 -27.77 -6.05 -43.39
CA MET B 465 -26.94 -5.03 -42.74
C MET B 465 -25.72 -4.68 -43.57
N ALA B 466 -25.26 -5.64 -44.36
CA ALA B 466 -24.14 -5.40 -45.27
C ALA B 466 -24.47 -4.29 -46.26
N ASP B 467 -25.69 -4.36 -46.80
CA ASP B 467 -26.12 -3.44 -47.85
C ASP B 467 -26.38 -2.03 -47.35
N ILE B 468 -26.09 -1.80 -46.06
CA ILE B 468 -26.29 -0.48 -45.46
C ILE B 468 -25.03 0.37 -45.49
N ASN B 469 -24.93 1.24 -46.49
CA ASN B 469 -23.80 2.15 -46.60
C ASN B 469 -23.46 2.86 -45.29
N ARG B 474 -16.76 -5.23 -40.72
CA ARG B 474 -16.16 -5.19 -39.40
C ARG B 474 -16.52 -6.39 -38.53
N VAL B 475 -17.16 -7.41 -39.10
CA VAL B 475 -17.58 -8.57 -38.32
C VAL B 475 -16.40 -9.31 -37.69
N ALA B 476 -15.36 -9.56 -38.48
CA ALA B 476 -14.17 -10.25 -37.99
C ALA B 476 -13.44 -9.47 -36.87
N GLU B 477 -13.38 -8.15 -36.99
CA GLU B 477 -12.72 -7.30 -35.98
C GLU B 477 -13.47 -7.30 -34.65
N VAL B 478 -14.79 -7.20 -34.71
CA VAL B 478 -15.61 -7.24 -33.51
C VAL B 478 -15.54 -8.62 -32.87
N TYR B 479 -15.65 -9.65 -33.69
CA TYR B 479 -15.48 -11.03 -33.21
C TYR B 479 -14.12 -11.23 -32.52
N PHE B 480 -13.07 -10.71 -33.14
CA PHE B 480 -11.71 -10.74 -32.58
C PHE B 480 -11.65 -10.02 -31.24
N SER B 481 -12.37 -8.90 -31.15
CA SER B 481 -12.37 -8.09 -29.94
C SER B 481 -13.07 -8.77 -28.77
N SER B 482 -13.87 -9.79 -29.05
CA SER B 482 -14.60 -10.49 -28.01
C SER B 482 -13.69 -10.96 -26.88
N ALA B 483 -12.46 -11.35 -27.25
CA ALA B 483 -11.39 -11.75 -26.32
C ALA B 483 -11.60 -13.12 -25.68
N THR B 484 -12.74 -13.31 -25.03
CA THR B 484 -13.08 -14.56 -24.36
C THR B 484 -13.29 -15.69 -25.38
N PHE B 485 -12.25 -16.49 -25.57
CA PHE B 485 -12.16 -17.41 -26.71
C PHE B 485 -12.65 -18.85 -26.46
N GLU B 486 -12.80 -19.25 -25.19
CA GLU B 486 -13.10 -20.65 -24.86
C GLU B 486 -14.31 -21.25 -25.60
N PRO B 487 -14.18 -22.49 -26.08
CA PRO B 487 -15.22 -23.15 -26.88
C PRO B 487 -16.59 -23.07 -26.19
N GLU B 488 -16.67 -23.28 -24.88
CA GLU B 488 -17.95 -23.31 -24.18
C GLU B 488 -18.68 -21.95 -24.23
N TYR B 489 -17.97 -20.91 -24.62
CA TYR B 489 -18.55 -19.55 -24.66
C TYR B 489 -19.03 -19.16 -26.05
N SER B 490 -19.44 -20.16 -26.81
CA SER B 490 -19.85 -19.99 -28.20
C SER B 490 -21.01 -19.01 -28.35
N ALA B 491 -22.09 -19.25 -27.61
CA ALA B 491 -23.27 -18.39 -27.69
C ALA B 491 -22.98 -16.94 -27.29
N THR B 492 -22.21 -16.79 -26.22
CA THR B 492 -21.77 -15.48 -25.76
C THR B 492 -21.02 -14.69 -26.85
N ARG B 493 -20.02 -15.32 -27.47
CA ARG B 493 -19.28 -14.68 -28.56
C ARG B 493 -20.18 -14.32 -29.74
N ILE B 494 -21.04 -15.24 -30.16
CA ILE B 494 -21.88 -14.97 -31.31
C ILE B 494 -22.88 -13.84 -31.02
N ALA B 495 -23.46 -13.83 -29.82
CA ALA B 495 -24.34 -12.76 -29.40
C ALA B 495 -23.59 -11.42 -29.32
N PHE B 496 -22.43 -11.42 -28.65
CA PHE B 496 -21.64 -10.22 -28.53
C PHE B 496 -21.27 -9.62 -29.89
N THR B 497 -20.82 -10.46 -30.82
CA THR B 497 -20.40 -10.00 -32.14
C THR B 497 -21.55 -9.36 -32.93
N LYS B 498 -22.73 -9.98 -32.87
CA LYS B 498 -23.90 -9.44 -33.56
C LYS B 498 -24.34 -8.11 -32.96
N ILE B 499 -24.30 -8.03 -31.64
CA ILE B 499 -24.68 -6.81 -30.95
C ILE B 499 -23.68 -5.68 -31.22
N GLY B 500 -22.40 -6.01 -31.11
CA GLY B 500 -21.35 -5.04 -31.37
C GLY B 500 -21.43 -4.50 -32.79
N CYS B 501 -21.68 -5.38 -33.75
CA CYS B 501 -21.84 -4.98 -35.14
C CYS B 501 -23.01 -4.03 -35.34
N LEU B 502 -24.10 -4.28 -34.61
CA LEU B 502 -25.26 -3.37 -34.63
C LEU B 502 -24.90 -2.05 -33.95
N GLN B 503 -24.04 -2.12 -32.94
CA GLN B 503 -23.67 -0.92 -32.21
C GLN B 503 -22.76 0.00 -33.03
N VAL B 504 -21.90 -0.56 -33.87
CA VAL B 504 -21.03 0.27 -34.68
C VAL B 504 -21.93 1.04 -35.65
N LEU B 505 -22.98 0.36 -36.10
CA LEU B 505 -24.00 0.94 -36.96
C LEU B 505 -24.84 1.99 -36.22
N PHE B 506 -25.35 1.64 -35.04
CA PHE B 506 -26.16 2.57 -34.25
C PHE B 506 -25.37 3.85 -33.99
N ASP B 507 -24.09 3.66 -33.71
CA ASP B 507 -23.21 4.78 -33.50
C ASP B 507 -23.19 5.75 -34.69
N ASP B 508 -22.85 5.26 -35.89
CA ASP B 508 -22.82 6.11 -37.07
C ASP B 508 -24.18 6.73 -37.34
N MET B 509 -25.22 6.04 -36.87
CA MET B 509 -26.58 6.55 -37.00
C MET B 509 -26.74 7.74 -36.08
N ALA B 510 -26.19 7.63 -34.89
CA ALA B 510 -26.39 8.65 -33.87
C ALA B 510 -25.53 9.90 -34.09
N ASP B 511 -24.36 9.74 -34.69
CA ASP B 511 -23.46 10.88 -34.84
C ASP B 511 -23.08 11.25 -36.30
N ILE B 512 -23.66 10.55 -37.28
CA ILE B 512 -23.47 10.93 -38.68
C ILE B 512 -24.80 11.02 -39.44
N PHE B 513 -25.48 9.89 -39.58
CA PHE B 513 -26.63 9.77 -40.48
C PHE B 513 -27.88 10.53 -40.02
N ALA B 514 -28.46 10.09 -38.90
CA ALA B 514 -29.78 10.57 -38.45
C ALA B 514 -29.81 12.02 -38.00
N THR B 515 -30.99 12.64 -38.15
CA THR B 515 -31.27 13.91 -37.52
C THR B 515 -31.65 13.61 -36.07
N LEU B 516 -31.74 14.64 -35.25
CA LEU B 516 -32.00 14.45 -33.83
C LEU B 516 -33.38 13.80 -33.63
N ASP B 517 -34.39 14.31 -34.33
CA ASP B 517 -35.74 13.78 -34.21
C ASP B 517 -35.83 12.31 -34.65
N GLU B 518 -35.07 11.95 -35.68
CA GLU B 518 -35.00 10.54 -36.08
C GLU B 518 -34.35 9.69 -34.98
N LEU B 519 -33.28 10.22 -34.38
CA LEU B 519 -32.62 9.55 -33.26
C LEU B 519 -33.59 9.33 -32.11
N LYS B 520 -34.34 10.38 -31.75
CA LYS B 520 -35.32 10.33 -30.67
C LYS B 520 -36.44 9.33 -30.94
N SER B 521 -36.85 9.23 -32.20
CA SER B 521 -37.87 8.27 -32.59
C SER B 521 -37.36 6.83 -32.46
N PHE B 522 -36.12 6.60 -32.89
CA PHE B 522 -35.51 5.28 -32.76
C PHE B 522 -35.47 4.92 -31.26
N THR B 523 -34.84 5.75 -30.45
CA THR B 523 -34.68 5.41 -29.04
C THR B 523 -36.03 5.21 -28.36
N GLU B 524 -37.03 5.97 -28.80
CA GLU B 524 -38.39 5.81 -28.28
C GLU B 524 -38.95 4.43 -28.64
N GLY B 525 -38.61 3.94 -29.82
CA GLY B 525 -38.98 2.59 -30.20
C GLY B 525 -38.28 1.54 -29.33
N VAL B 526 -37.05 1.84 -28.92
CA VAL B 526 -36.32 0.93 -28.03
C VAL B 526 -36.97 0.96 -26.65
N LYS B 527 -37.27 2.17 -26.19
CA LYS B 527 -37.93 2.38 -24.91
C LYS B 527 -39.28 1.65 -24.86
N ARG B 528 -39.96 1.59 -26.00
CA ARG B 528 -41.22 0.86 -26.09
C ARG B 528 -40.97 -0.63 -26.23
N TRP B 529 -39.81 -0.98 -26.76
CA TRP B 529 -39.48 -2.36 -27.06
C TRP B 529 -40.56 -2.98 -27.96
N ASP B 530 -40.92 -2.27 -29.02
CA ASP B 530 -41.78 -2.84 -30.05
C ASP B 530 -41.52 -2.11 -31.37
N THR B 531 -42.25 -2.48 -32.42
CA THR B 531 -42.09 -1.84 -33.72
C THR B 531 -43.20 -0.83 -33.99
N SER B 532 -43.81 -0.32 -32.91
CA SER B 532 -44.95 0.58 -33.05
C SER B 532 -44.58 1.93 -33.64
N LEU B 533 -43.29 2.23 -33.71
CA LEU B 533 -42.85 3.54 -34.22
C LEU B 533 -42.01 3.50 -35.49
N LEU B 534 -42.02 2.36 -36.17
CA LEU B 534 -41.26 2.22 -37.41
C LEU B 534 -41.62 3.28 -38.45
N HIS B 535 -42.88 3.70 -38.47
CA HIS B 535 -43.33 4.67 -39.46
C HIS B 535 -42.61 6.01 -39.38
N GLU B 536 -42.09 6.35 -38.19
CA GLU B 536 -41.48 7.66 -37.93
C GLU B 536 -40.04 7.83 -38.40
N ILE B 537 -39.49 6.88 -39.15
CA ILE B 537 -38.08 6.95 -39.53
C ILE B 537 -37.78 6.44 -40.94
N PRO B 538 -36.71 6.96 -41.56
CA PRO B 538 -36.24 6.55 -42.88
C PRO B 538 -36.27 5.03 -43.03
N GLU B 539 -36.25 4.55 -44.28
CA GLU B 539 -36.33 3.11 -44.54
C GLU B 539 -35.13 2.34 -44.01
N CYS B 540 -33.95 2.93 -44.14
CA CYS B 540 -32.72 2.23 -43.73
C CYS B 540 -32.69 2.03 -42.21
N MET B 541 -33.15 3.02 -41.46
CA MET B 541 -33.21 2.89 -40.02
C MET B 541 -34.32 1.92 -39.60
N GLN B 542 -35.39 1.87 -40.38
CA GLN B 542 -36.42 0.86 -40.17
C GLN B 542 -35.83 -0.54 -40.25
N THR B 543 -34.95 -0.76 -41.22
CA THR B 543 -34.35 -2.08 -41.41
C THR B 543 -33.49 -2.44 -40.19
N CYS B 544 -32.61 -1.51 -39.79
CA CYS B 544 -31.75 -1.70 -38.63
C CYS B 544 -32.52 -2.02 -37.36
N PHE B 545 -33.62 -1.30 -37.16
CA PHE B 545 -34.45 -1.52 -35.97
C PHE B 545 -35.05 -2.93 -35.99
N LYS B 546 -35.42 -3.40 -37.17
CA LYS B 546 -36.08 -4.69 -37.31
C LYS B 546 -35.06 -5.82 -37.20
N VAL B 547 -33.87 -5.61 -37.75
CA VAL B 547 -32.81 -6.59 -37.58
C VAL B 547 -32.47 -6.70 -36.09
N TRP B 548 -32.41 -5.55 -35.42
CA TRP B 548 -32.08 -5.51 -34.01
C TRP B 548 -33.17 -6.18 -33.16
N PHE B 549 -34.40 -5.74 -33.35
CA PHE B 549 -35.49 -6.26 -32.54
C PHE B 549 -35.60 -7.76 -32.73
N LYS B 550 -35.54 -8.20 -33.98
CA LYS B 550 -35.53 -9.62 -34.31
C LYS B 550 -34.42 -10.35 -33.56
N LEU B 551 -33.21 -9.79 -33.58
CA LEU B 551 -32.10 -10.36 -32.84
C LEU B 551 -32.39 -10.39 -31.34
N MET B 552 -32.94 -9.31 -30.81
CA MET B 552 -33.29 -9.27 -29.39
C MET B 552 -34.13 -10.48 -28.98
N GLU B 553 -35.08 -10.87 -29.83
CA GLU B 553 -35.99 -11.97 -29.53
C GLU B 553 -35.29 -13.34 -29.47
N GLU B 554 -34.38 -13.60 -30.42
CA GLU B 554 -33.62 -14.86 -30.44
C GLU B 554 -32.72 -14.99 -29.23
N VAL B 555 -31.99 -13.91 -28.94
CA VAL B 555 -31.04 -13.90 -27.85
C VAL B 555 -31.76 -14.01 -26.52
N ASN B 556 -32.85 -13.28 -26.39
CA ASN B 556 -33.62 -13.31 -25.16
C ASN B 556 -34.26 -14.68 -24.93
N ASN B 557 -34.64 -15.36 -26.02
CA ASN B 557 -35.08 -16.74 -25.90
C ASN B 557 -33.97 -17.68 -25.41
N ASP B 558 -32.74 -17.43 -25.86
CA ASP B 558 -31.61 -18.25 -25.42
C ASP B 558 -31.20 -17.95 -23.97
N VAL B 559 -31.27 -16.69 -23.57
CA VAL B 559 -31.01 -16.30 -22.19
C VAL B 559 -31.92 -17.07 -21.22
N VAL B 560 -33.20 -17.19 -21.57
CA VAL B 560 -34.15 -17.92 -20.74
C VAL B 560 -33.66 -19.34 -20.54
N LYS B 561 -33.24 -19.99 -21.60
CA LYS B 561 -32.73 -21.35 -21.49
C LYS B 561 -31.50 -21.47 -20.57
N VAL B 562 -30.64 -20.47 -20.62
CA VAL B 562 -29.43 -20.50 -19.79
C VAL B 562 -29.68 -19.97 -18.38
N GLN B 563 -30.50 -18.93 -18.25
CA GLN B 563 -30.73 -18.32 -16.94
C GLN B 563 -31.90 -18.96 -16.18
N GLY B 564 -32.66 -19.82 -16.86
CA GLY B 564 -33.76 -20.54 -16.23
C GLY B 564 -35.06 -19.75 -16.14
N ARG B 565 -34.99 -18.45 -16.35
CA ARG B 565 -36.20 -17.62 -16.29
C ARG B 565 -36.02 -16.33 -17.10
N ASP B 566 -37.13 -15.62 -17.31
CA ASP B 566 -37.12 -14.40 -18.12
C ASP B 566 -36.18 -13.36 -17.53
N MET B 567 -35.40 -12.72 -18.40
CA MET B 567 -34.54 -11.61 -17.99
C MET B 567 -34.79 -10.32 -18.79
N LEU B 568 -35.95 -10.21 -19.42
CA LEU B 568 -36.25 -9.05 -20.25
C LEU B 568 -36.13 -7.70 -19.52
N ALA B 569 -36.63 -7.64 -18.29
CA ALA B 569 -36.55 -6.40 -17.52
C ALA B 569 -35.11 -5.90 -17.26
N HIS B 570 -34.21 -6.80 -16.89
CA HIS B 570 -32.79 -6.44 -16.75
C HIS B 570 -32.23 -6.01 -18.08
N ILE B 571 -32.59 -6.77 -19.12
CA ILE B 571 -31.99 -6.63 -20.45
C ILE B 571 -32.37 -5.32 -21.15
N ARG B 572 -33.56 -4.79 -20.87
CA ARG B 572 -33.99 -3.55 -21.50
C ARG B 572 -33.21 -2.32 -21.00
N LYS B 573 -32.76 -2.36 -19.75
CA LYS B 573 -32.15 -1.19 -19.12
C LYS B 573 -30.92 -0.63 -19.84
N PRO B 574 -29.93 -1.48 -20.17
CA PRO B 574 -28.71 -1.00 -20.83
C PRO B 574 -28.98 -0.43 -22.22
N TRP B 575 -30.00 -0.95 -22.91
CA TRP B 575 -30.36 -0.43 -24.23
C TRP B 575 -30.99 0.95 -24.15
N GLU B 576 -31.90 1.14 -23.22
CA GLU B 576 -32.48 2.45 -22.98
C GLU B 576 -31.41 3.49 -22.60
N LEU B 577 -30.59 3.18 -21.60
CA LEU B 577 -29.49 4.05 -21.17
C LEU B 577 -28.61 4.48 -22.34
N TYR B 578 -28.16 3.48 -23.10
CA TYR B 578 -27.29 3.67 -24.25
C TYR B 578 -27.87 4.66 -25.26
N PHE B 579 -29.09 4.41 -25.72
CA PHE B 579 -29.75 5.33 -26.66
C PHE B 579 -30.08 6.68 -26.06
N ASN B 580 -30.55 6.68 -24.82
CA ASN B 580 -30.82 7.93 -24.11
C ASN B 580 -29.57 8.81 -24.10
N CYS B 581 -28.41 8.19 -23.95
CA CYS B 581 -27.16 8.93 -23.93
C CYS B 581 -26.78 9.44 -25.33
N TYR B 582 -27.20 8.72 -26.37
CA TYR B 582 -26.97 9.16 -27.75
C TYR B 582 -27.71 10.47 -28.03
N VAL B 583 -28.99 10.54 -27.66
CA VAL B 583 -29.76 11.76 -27.90
C VAL B 583 -29.21 12.90 -27.05
N GLN B 584 -28.65 12.57 -25.89
CA GLN B 584 -27.96 13.55 -25.07
C GLN B 584 -26.74 14.11 -25.82
N GLU B 585 -25.93 13.23 -26.42
CA GLU B 585 -24.84 13.69 -27.27
C GLU B 585 -25.39 14.70 -28.27
N ARG B 586 -26.49 14.33 -28.94
CA ARG B 586 -27.04 15.15 -30.01
C ARG B 586 -27.74 16.41 -29.50
N GLU B 587 -28.26 16.34 -28.29
CA GLU B 587 -28.88 17.48 -27.63
C GLU B 587 -27.83 18.57 -27.36
N TRP B 588 -26.62 18.13 -27.03
CA TRP B 588 -25.52 19.04 -26.72
C TRP B 588 -24.99 19.70 -27.98
N LEU B 589 -24.89 18.90 -29.04
CA LEU B 589 -24.45 19.39 -30.33
C LEU B 589 -25.39 20.47 -30.90
N GLU B 590 -26.70 20.24 -30.80
CA GLU B 590 -27.66 21.19 -31.32
C GLU B 590 -27.61 22.54 -30.58
N ALA B 591 -27.41 22.49 -29.27
CA ALA B 591 -27.31 23.72 -28.48
C ALA B 591 -25.91 24.30 -28.49
N GLY B 592 -25.02 23.68 -29.25
CA GLY B 592 -23.63 24.10 -29.31
C GLY B 592 -22.97 24.13 -27.93
N TYR B 593 -23.33 23.16 -27.10
CA TYR B 593 -22.84 23.12 -25.72
C TYR B 593 -21.63 22.21 -25.56
N ILE B 594 -20.61 22.72 -24.86
CA ILE B 594 -19.40 21.96 -24.54
C ILE B 594 -19.39 21.66 -23.04
N PRO B 595 -19.55 20.38 -22.68
CA PRO B 595 -19.65 20.02 -21.26
C PRO B 595 -18.35 20.16 -20.50
N THR B 596 -18.42 20.13 -19.17
CA THR B 596 -17.25 19.92 -18.35
C THR B 596 -16.78 18.50 -18.57
N PHE B 597 -15.51 18.23 -18.24
CA PHE B 597 -14.94 16.90 -18.36
C PHE B 597 -15.81 15.85 -17.66
N GLU B 598 -16.21 16.15 -16.42
CA GLU B 598 -16.98 15.25 -15.59
C GLU B 598 -18.38 15.01 -16.17
N GLU B 599 -19.01 16.09 -16.61
CA GLU B 599 -20.35 16.01 -17.20
C GLU B 599 -20.29 15.25 -18.51
N TYR B 600 -19.23 15.51 -19.28
CA TYR B 600 -18.99 14.81 -20.51
C TYR B 600 -18.94 13.30 -20.28
N LEU B 601 -18.12 12.87 -19.33
CA LEU B 601 -17.91 11.44 -19.11
C LEU B 601 -19.18 10.75 -18.62
N LYS B 602 -20.01 11.47 -17.88
CA LYS B 602 -21.27 10.89 -17.38
C LYS B 602 -22.11 10.35 -18.54
N THR B 603 -22.24 11.15 -19.60
CA THR B 603 -22.97 10.69 -20.78
C THR B 603 -22.13 9.75 -21.65
N TYR B 604 -20.92 10.19 -22.01
CA TYR B 604 -20.07 9.50 -22.98
C TYR B 604 -19.39 8.21 -22.52
N ALA B 605 -19.21 8.03 -21.22
CA ALA B 605 -18.62 6.77 -20.75
C ALA B 605 -19.67 5.66 -20.82
N ILE B 606 -20.95 6.04 -20.92
CA ILE B 606 -22.04 5.07 -21.13
C ILE B 606 -22.27 4.87 -22.64
N SER B 607 -22.25 5.97 -23.38
CA SER B 607 -22.45 5.95 -24.83
C SER B 607 -21.36 5.19 -25.61
N VAL B 608 -20.19 5.00 -24.98
CA VAL B 608 -19.15 4.18 -25.62
C VAL B 608 -19.65 2.74 -25.82
N GLY B 609 -20.66 2.35 -25.04
CA GLY B 609 -21.47 1.18 -25.37
C GLY B 609 -21.09 -0.14 -24.74
N LEU B 610 -20.50 -0.13 -23.56
CA LEU B 610 -20.12 -1.39 -22.90
C LEU B 610 -21.37 -2.13 -22.39
N GLY B 611 -22.38 -1.35 -22.03
CA GLY B 611 -23.59 -1.88 -21.44
C GLY B 611 -24.25 -2.99 -22.26
N PRO B 612 -24.73 -2.67 -23.47
CA PRO B 612 -25.47 -3.58 -24.38
C PRO B 612 -24.65 -4.76 -24.92
N CYS B 613 -23.35 -4.58 -25.12
CA CYS B 613 -22.57 -5.67 -25.68
C CYS B 613 -22.12 -6.68 -24.62
N THR B 614 -22.41 -6.40 -23.35
CA THR B 614 -22.04 -7.33 -22.27
C THR B 614 -23.20 -8.00 -21.52
N LEU B 615 -24.35 -7.36 -21.37
CA LEU B 615 -25.40 -7.96 -20.53
C LEU B 615 -25.94 -9.28 -21.09
N GLN B 616 -26.53 -9.23 -22.29
CA GLN B 616 -27.02 -10.47 -22.92
C GLN B 616 -25.91 -11.53 -23.07
N PRO B 617 -24.75 -11.15 -23.65
CA PRO B 617 -23.69 -12.16 -23.76
C PRO B 617 -23.27 -12.82 -22.43
N ILE B 618 -23.05 -12.06 -21.35
CA ILE B 618 -22.69 -12.71 -20.10
C ILE B 618 -23.81 -13.57 -19.53
N LEU B 619 -25.06 -13.25 -19.87
CA LEU B 619 -26.18 -14.10 -19.46
C LEU B 619 -26.24 -15.39 -20.27
N LEU B 620 -25.44 -15.48 -21.34
CA LEU B 620 -25.37 -16.70 -22.14
C LEU B 620 -24.14 -17.57 -21.84
N MET B 621 -23.25 -17.07 -20.99
CA MET B 621 -22.00 -17.79 -20.70
C MET B 621 -22.22 -19.12 -19.98
N GLY B 622 -23.30 -19.23 -19.20
CA GLY B 622 -23.56 -20.45 -18.46
C GLY B 622 -23.81 -20.26 -16.97
N GLU B 623 -22.95 -19.51 -16.30
CA GLU B 623 -23.13 -19.28 -14.87
C GLU B 623 -24.47 -18.61 -14.63
N LEU B 624 -25.08 -18.94 -13.50
CA LEU B 624 -26.33 -18.31 -13.10
C LEU B 624 -26.06 -16.89 -12.62
N VAL B 625 -26.81 -15.93 -13.14
CA VAL B 625 -26.73 -14.56 -12.64
C VAL B 625 -28.03 -14.21 -11.92
N LYS B 626 -27.96 -14.11 -10.60
CA LYS B 626 -29.13 -13.85 -9.79
C LYS B 626 -29.61 -12.41 -10.02
N ASP B 627 -30.84 -12.13 -9.60
CA ASP B 627 -31.42 -10.82 -9.83
C ASP B 627 -30.62 -9.72 -9.16
N ASP B 628 -30.20 -9.96 -7.92
CA ASP B 628 -29.46 -8.95 -7.17
C ASP B 628 -27.98 -8.88 -7.56
N VAL B 629 -27.50 -9.87 -8.31
CA VAL B 629 -26.09 -9.90 -8.74
C VAL B 629 -25.84 -9.15 -10.06
N VAL B 630 -26.89 -8.94 -10.85
CA VAL B 630 -26.75 -8.19 -12.09
C VAL B 630 -26.01 -6.86 -11.90
N GLU B 631 -26.37 -6.10 -10.87
CA GLU B 631 -25.76 -4.80 -10.59
C GLU B 631 -24.33 -4.93 -10.03
N LYS B 632 -24.00 -6.11 -9.51
CA LYS B 632 -22.68 -6.33 -8.94
C LYS B 632 -21.65 -6.70 -10.01
N VAL B 633 -22.11 -7.20 -11.15
CA VAL B 633 -21.18 -7.61 -12.22
C VAL B 633 -21.28 -6.72 -13.47
N HIS B 634 -22.46 -6.16 -13.72
CA HIS B 634 -22.68 -5.24 -14.84
C HIS B 634 -22.68 -3.81 -14.31
N TYR B 635 -23.33 -2.90 -15.04
CA TYR B 635 -23.49 -1.50 -14.61
C TYR B 635 -24.37 -1.40 -13.37
N PRO B 636 -24.03 -0.54 -12.39
CA PRO B 636 -22.93 0.41 -12.28
C PRO B 636 -21.78 -0.02 -11.35
N SER B 637 -21.33 -1.27 -11.43
CA SER B 637 -20.23 -1.70 -10.56
C SER B 637 -18.89 -1.04 -10.95
N ASN B 638 -18.00 -0.89 -9.96
CA ASN B 638 -16.67 -0.32 -10.16
C ASN B 638 -15.92 -0.83 -11.40
N MET B 639 -15.69 -2.14 -11.47
CA MET B 639 -14.93 -2.70 -12.59
C MET B 639 -15.55 -2.36 -13.94
N PHE B 640 -16.88 -2.47 -14.01
CA PHE B 640 -17.61 -2.18 -15.25
C PHE B 640 -17.50 -0.70 -15.61
N GLU B 641 -17.67 0.16 -14.61
CA GLU B 641 -17.47 1.61 -14.78
C GLU B 641 -16.06 1.92 -15.25
N LEU B 642 -15.08 1.29 -14.63
CA LEU B 642 -13.68 1.54 -14.98
C LEU B 642 -13.37 1.13 -16.41
N VAL B 643 -13.88 -0.03 -16.82
CA VAL B 643 -13.69 -0.47 -18.20
C VAL B 643 -14.39 0.46 -19.17
N SER B 644 -15.58 0.93 -18.79
CA SER B 644 -16.28 1.95 -19.58
C SER B 644 -15.38 3.15 -19.79
N LEU B 645 -14.76 3.62 -18.71
CA LEU B 645 -13.87 4.76 -18.73
C LEU B 645 -12.68 4.56 -19.67
N SER B 646 -11.97 3.45 -19.50
CA SER B 646 -10.85 3.11 -20.39
C SER B 646 -11.27 3.10 -21.86
N TRP B 647 -12.47 2.58 -22.14
CA TRP B 647 -13.02 2.56 -23.50
C TRP B 647 -13.24 3.97 -24.05
N ARG B 648 -14.06 4.76 -23.37
CA ARG B 648 -14.39 6.09 -23.85
C ARG B 648 -13.15 6.94 -24.07
N LEU B 649 -12.28 7.01 -23.06
CA LEU B 649 -11.16 7.93 -23.09
C LEU B 649 -10.04 7.47 -24.00
N THR B 650 -9.89 6.17 -24.19
CA THR B 650 -8.90 5.71 -25.15
C THR B 650 -9.45 5.94 -26.55
N ASN B 651 -10.75 5.73 -26.70
CA ASN B 651 -11.40 6.01 -27.96
C ASN B 651 -11.28 7.49 -28.37
N ASP B 652 -11.60 8.40 -27.45
CA ASP B 652 -11.48 9.83 -27.72
C ASP B 652 -10.11 10.20 -28.30
N THR B 653 -9.04 9.70 -27.68
CA THR B 653 -7.71 10.14 -28.08
C THR B 653 -7.41 9.80 -29.52
N LYS B 654 -7.90 8.66 -29.98
CA LYS B 654 -7.58 8.23 -31.33
C LYS B 654 -8.60 8.62 -32.41
N THR B 655 -9.79 9.05 -32.00
CA THR B 655 -10.81 9.41 -32.99
C THR B 655 -11.41 10.83 -32.85
N TYR B 656 -10.93 11.64 -31.92
CA TYR B 656 -11.53 12.97 -31.72
C TYR B 656 -11.24 13.91 -32.88
N GLN B 657 -10.10 13.75 -33.53
CA GLN B 657 -9.72 14.61 -34.64
C GLN B 657 -10.57 14.36 -35.88
N ALA B 658 -10.76 13.10 -36.22
CA ALA B 658 -11.58 12.74 -37.37
C ALA B 658 -13.03 13.12 -37.10
N GLU B 659 -13.43 13.00 -35.84
CA GLU B 659 -14.78 13.39 -35.42
C GLU B 659 -15.05 14.89 -35.49
N LYS B 660 -14.05 15.69 -35.14
CA LYS B 660 -14.21 17.15 -35.20
C LYS B 660 -14.39 17.57 -36.66
N ALA B 661 -13.67 16.89 -37.56
CA ALA B 661 -13.77 17.16 -38.99
C ALA B 661 -15.15 16.84 -39.51
N ARG B 662 -15.85 15.90 -38.87
CA ARG B 662 -17.21 15.54 -39.26
C ARG B 662 -18.27 16.41 -38.60
N GLY B 663 -17.87 17.24 -37.62
CA GLY B 663 -18.80 18.17 -37.03
C GLY B 663 -19.05 18.01 -35.54
N GLN B 664 -18.56 16.93 -34.95
CA GLN B 664 -18.72 16.72 -33.52
C GLN B 664 -17.98 17.80 -32.74
N GLN B 665 -18.39 18.02 -31.49
CA GLN B 665 -17.75 19.05 -30.67
C GLN B 665 -17.21 18.47 -29.37
N ALA B 666 -18.09 17.84 -28.60
CA ALA B 666 -17.69 17.26 -27.31
C ALA B 666 -16.72 16.09 -27.46
N SER B 667 -15.68 16.10 -26.65
CA SER B 667 -14.78 14.96 -26.50
C SER B 667 -14.05 15.16 -25.19
N GLY B 668 -13.28 14.17 -24.76
CA GLY B 668 -12.49 14.33 -23.56
C GLY B 668 -11.49 15.46 -23.75
N ILE B 669 -10.97 15.60 -24.97
CA ILE B 669 -10.00 16.65 -25.28
C ILE B 669 -10.63 18.05 -25.20
N ALA B 670 -11.75 18.25 -25.89
CA ALA B 670 -12.42 19.55 -25.93
C ALA B 670 -12.90 19.99 -24.56
N CYS B 671 -13.48 19.05 -23.81
CA CYS B 671 -14.04 19.36 -22.50
C CYS B 671 -12.95 19.65 -21.46
N TYR B 672 -11.84 18.93 -21.56
CA TYR B 672 -10.73 19.15 -20.64
C TYR B 672 -10.13 20.55 -20.85
N MET B 673 -9.95 20.91 -22.11
CA MET B 673 -9.47 22.24 -22.47
C MET B 673 -10.44 23.33 -21.98
N LYS B 674 -11.74 23.10 -22.12
CA LYS B 674 -12.71 24.04 -21.58
C LYS B 674 -12.61 24.17 -20.06
N ASP B 675 -12.33 23.07 -19.38
CA ASP B 675 -12.16 23.09 -17.93
C ASP B 675 -10.89 23.80 -17.51
N ASN B 676 -9.89 23.75 -18.38
CA ASN B 676 -8.55 24.19 -18.00
C ASN B 676 -7.98 25.20 -18.98
N PRO B 677 -8.22 26.49 -18.71
CA PRO B 677 -7.78 27.55 -19.62
C PRO B 677 -6.29 27.47 -19.91
N GLY B 678 -5.93 27.60 -21.18
CA GLY B 678 -4.55 27.58 -21.60
C GLY B 678 -4.02 26.18 -21.84
N ALA B 679 -4.85 25.18 -21.56
CA ALA B 679 -4.45 23.80 -21.82
C ALA B 679 -4.48 23.53 -23.31
N THR B 680 -3.48 22.81 -23.82
CA THR B 680 -3.46 22.41 -25.23
C THR B 680 -4.08 21.03 -25.39
N GLU B 681 -4.32 20.64 -26.64
CA GLU B 681 -4.79 19.30 -26.94
C GLU B 681 -3.78 18.29 -26.42
N GLU B 682 -2.50 18.61 -26.58
CA GLU B 682 -1.42 17.76 -26.09
C GLU B 682 -1.56 17.57 -24.59
N ASP B 683 -1.72 18.66 -23.85
CA ASP B 683 -1.91 18.57 -22.39
C ASP B 683 -3.12 17.73 -22.03
N ALA B 684 -4.17 17.79 -22.84
CA ALA B 684 -5.40 17.05 -22.55
C ALA B 684 -5.16 15.56 -22.78
N ILE B 685 -4.48 15.24 -23.87
CA ILE B 685 -4.16 13.85 -24.19
C ILE B 685 -3.24 13.21 -23.15
N LYS B 686 -2.27 13.98 -22.64
CA LYS B 686 -1.43 13.55 -21.53
C LYS B 686 -2.27 13.22 -20.30
N HIS B 687 -3.09 14.17 -19.88
CA HIS B 687 -3.93 13.98 -18.72
C HIS B 687 -4.83 12.77 -18.91
N ILE B 688 -5.43 12.67 -20.10
CA ILE B 688 -6.35 11.58 -20.39
C ILE B 688 -5.67 10.21 -20.33
N CYS B 689 -4.46 10.13 -20.87
CA CYS B 689 -3.73 8.85 -20.83
C CYS B 689 -3.36 8.43 -19.40
N ARG B 690 -3.17 9.38 -18.51
CA ARG B 690 -2.93 9.05 -17.10
C ARG B 690 -4.19 8.45 -16.49
N VAL B 691 -5.33 9.07 -16.77
CA VAL B 691 -6.62 8.63 -16.28
C VAL B 691 -6.87 7.17 -16.69
N VAL B 692 -6.59 6.84 -17.95
CA VAL B 692 -6.86 5.51 -18.46
C VAL B 692 -5.92 4.48 -17.84
N ASP B 693 -4.64 4.84 -17.74
CA ASP B 693 -3.62 3.97 -17.14
C ASP B 693 -3.98 3.60 -15.71
N ARG B 694 -4.43 4.59 -14.95
CA ARG B 694 -4.86 4.34 -13.58
C ARG B 694 -6.13 3.50 -13.55
N ALA B 695 -7.05 3.78 -14.47
CA ALA B 695 -8.31 3.06 -14.53
C ALA B 695 -8.12 1.58 -14.90
N LEU B 696 -7.09 1.28 -15.68
CA LEU B 696 -6.78 -0.10 -16.04
C LEU B 696 -6.26 -0.85 -14.82
N LYS B 697 -5.43 -0.18 -14.03
CA LYS B 697 -4.90 -0.74 -12.79
C LYS B 697 -5.98 -0.89 -11.72
N GLU B 698 -6.88 0.09 -11.62
CA GLU B 698 -7.99 -0.02 -10.69
C GLU B 698 -8.91 -1.17 -11.10
N ALA B 699 -9.16 -1.29 -12.41
CA ALA B 699 -10.01 -2.36 -12.95
C ALA B 699 -9.39 -3.73 -12.67
N SER B 700 -8.07 -3.82 -12.79
CA SER B 700 -7.34 -5.03 -12.40
C SER B 700 -7.59 -5.36 -10.94
N PHE B 701 -7.38 -4.38 -10.06
CA PHE B 701 -7.65 -4.55 -8.63
C PHE B 701 -9.07 -5.03 -8.32
N GLU B 702 -10.06 -4.38 -8.94
CA GLU B 702 -11.45 -4.79 -8.78
C GLU B 702 -11.65 -6.22 -9.30
N TYR B 703 -11.09 -6.52 -10.46
CA TYR B 703 -11.19 -7.86 -11.03
C TYR B 703 -10.72 -8.91 -10.03
N PHE B 704 -9.58 -8.67 -9.39
CA PHE B 704 -9.00 -9.68 -8.51
C PHE B 704 -9.56 -9.60 -7.10
N LYS B 705 -10.42 -8.62 -6.87
CA LYS B 705 -11.05 -8.49 -5.56
C LYS B 705 -11.90 -9.73 -5.28
N PRO B 706 -11.72 -10.33 -4.10
CA PRO B 706 -12.47 -11.54 -3.71
C PRO B 706 -13.96 -11.28 -3.63
N SER B 707 -14.74 -12.14 -4.27
CA SER B 707 -16.19 -12.00 -4.27
C SER B 707 -16.85 -13.34 -4.02
N ASN B 708 -17.86 -13.35 -3.15
CA ASN B 708 -18.58 -14.57 -2.85
C ASN B 708 -19.72 -14.85 -3.83
N ASP B 709 -20.24 -13.80 -4.48
CA ASP B 709 -21.43 -13.98 -5.29
C ASP B 709 -21.32 -13.48 -6.73
N ILE B 710 -20.16 -12.97 -7.12
CA ILE B 710 -19.97 -12.54 -8.50
C ILE B 710 -19.37 -13.65 -9.37
N PRO B 711 -20.15 -14.14 -10.34
CA PRO B 711 -19.67 -15.21 -11.21
C PRO B 711 -18.39 -14.81 -11.92
N MET B 712 -17.36 -15.64 -11.82
CA MET B 712 -16.04 -15.36 -12.38
C MET B 712 -16.01 -15.31 -13.90
N GLY B 713 -16.79 -16.18 -14.54
CA GLY B 713 -16.90 -16.18 -15.99
C GLY B 713 -17.45 -14.86 -16.50
N CYS B 714 -18.57 -14.42 -15.94
CA CYS B 714 -19.19 -13.16 -16.33
C CYS B 714 -18.25 -12.00 -16.07
N LYS B 715 -17.65 -12.00 -14.87
CA LYS B 715 -16.71 -10.96 -14.49
C LYS B 715 -15.56 -10.86 -15.49
N SER B 716 -15.01 -12.01 -15.88
CA SER B 716 -13.84 -12.08 -16.76
C SER B 716 -14.14 -11.62 -18.18
N PHE B 717 -15.31 -11.97 -18.71
CA PHE B 717 -15.69 -11.52 -20.04
C PHE B 717 -15.73 -9.99 -20.12
N ILE B 718 -16.21 -9.36 -19.05
CA ILE B 718 -16.29 -7.90 -19.00
C ILE B 718 -14.90 -7.30 -18.82
N PHE B 719 -14.11 -7.87 -17.91
CA PHE B 719 -12.73 -7.42 -17.72
C PHE B 719 -11.90 -7.52 -19.00
N ASN B 720 -12.03 -8.63 -19.70
CA ASN B 720 -11.23 -8.87 -20.90
C ASN B 720 -11.68 -8.13 -22.16
N LEU B 721 -12.79 -7.41 -22.07
CA LEU B 721 -13.18 -6.53 -23.16
C LEU B 721 -12.36 -5.22 -23.17
N ARG B 722 -11.71 -4.90 -22.05
CA ARG B 722 -10.85 -3.72 -22.03
C ARG B 722 -9.71 -3.88 -23.03
N LEU B 723 -9.35 -5.13 -23.32
CA LEU B 723 -8.24 -5.44 -24.22
C LEU B 723 -8.40 -4.84 -25.61
N CYS B 724 -9.54 -5.06 -26.23
CA CYS B 724 -9.72 -4.69 -27.64
C CYS B 724 -9.47 -3.21 -27.94
N VAL B 725 -9.95 -2.30 -27.09
CA VAL B 725 -9.76 -0.87 -27.34
C VAL B 725 -8.30 -0.48 -27.20
N GLN B 726 -7.62 -1.02 -26.20
CA GLN B 726 -6.20 -0.76 -26.03
C GLN B 726 -5.39 -1.23 -27.25
N ILE B 727 -5.71 -2.40 -27.78
CA ILE B 727 -4.93 -2.94 -28.89
C ILE B 727 -5.23 -2.22 -30.21
N PHE B 728 -6.50 -1.95 -30.46
CA PHE B 728 -6.90 -1.32 -31.72
C PHE B 728 -6.31 0.06 -31.88
N TYR B 729 -5.88 0.69 -30.79
CA TYR B 729 -5.36 2.05 -30.89
C TYR B 729 -3.85 2.18 -30.67
N LYS B 730 -3.12 1.07 -30.78
CA LYS B 730 -1.66 1.12 -30.79
C LYS B 730 -1.16 1.27 -32.23
N GLU B 741 -1.21 -4.73 -39.24
CA GLU B 741 -2.62 -4.34 -39.30
C GLU B 741 -3.50 -5.38 -38.64
N ILE B 742 -4.78 -5.05 -38.46
CA ILE B 742 -5.73 -5.95 -37.82
C ILE B 742 -5.95 -7.22 -38.65
N LYS B 743 -5.96 -7.08 -39.97
CA LYS B 743 -6.14 -8.22 -40.86
C LYS B 743 -5.10 -9.30 -40.61
N ASP B 744 -3.90 -8.88 -40.22
CA ASP B 744 -2.82 -9.80 -39.94
C ASP B 744 -3.08 -10.63 -38.69
N TYR B 745 -3.59 -9.98 -37.64
CA TYR B 745 -3.89 -10.69 -36.40
C TYR B 745 -4.96 -11.75 -36.64
N ILE B 746 -5.93 -11.41 -37.47
CA ILE B 746 -7.06 -12.30 -37.73
C ILE B 746 -6.64 -13.51 -38.53
N ARG B 747 -5.75 -13.33 -39.52
CA ARG B 747 -5.20 -14.47 -40.24
C ARG B 747 -4.43 -15.34 -39.25
N LYS B 748 -3.62 -14.67 -38.43
CA LYS B 748 -2.71 -15.34 -37.53
C LYS B 748 -3.49 -16.17 -36.51
N VAL B 749 -4.58 -15.60 -36.01
CA VAL B 749 -5.31 -16.21 -34.92
C VAL B 749 -6.42 -17.15 -35.40
N TYR B 750 -7.09 -16.79 -36.49
CA TYR B 750 -8.29 -17.51 -36.92
C TYR B 750 -8.17 -18.27 -38.24
N ILE B 751 -7.33 -17.81 -39.16
CA ILE B 751 -7.32 -18.39 -40.51
C ILE B 751 -6.26 -19.48 -40.74
N ASP B 752 -5.01 -19.20 -40.39
CA ASP B 752 -3.94 -20.16 -40.63
C ASP B 752 -3.75 -21.13 -39.47
N PRO B 753 -3.87 -22.43 -39.76
CA PRO B 753 -3.60 -23.47 -38.77
C PRO B 753 -2.13 -23.50 -38.43
N ILE B 754 -1.77 -24.19 -37.35
CA ILE B 754 -0.37 -24.34 -36.99
C ILE B 754 0.10 -25.70 -37.51
N GLN B 755 1.34 -25.76 -37.97
CA GLN B 755 1.88 -27.02 -38.49
C GLN B 755 2.22 -27.96 -37.35
N VAL B 756 1.72 -29.19 -37.43
CA VAL B 756 2.00 -30.20 -36.42
C VAL B 756 2.55 -31.47 -37.07
MG MG C . 23.29 12.58 33.41
MG MG D . 27.77 8.25 33.32
MG MG E . 25.21 8.28 36.51
C01 FGG F . 20.49 8.23 33.11
F01 FGG F . 20.27 5.95 33.90
O01 FGG F . 20.99 8.59 34.36
C02 FGG F . 20.66 6.76 32.93
P02 FGG F . 22.38 9.41 34.41
C03 FGG F . 21.20 6.25 31.81
O03 FGG F . 23.14 9.02 33.03
C04 FGG F . 21.35 4.77 31.67
P04 FGG F . 24.60 9.57 32.60
C05 FGG F . 21.93 4.38 30.33
O05 FGG F . 24.94 8.97 31.29
C06 FGG F . 20.89 4.05 29.30
O06 FGG F . 22.12 10.87 34.47
C07 FGG F . 19.95 3.11 29.49
O07 FGG F . 23.11 8.97 35.62
C08 FGG F . 18.95 2.81 28.44
O08 FGG F . 24.57 11.03 32.44
C09 FGG F . 17.58 2.59 29.08
O09 FGG F . 25.57 9.19 33.66
C10 FGG F . 16.98 3.93 29.36
C11 FGG F . 15.73 4.05 29.82
C12 FGG F . 15.17 5.42 30.10
C13 FGG F . 14.41 5.43 31.42
C14 FGG F . 15.30 4.91 32.51
C15 FGG F . 16.22 5.71 33.07
C16 FGG F . 21.66 7.14 30.70
C17 FGG F . 19.91 2.33 30.77
C18 FGG F . 14.91 2.83 30.08
C19 FGG F . 17.09 5.16 34.16
C20 FGG F . 16.38 7.13 32.62
MG MG G . -14.99 8.51 -30.78
MG MG H . -20.94 8.33 -31.28
MG MG I . -18.92 7.46 -33.91
C01 FGG J . -15.75 3.38 -31.96
F01 FGG J . -17.24 2.01 -33.30
O01 FGG J . -15.80 4.38 -32.95
C02 FGG J . -16.98 2.55 -32.12
P02 FGG J . -16.26 5.87 -32.55
C03 FGG J . -17.83 2.36 -31.10
O03 FGG J . -17.24 5.77 -31.26
C04 FGG J . -19.04 1.52 -31.35
P04 FGG J . -17.94 7.03 -30.55
C05 FGG J . -19.80 1.27 -30.06
O05 FGG J . -18.92 6.59 -29.55
C06 FGG J . -19.25 0.09 -29.32
O06 FGG J . -15.08 6.69 -32.24
C07 FGG J . -19.21 -1.14 -29.85
O07 FGG J . -16.93 6.47 -33.73
C08 FGG J . -18.66 -2.29 -29.07
O08 FGG J . -16.95 7.87 -29.87
C09 FGG J . -17.79 -3.12 -29.99
O09 FGG J . -18.63 7.84 -31.58
C10 FGG J . -16.47 -2.42 -30.09
C11 FGG J . -15.38 -3.10 -30.44
C12 FGG J . -14.06 -2.39 -30.54
C13 FGG J . -13.11 -3.13 -31.46
C14 FGG J . -13.56 -3.06 -32.90
C15 FGG J . -13.38 -1.95 -33.64
C16 FGG J . -17.57 2.97 -29.74
C17 FGG J . -19.74 -1.40 -31.23
C18 FGG J . -15.50 -4.56 -30.71
C19 FGG J . -13.84 -1.96 -35.07
C20 FGG J . -12.74 -0.73 -33.07
#